data_8ZRW
#
_entry.id   8ZRW
#
_cell.length_a   1.00
_cell.length_b   1.00
_cell.length_c   1.00
_cell.angle_alpha   90.00
_cell.angle_beta   90.00
_cell.angle_gamma   90.00
#
_symmetry.space_group_name_H-M   'P 1'
#
loop_
_entity.id
_entity.type
_entity.pdbx_description
1 polymer 'Enoyl-CoA hydratase, mitochondrial'
2 non-polymer 'OCTANOYL-COENZYME A'
3 non-polymer 'MAGNESIUM ION'
4 water water
#
_entity_poly.entity_id   1
_entity_poly.type   'polypeptide(L)'
_entity_poly.pdbx_seq_one_letter_code
;ASGANFEYIIAEKRGKNNTVGLIQLNRPKALNALCDGLIDELNQALKTFEEDPAVGAIVLTGGDKAFAAGADIKEMQNLS
FQDCYSSKFLKHWDHLTQVKKPVIAAVNGYAFGGGCELAMMCDIIYAGEKAQFAQPEILIGTIPGAGGTQRLTRAVGKSL
AMEMVLTGDRISAQDAKQAGLVSKICPVETLVEEAIQCAEKIASNSKIVVAMAKESVNAAFEMTLTEGSKLEKKLFYSTF
ATDDRKEGMTAFVEKRKANFKDQ
;
_entity_poly.pdbx_strand_id   A,B,C,D,E,F
#
loop_
_chem_comp.id
_chem_comp.type
_chem_comp.name
_chem_comp.formula
CO8 non-polymer 'OCTANOYL-COENZYME A' 'C29 H50 N7 O17 P3 S'
MG non-polymer 'MAGNESIUM ION' 'Mg 2'
#
# COMPACT_ATOMS: atom_id res chain seq x y z
N ALA A 4 37.97 -4.25 19.65
CA ALA A 4 37.95 -5.37 20.64
C ALA A 4 38.39 -6.68 19.99
N ASN A 5 38.64 -7.68 20.82
CA ASN A 5 39.06 -9.00 20.35
C ASN A 5 37.90 -9.67 19.60
N PHE A 6 38.10 -9.89 18.31
CA PHE A 6 37.12 -10.56 17.46
C PHE A 6 37.78 -11.75 16.78
N GLU A 7 37.00 -12.82 16.59
CA GLU A 7 37.49 -14.04 15.97
C GLU A 7 37.06 -14.21 14.53
N TYR A 8 36.09 -13.42 14.06
CA TYR A 8 35.59 -13.54 12.70
C TYR A 8 35.62 -12.24 11.92
N ILE A 9 35.76 -11.08 12.57
CA ILE A 9 35.77 -9.79 11.90
C ILE A 9 36.92 -8.95 12.44
N ILE A 10 37.26 -7.90 11.69
CA ILE A 10 38.29 -6.95 12.07
C ILE A 10 37.66 -5.57 11.96
N ALA A 11 37.31 -4.98 13.11
CA ALA A 11 36.68 -3.67 13.16
C ALA A 11 37.76 -2.62 13.45
N GLU A 12 37.81 -1.59 12.61
CA GLU A 12 38.79 -0.51 12.77
C GLU A 12 38.28 0.71 12.03
N LYS A 13 38.80 1.87 12.45
CA LYS A 13 38.44 3.15 11.86
C LYS A 13 39.55 3.58 10.90
N ARG A 14 39.23 3.60 9.61
CA ARG A 14 40.18 3.96 8.57
C ARG A 14 39.90 5.36 8.05
N GLY A 15 40.81 5.87 7.22
CA GLY A 15 40.68 7.18 6.64
C GLY A 15 41.21 8.27 7.55
N LYS A 16 41.42 9.44 6.96
CA LYS A 16 41.92 10.59 7.71
C LYS A 16 40.84 11.14 8.62
N ASN A 17 41.25 11.56 9.82
CA ASN A 17 40.37 12.09 10.87
C ASN A 17 39.53 11.00 11.53
N ASN A 18 39.67 9.74 11.11
CA ASN A 18 38.94 8.61 11.71
C ASN A 18 37.44 8.88 11.72
N THR A 19 36.90 9.09 10.52
CA THR A 19 35.48 9.32 10.34
C THR A 19 34.75 8.17 9.66
N VAL A 20 35.48 7.12 9.24
CA VAL A 20 34.90 5.97 8.55
C VAL A 20 35.26 4.72 9.34
N GLY A 21 34.25 3.87 9.59
CA GLY A 21 34.46 2.62 10.28
C GLY A 21 34.43 1.46 9.30
N LEU A 22 35.48 0.65 9.35
CA LEU A 22 35.63 -0.48 8.44
C LEU A 22 35.40 -1.78 9.20
N ILE A 23 34.51 -2.62 8.68
CA ILE A 23 34.22 -3.94 9.23
C ILE A 23 34.61 -4.97 8.19
N GLN A 24 35.71 -5.69 8.44
CA GLN A 24 36.23 -6.69 7.52
C GLN A 24 35.99 -8.08 8.10
N LEU A 25 35.29 -8.92 7.34
CA LEU A 25 35.03 -10.29 7.76
C LEU A 25 36.28 -11.13 7.51
N ASN A 26 36.93 -11.57 8.59
CA ASN A 26 38.18 -12.32 8.52
C ASN A 26 37.87 -13.79 8.76
N ARG A 27 37.61 -14.52 7.68
CA ARG A 27 37.39 -15.95 7.73
C ARG A 27 37.79 -16.57 6.39
N PRO A 28 39.08 -16.51 6.03
CA PRO A 28 39.49 -17.01 4.72
C PRO A 28 39.66 -18.52 4.66
N LYS A 29 38.68 -19.25 5.20
CA LYS A 29 38.64 -20.70 5.10
C LYS A 29 37.27 -21.26 4.76
N ALA A 30 36.19 -20.52 5.04
CA ALA A 30 34.84 -20.92 4.64
C ALA A 30 34.21 -19.87 3.74
N LEU A 31 35.01 -19.00 3.14
CA LEU A 31 34.51 -17.93 2.27
C LEU A 31 33.55 -17.02 3.03
N ASN A 32 33.91 -16.70 4.27
CA ASN A 32 33.14 -15.79 5.11
C ASN A 32 31.71 -16.27 5.30
N ALA A 33 31.57 -17.54 5.69
CA ALA A 33 30.26 -18.08 6.01
C ALA A 33 29.66 -17.33 7.19
N LEU A 34 28.41 -16.89 7.04
CA LEU A 34 27.77 -16.05 8.04
C LEU A 34 27.22 -16.91 9.18
N CYS A 35 28.13 -17.29 10.07
CA CYS A 35 27.75 -18.00 11.28
C CYS A 35 27.09 -17.04 12.27
N ASP A 36 26.32 -17.61 13.21
CA ASP A 36 25.67 -16.78 14.22
C ASP A 36 26.70 -15.99 15.02
N GLY A 37 27.81 -16.62 15.38
CA GLY A 37 28.87 -15.90 16.08
C GLY A 37 29.41 -14.74 15.27
N LEU A 38 29.56 -14.94 13.95
CA LEU A 38 29.99 -13.85 13.09
C LEU A 38 28.95 -12.74 13.05
N ILE A 39 27.67 -13.11 12.92
CA ILE A 39 26.60 -12.11 12.88
C ILE A 39 26.58 -11.32 14.18
N ASP A 40 26.81 -12.00 15.31
CA ASP A 40 26.85 -11.30 16.60
C ASP A 40 27.96 -10.26 16.61
N GLU A 41 29.19 -10.67 16.27
CA GLU A 41 30.30 -9.72 16.21
C GLU A 41 30.00 -8.59 15.24
N LEU A 42 29.43 -8.92 14.09
CA LEU A 42 29.06 -7.90 13.11
C LEU A 42 28.09 -6.89 13.72
N ASN A 43 27.07 -7.38 14.43
CA ASN A 43 26.12 -6.47 15.05
C ASN A 43 26.79 -5.62 16.13
N GLN A 44 27.67 -6.22 16.92
CA GLN A 44 28.38 -5.46 17.95
C GLN A 44 29.21 -4.35 17.33
N ALA A 45 29.98 -4.68 16.29
CA ALA A 45 30.79 -3.67 15.61
C ALA A 45 29.93 -2.55 15.07
N LEU A 46 28.80 -2.90 14.45
CA LEU A 46 27.89 -1.88 13.93
C LEU A 46 27.39 -0.97 15.05
N LYS A 47 27.01 -1.56 16.19
CA LYS A 47 26.53 -0.77 17.31
C LYS A 47 27.60 0.20 17.81
N THR A 48 28.83 -0.29 17.95
CA THR A 48 29.91 0.56 18.44
C THR A 48 30.14 1.74 17.50
N PHE A 49 30.14 1.48 16.19
CA PHE A 49 30.34 2.56 15.23
C PHE A 49 29.14 3.49 15.20
N GLU A 50 27.92 2.95 15.35
CA GLU A 50 26.73 3.78 15.35
C GLU A 50 26.63 4.65 16.60
N GLU A 51 27.21 4.18 17.72
CA GLU A 51 27.20 4.93 18.98
C GLU A 51 28.47 5.76 19.17
N ASP A 52 29.17 6.07 18.08
CA ASP A 52 30.40 6.86 18.14
C ASP A 52 30.17 8.19 17.43
N PRO A 53 30.41 9.33 18.10
CA PRO A 53 30.18 10.63 17.42
C PRO A 53 31.18 10.93 16.32
N ALA A 54 32.26 10.16 16.19
CA ALA A 54 33.26 10.40 15.16
C ALA A 54 32.95 9.68 13.86
N VAL A 55 32.48 8.44 13.94
CA VAL A 55 32.18 7.67 12.74
C VAL A 55 30.94 8.25 12.08
N GLY A 56 31.07 8.62 10.81
CA GLY A 56 29.95 9.17 10.06
C GLY A 56 29.38 8.18 9.06
N ALA A 57 30.18 7.19 8.68
CA ALA A 57 29.75 6.16 7.74
C ALA A 57 30.55 4.90 7.99
N ILE A 58 29.97 3.77 7.60
CA ILE A 58 30.56 2.46 7.82
C ILE A 58 30.80 1.81 6.46
N VAL A 59 31.88 1.04 6.35
CA VAL A 59 32.22 0.30 5.14
C VAL A 59 32.31 -1.17 5.50
N LEU A 60 31.44 -1.98 4.89
CA LEU A 60 31.42 -3.42 5.12
C LEU A 60 32.11 -4.11 3.96
N THR A 61 33.14 -4.90 4.27
CA THR A 61 33.94 -5.57 3.26
C THR A 61 34.32 -6.96 3.76
N GLY A 62 34.79 -7.79 2.83
CA GLY A 62 35.27 -9.11 3.15
C GLY A 62 36.65 -9.37 2.58
N GLY A 63 36.86 -10.57 2.03
CA GLY A 63 38.12 -10.90 1.40
C GLY A 63 38.14 -10.53 -0.07
N ASP A 64 39.33 -10.66 -0.67
CA ASP A 64 39.47 -10.34 -2.09
C ASP A 64 38.83 -11.41 -2.96
N LYS A 65 38.73 -12.65 -2.47
CA LYS A 65 38.16 -13.74 -3.24
C LYS A 65 36.71 -14.01 -2.89
N ALA A 66 36.24 -13.54 -1.74
CA ALA A 66 34.87 -13.80 -1.32
C ALA A 66 34.44 -12.74 -0.32
N PHE A 67 33.30 -12.10 -0.60
CA PHE A 67 32.70 -11.17 0.35
C PHE A 67 31.95 -11.93 1.44
N ALA A 68 31.03 -12.79 1.04
CA ALA A 68 30.30 -13.65 1.97
C ALA A 68 29.57 -14.74 1.21
N ALA A 69 29.76 -16.00 1.62
CA ALA A 69 29.19 -17.14 0.93
C ALA A 69 27.82 -17.53 1.47
N GLY A 70 27.18 -16.68 2.26
CA GLY A 70 25.86 -16.94 2.80
C GLY A 70 25.93 -17.57 4.17
N ALA A 71 24.76 -17.95 4.67
CA ALA A 71 24.66 -18.57 5.98
C ALA A 71 25.38 -19.91 5.98
N ASP A 72 25.82 -20.33 7.17
CA ASP A 72 26.52 -21.60 7.32
C ASP A 72 25.49 -22.73 7.26
N ILE A 73 25.49 -23.47 6.15
CA ILE A 73 24.57 -24.60 6.01
C ILE A 73 24.86 -25.66 7.05
N LYS A 74 26.08 -25.69 7.58
CA LYS A 74 26.42 -26.68 8.60
C LYS A 74 25.55 -26.54 9.84
N GLU A 75 25.10 -25.32 10.15
CA GLU A 75 24.32 -25.09 11.35
C GLU A 75 22.84 -25.32 11.09
N MET A 76 22.30 -24.73 10.02
CA MET A 76 20.88 -24.83 9.71
C MET A 76 20.49 -26.17 9.08
N GLN A 77 21.42 -27.12 9.00
CA GLN A 77 21.11 -28.41 8.39
C GLN A 77 20.03 -29.15 9.18
N ASN A 78 20.19 -29.22 10.50
CA ASN A 78 19.31 -30.03 11.34
C ASN A 78 18.17 -29.24 11.98
N LEU A 79 18.02 -27.95 11.64
CA LEU A 79 16.95 -27.17 12.23
C LEU A 79 15.58 -27.69 11.78
N SER A 80 14.62 -27.67 12.70
CA SER A 80 13.27 -28.09 12.41
C SER A 80 12.37 -26.88 12.16
N PHE A 81 11.15 -27.15 11.69
CA PHE A 81 10.20 -26.07 11.44
C PHE A 81 9.87 -25.33 12.73
N GLN A 82 9.78 -26.05 13.85
CA GLN A 82 9.49 -25.41 15.13
C GLN A 82 10.68 -24.59 15.62
N ASP A 83 11.91 -25.03 15.30
CA ASP A 83 13.11 -24.31 15.70
C ASP A 83 13.23 -22.95 15.03
N CYS A 84 12.38 -22.64 14.05
CA CYS A 84 12.47 -21.35 13.36
C CYS A 84 11.56 -20.32 14.00
N TYR A 85 10.31 -20.74 14.11
CA TYR A 85 9.28 -19.85 14.54
C TYR A 85 9.39 -19.73 15.96
N SER A 86 10.31 -20.47 16.52
CA SER A 86 10.32 -20.47 17.94
C SER A 86 11.59 -20.81 18.57
N SER A 87 12.67 -20.32 18.05
CA SER A 87 13.89 -20.55 18.77
C SER A 87 14.92 -19.49 18.58
N LYS A 88 16.13 -19.80 18.96
CA LYS A 88 17.18 -18.82 18.89
C LYS A 88 17.89 -18.91 17.60
N PHE A 89 17.21 -19.36 16.57
CA PHE A 89 17.91 -19.55 15.33
C PHE A 89 17.53 -18.54 14.27
N LEU A 90 18.53 -17.92 13.60
CA LEU A 90 18.27 -17.02 12.48
C LEU A 90 17.40 -15.85 12.81
N LYS A 91 17.73 -15.07 13.82
CA LYS A 91 16.89 -13.98 14.33
C LYS A 91 17.62 -12.65 14.39
N HIS A 92 18.94 -12.65 14.44
CA HIS A 92 19.74 -11.42 14.55
C HIS A 92 20.40 -11.03 13.23
N TRP A 93 19.70 -11.24 12.10
CA TRP A 93 20.30 -10.94 10.80
C TRP A 93 19.95 -9.54 10.33
N ASP A 94 18.74 -9.06 10.60
CA ASP A 94 18.24 -7.81 10.05
C ASP A 94 18.66 -6.58 10.88
N HIS A 95 19.64 -6.72 11.77
CA HIS A 95 20.09 -5.57 12.55
C HIS A 95 20.68 -4.48 11.65
N LEU A 96 21.25 -4.87 10.51
CA LEU A 96 21.84 -3.90 9.60
C LEU A 96 20.80 -2.94 9.02
N THR A 97 19.53 -3.34 9.00
CA THR A 97 18.48 -2.48 8.46
C THR A 97 18.10 -1.35 9.40
N GLN A 98 18.42 -1.46 10.69
CA GLN A 98 18.08 -0.45 11.68
C GLN A 98 19.20 0.55 11.91
N VAL A 99 20.34 0.40 11.23
CA VAL A 99 21.46 1.32 11.40
C VAL A 99 21.10 2.63 10.71
N LYS A 100 21.11 3.73 11.48
CA LYS A 100 20.74 5.03 10.93
C LYS A 100 21.84 5.63 10.06
N LYS A 101 23.10 5.30 10.35
CA LYS A 101 24.20 5.86 9.58
C LYS A 101 24.35 5.13 8.25
N PRO A 102 24.87 5.81 7.22
CA PRO A 102 25.06 5.14 5.93
C PRO A 102 26.07 4.01 6.04
N VAL A 103 25.86 2.97 5.22
CA VAL A 103 26.75 1.82 5.16
C VAL A 103 27.02 1.51 3.70
N ILE A 104 28.30 1.30 3.37
CA ILE A 104 28.72 1.00 2.01
C ILE A 104 29.25 -0.43 1.98
N ALA A 105 28.86 -1.18 0.95
CA ALA A 105 29.27 -2.57 0.80
C ALA A 105 30.36 -2.68 -0.26
N ALA A 106 31.56 -3.03 0.17
CA ALA A 106 32.69 -3.28 -0.74
C ALA A 106 32.73 -4.78 -1.02
N VAL A 107 32.15 -5.18 -2.14
CA VAL A 107 31.97 -6.59 -2.48
C VAL A 107 33.13 -7.00 -3.40
N ASN A 108 33.94 -7.94 -2.91
CA ASN A 108 35.02 -8.53 -3.70
C ASN A 108 34.81 -10.03 -3.79
N GLY A 109 34.82 -10.55 -5.02
CA GLY A 109 34.68 -11.97 -5.21
C GLY A 109 33.24 -12.44 -5.05
N TYR A 110 33.08 -13.60 -4.42
CA TYR A 110 31.78 -14.22 -4.28
C TYR A 110 30.92 -13.47 -3.27
N ALA A 111 29.71 -13.11 -3.68
CA ALA A 111 28.67 -12.58 -2.79
C ALA A 111 27.39 -13.36 -3.10
N PHE A 112 27.25 -14.51 -2.46
CA PHE A 112 26.18 -15.46 -2.77
C PHE A 112 25.25 -15.61 -1.57
N GLY A 113 23.96 -15.78 -1.86
CA GLY A 113 22.99 -16.03 -0.81
C GLY A 113 22.99 -14.93 0.23
N GLY A 114 23.22 -15.33 1.49
CA GLY A 114 23.25 -14.34 2.57
C GLY A 114 24.22 -13.22 2.32
N GLY A 115 25.31 -13.50 1.58
CA GLY A 115 26.24 -12.44 1.25
C GLY A 115 25.65 -11.40 0.32
N CYS A 116 24.88 -11.84 -0.68
CA CYS A 116 24.20 -10.89 -1.56
C CYS A 116 23.14 -10.10 -0.79
N GLU A 117 22.38 -10.79 0.06
CA GLU A 117 21.40 -10.10 0.89
C GLU A 117 22.08 -9.15 1.86
N LEU A 118 23.19 -9.58 2.45
CA LEU A 118 23.94 -8.69 3.35
C LEU A 118 24.41 -7.45 2.62
N ALA A 119 24.83 -7.59 1.35
CA ALA A 119 25.25 -6.44 0.57
C ALA A 119 24.05 -5.58 0.19
N MET A 120 22.93 -6.21 -0.15
CA MET A 120 21.74 -5.45 -0.54
C MET A 120 21.15 -4.68 0.63
N MET A 121 21.36 -5.14 1.87
CA MET A 121 20.87 -4.40 3.03
C MET A 121 21.60 -3.09 3.23
N CYS A 122 22.79 -2.95 2.63
CA CYS A 122 23.52 -1.70 2.73
C CYS A 122 22.92 -0.65 1.78
N ASP A 123 23.39 0.59 1.94
CA ASP A 123 22.85 1.68 1.13
C ASP A 123 23.56 1.79 -0.22
N ILE A 124 24.87 1.57 -0.24
CA ILE A 124 25.66 1.66 -1.46
C ILE A 124 26.52 0.40 -1.57
N ILE A 125 26.64 -0.12 -2.79
CA ILE A 125 27.40 -1.34 -3.05
C ILE A 125 28.45 -1.04 -4.11
N TYR A 126 29.72 -1.16 -3.73
CA TYR A 126 30.83 -1.07 -4.66
C TYR A 126 31.34 -2.48 -4.95
N ALA A 127 31.33 -2.87 -6.22
CA ALA A 127 31.67 -4.22 -6.63
C ALA A 127 33.02 -4.23 -7.32
N GLY A 128 33.79 -5.29 -7.06
CA GLY A 128 35.07 -5.44 -7.75
C GLY A 128 34.89 -5.93 -9.17
N GLU A 129 35.96 -5.80 -9.95
CA GLU A 129 35.91 -6.22 -11.35
C GLU A 129 35.59 -7.71 -11.47
N LYS A 130 36.06 -8.52 -10.51
CA LYS A 130 35.83 -9.96 -10.53
C LYS A 130 34.72 -10.39 -9.57
N ALA A 131 34.00 -9.45 -8.99
CA ALA A 131 32.92 -9.80 -8.06
C ALA A 131 31.79 -10.50 -8.80
N GLN A 132 31.05 -11.32 -8.06
CA GLN A 132 29.93 -12.07 -8.62
C GLN A 132 28.81 -12.14 -7.58
N PHE A 133 27.57 -12.03 -8.05
CA PHE A 133 26.39 -12.08 -7.20
C PHE A 133 25.48 -13.20 -7.68
N ALA A 134 24.83 -13.88 -6.73
CA ALA A 134 23.95 -14.99 -7.06
C ALA A 134 23.08 -15.31 -5.86
N GLN A 135 21.98 -16.03 -6.11
CA GLN A 135 21.06 -16.50 -5.09
C GLN A 135 20.87 -18.00 -5.26
N PRO A 136 21.88 -18.80 -4.90
CA PRO A 136 21.81 -20.25 -5.11
C PRO A 136 20.96 -21.01 -4.10
N GLU A 137 20.13 -20.32 -3.31
CA GLU A 137 19.30 -21.00 -2.32
C GLU A 137 18.50 -22.14 -2.94
N ILE A 138 18.04 -21.97 -4.19
CA ILE A 138 17.22 -22.98 -4.83
C ILE A 138 17.99 -24.28 -5.04
N LEU A 139 19.31 -24.23 -5.03
CA LEU A 139 20.13 -25.42 -5.25
C LEU A 139 20.27 -26.27 -3.99
N ILE A 140 19.95 -25.74 -2.82
CA ILE A 140 20.04 -26.47 -1.57
C ILE A 140 18.66 -26.74 -0.97
N GLY A 141 17.59 -26.55 -1.75
CA GLY A 141 16.26 -26.86 -1.27
C GLY A 141 15.62 -25.79 -0.42
N THR A 142 16.10 -24.56 -0.49
CA THR A 142 15.54 -23.44 0.26
C THR A 142 15.42 -22.22 -0.65
N ILE A 143 14.90 -21.14 -0.07
CA ILE A 143 14.74 -19.88 -0.80
C ILE A 143 15.41 -18.79 0.03
N PRO A 144 15.71 -17.65 -0.59
CA PRO A 144 16.28 -16.53 0.18
C PRO A 144 15.29 -16.07 1.24
N GLY A 145 15.79 -15.91 2.47
CA GLY A 145 14.93 -15.58 3.60
C GLY A 145 15.29 -14.29 4.30
N ALA A 146 16.19 -13.50 3.71
CA ALA A 146 16.62 -12.24 4.31
C ALA A 146 16.68 -11.15 3.24
N GLY A 147 15.67 -11.11 2.38
CA GLY A 147 15.55 -10.07 1.38
C GLY A 147 16.16 -10.39 0.03
N GLY A 148 16.56 -11.64 -0.20
CA GLY A 148 17.13 -12.01 -1.49
C GLY A 148 16.18 -11.83 -2.65
N THR A 149 14.87 -11.86 -2.40
CA THR A 149 13.87 -11.69 -3.45
C THR A 149 13.27 -10.29 -3.43
N GLN A 150 13.11 -9.69 -2.25
CA GLN A 150 12.48 -8.39 -2.15
C GLN A 150 13.40 -7.28 -2.66
N ARG A 151 14.58 -7.15 -2.06
CA ARG A 151 15.50 -6.08 -2.44
C ARG A 151 16.13 -6.33 -3.80
N LEU A 152 16.21 -7.59 -4.23
CA LEU A 152 16.80 -7.90 -5.53
C LEU A 152 15.83 -7.55 -6.66
N THR A 153 14.59 -8.02 -6.56
CA THR A 153 13.61 -7.78 -7.61
C THR A 153 13.40 -6.29 -7.84
N ARG A 154 13.35 -5.50 -6.77
CA ARG A 154 13.13 -4.07 -6.90
C ARG A 154 14.31 -3.36 -7.56
N ALA A 155 15.48 -4.00 -7.62
CA ALA A 155 16.68 -3.38 -8.17
C ALA A 155 16.95 -3.84 -9.60
N VAL A 156 17.06 -5.15 -9.82
CA VAL A 156 17.44 -5.67 -11.12
C VAL A 156 16.24 -5.99 -12.01
N GLY A 157 15.04 -6.09 -11.45
CA GLY A 157 13.86 -6.41 -12.22
C GLY A 157 13.39 -7.84 -12.00
N LYS A 158 12.17 -8.10 -12.47
CA LYS A 158 11.57 -9.42 -12.28
C LYS A 158 12.27 -10.47 -13.12
N SER A 159 12.56 -10.16 -14.39
CA SER A 159 13.15 -11.14 -15.29
C SER A 159 14.48 -11.65 -14.76
N LEU A 160 15.40 -10.74 -14.44
CA LEU A 160 16.71 -11.17 -13.96
C LEU A 160 16.62 -11.74 -12.55
N ALA A 161 15.76 -11.16 -11.70
CA ALA A 161 15.60 -11.69 -10.35
C ALA A 161 15.02 -13.10 -10.38
N MET A 162 14.00 -13.32 -11.21
CA MET A 162 13.42 -14.65 -11.32
C MET A 162 14.46 -15.67 -11.76
N GLU A 163 15.27 -15.32 -12.76
CA GLU A 163 16.30 -16.22 -13.26
C GLU A 163 17.28 -16.58 -12.15
N MET A 164 17.87 -15.58 -11.51
CA MET A 164 18.86 -15.85 -10.46
C MET A 164 18.27 -16.68 -9.34
N VAL A 165 17.01 -16.43 -8.98
CA VAL A 165 16.40 -17.14 -7.86
C VAL A 165 16.00 -18.56 -8.26
N LEU A 166 15.49 -18.73 -9.47
CA LEU A 166 15.03 -20.03 -9.94
C LEU A 166 16.12 -20.86 -10.61
N THR A 167 17.31 -20.28 -10.83
CA THR A 167 18.41 -20.99 -11.46
C THR A 167 19.71 -20.91 -10.67
N GLY A 168 19.91 -19.86 -9.87
CA GLY A 168 21.13 -19.74 -9.11
C GLY A 168 22.34 -19.36 -9.91
N ASP A 169 22.16 -18.83 -11.11
CA ASP A 169 23.29 -18.43 -11.94
C ASP A 169 23.95 -17.17 -11.38
N ARG A 170 25.21 -16.98 -11.74
CA ARG A 170 25.99 -15.85 -11.25
C ARG A 170 25.99 -14.72 -12.28
N ILE A 171 25.81 -13.50 -11.79
CA ILE A 171 25.86 -12.31 -12.63
C ILE A 171 27.17 -11.59 -12.38
N SER A 172 27.74 -11.01 -13.43
CA SER A 172 29.00 -10.31 -13.32
C SER A 172 28.79 -8.92 -12.73
N ALA A 173 29.89 -8.35 -12.22
CA ALA A 173 29.83 -7.01 -11.65
C ALA A 173 29.28 -6.01 -12.67
N GLN A 174 29.70 -6.14 -13.92
CA GLN A 174 29.19 -5.26 -14.97
C GLN A 174 27.68 -5.38 -15.11
N ASP A 175 27.18 -6.62 -15.19
CA ASP A 175 25.74 -6.84 -15.29
C ASP A 175 25.02 -6.28 -14.06
N ALA A 176 25.62 -6.42 -12.88
CA ALA A 176 25.01 -5.89 -11.67
C ALA A 176 24.84 -4.38 -11.76
N LYS A 177 25.85 -3.68 -12.31
CA LYS A 177 25.74 -2.23 -12.45
C LYS A 177 24.72 -1.86 -13.51
N GLN A 178 24.76 -2.54 -14.66
CA GLN A 178 23.80 -2.24 -15.72
C GLN A 178 22.36 -2.49 -15.27
N ALA A 179 22.15 -3.44 -14.37
CA ALA A 179 20.82 -3.71 -13.87
C ALA A 179 20.41 -2.74 -12.76
N GLY A 180 21.38 -2.19 -12.03
CA GLY A 180 21.11 -1.26 -10.96
C GLY A 180 21.39 -1.79 -9.57
N LEU A 181 22.04 -2.95 -9.45
CA LEU A 181 22.31 -3.50 -8.13
C LEU A 181 23.47 -2.76 -7.45
N VAL A 182 24.51 -2.44 -8.21
CA VAL A 182 25.69 -1.75 -7.69
C VAL A 182 25.83 -0.41 -8.39
N SER A 183 26.56 0.50 -7.76
CA SER A 183 26.72 1.85 -8.27
C SER A 183 28.04 2.06 -9.01
N LYS A 184 29.13 1.46 -8.54
CA LYS A 184 30.45 1.68 -9.11
C LYS A 184 31.23 0.37 -9.17
N ILE A 185 31.97 0.19 -10.25
CA ILE A 185 32.84 -0.96 -10.44
C ILE A 185 34.27 -0.50 -10.22
N CYS A 186 34.84 -0.85 -9.06
CA CYS A 186 36.18 -0.41 -8.71
C CYS A 186 37.17 -1.56 -8.86
N PRO A 187 38.45 -1.27 -9.14
CA PRO A 187 39.44 -2.34 -9.23
C PRO A 187 39.52 -3.15 -7.95
N VAL A 188 40.01 -4.38 -8.08
CA VAL A 188 40.11 -5.26 -6.92
C VAL A 188 41.09 -4.70 -5.90
N GLU A 189 42.18 -4.08 -6.39
CA GLU A 189 43.20 -3.56 -5.48
C GLU A 189 42.82 -2.23 -4.87
N THR A 190 41.84 -1.52 -5.43
CA THR A 190 41.44 -0.22 -4.93
C THR A 190 39.98 -0.17 -4.49
N LEU A 191 39.30 -1.31 -4.45
CA LEU A 191 37.88 -1.32 -4.08
C LEU A 191 37.69 -0.77 -2.67
N VAL A 192 38.47 -1.27 -1.71
CA VAL A 192 38.29 -0.87 -0.31
C VAL A 192 38.63 0.60 -0.13
N GLU A 193 39.71 1.06 -0.78
CA GLU A 193 40.09 2.46 -0.65
C GLU A 193 39.03 3.39 -1.23
N GLU A 194 38.53 3.06 -2.42
CA GLU A 194 37.48 3.88 -3.04
C GLU A 194 36.26 3.97 -2.14
N ALA A 195 35.86 2.83 -1.54
CA ALA A 195 34.71 2.83 -0.66
C ALA A 195 34.96 3.72 0.56
N ILE A 196 36.16 3.65 1.14
CA ILE A 196 36.48 4.49 2.29
C ILE A 196 36.44 5.96 1.90
N GLN A 197 36.95 6.28 0.71
CA GLN A 197 36.90 7.67 0.24
C GLN A 197 35.45 8.14 0.11
N CYS A 198 34.59 7.30 -0.48
CA CYS A 198 33.18 7.66 -0.57
C CYS A 198 32.56 7.84 0.80
N ALA A 199 32.88 6.92 1.74
CA ALA A 199 32.38 7.06 3.11
C ALA A 199 32.86 8.35 3.73
N GLU A 200 34.10 8.77 3.43
CA GLU A 200 34.60 10.03 3.96
C GLU A 200 33.81 11.21 3.42
N LYS A 201 33.53 11.22 2.12
CA LYS A 201 32.73 12.27 1.53
C LYS A 201 31.34 12.34 2.15
N ILE A 202 30.82 11.22 2.64
CA ILE A 202 29.50 11.22 3.28
C ILE A 202 29.61 11.67 4.72
N ALA A 203 30.66 11.25 5.42
CA ALA A 203 30.84 11.61 6.82
C ALA A 203 31.18 13.09 7.03
N SER A 204 31.50 13.82 5.96
CA SER A 204 31.84 15.23 6.07
C SER A 204 30.61 16.14 6.09
N ASN A 205 29.44 15.61 5.75
CA ASN A 205 28.20 16.39 5.76
C ASN A 205 27.52 16.29 7.12
N SER A 206 26.48 17.10 7.29
CA SER A 206 25.73 17.11 8.54
C SER A 206 25.15 15.73 8.81
N LYS A 207 25.54 15.13 9.93
CA LYS A 207 25.08 13.78 10.26
C LYS A 207 23.56 13.74 10.40
N ILE A 208 22.98 14.74 11.06
CA ILE A 208 21.53 14.75 11.25
C ILE A 208 20.82 14.84 9.90
N VAL A 209 21.38 15.61 8.97
CA VAL A 209 20.78 15.72 7.64
C VAL A 209 21.03 14.44 6.85
N VAL A 210 22.22 13.86 6.97
CA VAL A 210 22.51 12.61 6.28
C VAL A 210 21.53 11.52 6.73
N ALA A 211 21.18 11.50 8.02
CA ALA A 211 20.23 10.50 8.50
C ALA A 211 18.86 10.73 7.89
N MET A 212 18.39 11.98 7.89
CA MET A 212 17.09 12.26 7.29
C MET A 212 17.06 11.90 5.81
N ALA A 213 18.18 12.13 5.11
CA ALA A 213 18.24 11.79 3.69
C ALA A 213 18.10 10.28 3.48
N LYS A 214 18.82 9.49 4.28
CA LYS A 214 18.75 8.04 4.14
C LYS A 214 17.33 7.53 4.40
N GLU A 215 16.70 8.00 5.47
CA GLU A 215 15.36 7.55 5.79
C GLU A 215 14.38 7.90 4.68
N SER A 216 14.52 9.08 4.09
CA SER A 216 13.62 9.47 3.01
C SER A 216 13.80 8.61 1.77
N VAL A 217 15.04 8.19 1.48
CA VAL A 217 15.27 7.33 0.33
C VAL A 217 14.70 5.94 0.59
N ASN A 218 14.83 5.44 1.83
CA ASN A 218 14.27 4.14 2.16
C ASN A 218 12.75 4.15 2.07
N ALA A 219 12.15 5.32 2.30
CA ALA A 219 10.69 5.42 2.23
C ALA A 219 10.15 5.10 0.84
N ALA A 220 10.98 5.21 -0.19
CA ALA A 220 10.51 4.93 -1.55
C ALA A 220 10.04 3.49 -1.72
N PHE A 221 10.51 2.57 -0.87
CA PHE A 221 10.15 1.17 -0.96
C PHE A 221 9.10 0.77 0.07
N GLU A 222 8.54 1.72 0.82
CA GLU A 222 7.58 1.44 1.87
C GLU A 222 6.28 2.24 1.75
N MET A 223 6.22 3.23 0.86
CA MET A 223 5.07 4.11 0.76
C MET A 223 4.77 4.37 -0.71
N THR A 224 3.60 4.95 -0.96
CA THR A 224 3.24 5.36 -2.31
C THR A 224 3.99 6.64 -2.68
N LEU A 225 4.06 6.91 -3.99
CA LEU A 225 4.76 8.10 -4.46
C LEU A 225 4.15 9.37 -3.90
N THR A 226 2.83 9.40 -3.72
CA THR A 226 2.18 10.58 -3.17
C THR A 226 2.57 10.78 -1.71
N GLU A 227 2.38 9.76 -0.88
CA GLU A 227 2.73 9.87 0.54
C GLU A 227 4.24 9.99 0.71
N GLY A 228 5.01 9.31 -0.12
CA GLY A 228 6.46 9.44 -0.05
C GLY A 228 6.92 10.86 -0.32
N SER A 229 6.22 11.57 -1.20
CA SER A 229 6.58 12.95 -1.49
C SER A 229 6.21 13.86 -0.32
N LYS A 230 5.10 13.58 0.35
CA LYS A 230 4.70 14.39 1.50
C LYS A 230 5.60 14.13 2.70
N LEU A 231 6.01 12.88 2.91
CA LEU A 231 6.99 12.61 3.96
C LEU A 231 8.31 13.31 3.67
N GLU A 232 8.71 13.35 2.40
CA GLU A 232 9.90 14.10 2.02
C GLU A 232 9.73 15.58 2.32
N LYS A 233 8.52 16.11 2.12
CA LYS A 233 8.26 17.52 2.41
C LYS A 233 8.48 17.82 3.88
N LYS A 234 7.88 17.02 4.76
CA LYS A 234 8.01 17.26 6.19
C LYS A 234 9.46 17.11 6.64
N LEU A 235 10.18 16.12 6.09
CA LEU A 235 11.59 15.99 6.41
C LEU A 235 12.37 17.18 5.91
N PHE A 236 12.04 17.67 4.70
CA PHE A 236 12.71 18.85 4.17
C PHE A 236 12.42 20.07 5.04
N TYR A 237 11.18 20.20 5.52
CA TYR A 237 10.84 21.31 6.40
C TYR A 237 11.60 21.21 7.72
N SER A 238 11.77 19.99 8.24
CA SER A 238 12.44 19.80 9.52
C SER A 238 13.90 20.19 9.48
N THR A 239 14.53 20.16 8.30
CA THR A 239 15.94 20.55 8.20
C THR A 239 16.14 22.00 8.59
N PHE A 240 15.15 22.85 8.38
CA PHE A 240 15.26 24.26 8.75
C PHE A 240 15.35 24.47 10.25
N ALA A 241 15.02 23.46 11.06
CA ALA A 241 15.15 23.55 12.50
C ALA A 241 16.57 23.28 12.98
N THR A 242 17.43 22.73 12.12
CA THR A 242 18.81 22.46 12.48
C THR A 242 19.70 23.67 12.18
N ASP A 243 20.85 23.70 12.84
CA ASP A 243 21.80 24.79 12.62
C ASP A 243 22.65 24.55 11.37
N ASP A 244 22.89 23.29 11.03
CA ASP A 244 23.69 22.99 9.85
C ASP A 244 23.03 23.48 8.58
N ARG A 245 21.69 23.50 8.54
CA ARG A 245 20.98 23.98 7.36
C ARG A 245 21.34 25.43 7.06
N LYS A 246 21.31 26.29 8.08
CA LYS A 246 21.63 27.70 7.88
C LYS A 246 23.10 27.87 7.53
N GLU A 247 23.99 27.14 8.21
CA GLU A 247 25.41 27.25 7.93
C GLU A 247 25.72 26.82 6.50
N GLY A 248 25.10 25.73 6.04
CA GLY A 248 25.37 25.26 4.69
C GLY A 248 24.89 26.23 3.63
N MET A 249 23.74 26.86 3.86
CA MET A 249 23.20 27.80 2.87
C MET A 249 23.91 29.14 2.93
N THR A 250 24.21 29.63 4.14
CA THR A 250 24.93 30.89 4.25
C THR A 250 26.31 30.80 3.63
N ALA A 251 27.00 29.67 3.79
CA ALA A 251 28.31 29.49 3.18
C ALA A 251 28.22 29.58 1.66
N PHE A 252 27.16 29.04 1.07
CA PHE A 252 26.98 29.10 -0.38
C PHE A 252 26.77 30.54 -0.83
N VAL A 253 25.86 31.25 -0.18
CA VAL A 253 25.61 32.65 -0.54
C VAL A 253 26.88 33.48 -0.38
N GLU A 254 27.66 33.20 0.66
CA GLU A 254 28.92 33.90 0.88
C GLU A 254 30.09 33.29 0.11
N LYS A 255 29.85 32.20 -0.62
CA LYS A 255 30.89 31.54 -1.42
C LYS A 255 32.08 31.15 -0.55
N ARG A 256 31.79 30.34 0.46
CA ARG A 256 32.81 29.83 1.37
C ARG A 256 32.48 28.38 1.71
N LYS A 257 33.37 27.77 2.49
CA LYS A 257 33.19 26.39 2.91
C LYS A 257 32.34 26.33 4.17
N ALA A 258 31.44 25.33 4.22
CA ALA A 258 30.54 25.16 5.35
C ALA A 258 31.19 24.28 6.41
N ASN A 259 31.07 24.68 7.66
CA ASN A 259 31.59 23.93 8.80
C ASN A 259 30.40 23.41 9.61
N PHE A 260 29.92 22.22 9.24
CA PHE A 260 28.75 21.64 9.88
C PHE A 260 29.09 21.21 11.31
N LYS A 261 28.11 21.36 12.20
CA LYS A 261 28.26 20.97 13.59
C LYS A 261 27.43 19.74 13.96
N ASP A 262 26.78 19.11 12.99
CA ASP A 262 25.97 17.92 13.22
C ASP A 262 24.80 18.22 14.17
N GLN A 263 24.17 19.37 13.98
CA GLN A 263 23.04 19.77 14.81
C GLN A 263 22.23 20.86 14.14
N ALA B 4 2.60 35.97 -23.49
CA ALA B 4 2.57 37.17 -22.60
C ALA B 4 3.97 37.59 -22.17
N ASN B 5 4.05 38.76 -21.53
CA ASN B 5 5.30 39.30 -21.03
C ASN B 5 5.78 38.48 -19.83
N PHE B 6 6.84 37.70 -20.03
CA PHE B 6 7.46 36.91 -18.98
C PHE B 6 8.89 37.36 -18.81
N GLU B 7 9.31 37.54 -17.56
CA GLU B 7 10.65 38.02 -17.26
C GLU B 7 11.66 36.90 -17.15
N TYR B 8 11.23 35.69 -16.76
CA TYR B 8 12.12 34.58 -16.52
C TYR B 8 11.94 33.41 -17.47
N ILE B 9 10.86 33.38 -18.27
CA ILE B 9 10.60 32.28 -19.19
C ILE B 9 10.13 32.84 -20.52
N ILE B 10 10.14 31.96 -21.53
CA ILE B 10 9.67 32.28 -22.87
C ILE B 10 8.70 31.16 -23.28
N ALA B 11 7.43 31.52 -23.46
CA ALA B 11 6.39 30.57 -23.83
C ALA B 11 6.02 30.79 -25.30
N GLU B 12 6.07 29.72 -26.07
CA GLU B 12 5.75 29.79 -27.50
C GLU B 12 5.35 28.40 -27.98
N LYS B 13 4.51 28.38 -29.02
CA LYS B 13 4.06 27.14 -29.63
C LYS B 13 4.95 26.82 -30.82
N ARG B 14 5.69 25.72 -30.73
CA ARG B 14 6.65 25.33 -31.74
C ARG B 14 6.13 24.12 -32.53
N GLY B 15 6.84 23.82 -33.62
CA GLY B 15 6.50 22.68 -34.43
C GLY B 15 5.39 22.98 -35.41
N LYS B 16 5.23 22.07 -36.37
CA LYS B 16 4.19 22.23 -37.37
C LYS B 16 2.82 21.96 -36.77
N ASN B 17 1.80 22.64 -37.32
CA ASN B 17 0.42 22.60 -36.88
C ASN B 17 0.20 23.30 -35.54
N ASN B 18 1.25 23.84 -34.92
CA ASN B 18 1.15 24.50 -33.63
C ASN B 18 0.44 23.60 -32.61
N THR B 19 1.01 22.41 -32.43
CA THR B 19 0.47 21.41 -31.52
C THR B 19 1.36 21.15 -30.31
N VAL B 20 2.57 21.71 -30.28
CA VAL B 20 3.51 21.52 -29.19
C VAL B 20 3.82 22.88 -28.58
N GLY B 21 3.81 22.93 -27.24
CA GLY B 21 4.09 24.15 -26.52
C GLY B 21 5.46 24.08 -25.87
N LEU B 22 6.33 25.02 -26.24
CA LEU B 22 7.69 25.07 -25.74
C LEU B 22 7.78 26.11 -24.63
N ILE B 23 8.15 25.66 -23.43
CA ILE B 23 8.33 26.54 -22.28
C ILE B 23 9.82 26.56 -21.99
N GLN B 24 10.46 27.71 -22.24
CA GLN B 24 11.88 27.88 -22.03
C GLN B 24 12.11 28.81 -20.85
N LEU B 25 13.06 28.45 -19.99
CA LEU B 25 13.41 29.26 -18.83
C LEU B 25 14.57 30.18 -19.21
N ASN B 26 14.32 31.50 -19.19
CA ASN B 26 15.30 32.50 -19.59
C ASN B 26 15.88 33.15 -18.34
N ARG B 27 17.00 32.58 -17.86
CA ARG B 27 17.75 33.13 -16.75
C ARG B 27 19.18 32.62 -16.83
N PRO B 28 19.96 33.09 -17.81
CA PRO B 28 21.31 32.57 -18.01
C PRO B 28 22.35 33.13 -17.05
N LYS B 29 21.99 34.07 -16.18
CA LYS B 29 22.92 34.64 -15.22
C LYS B 29 22.93 33.92 -13.89
N ALA B 30 21.90 33.12 -13.60
CA ALA B 30 21.83 32.33 -12.37
C ALA B 30 21.71 30.84 -12.64
N LEU B 31 22.01 30.40 -13.87
CA LEU B 31 21.90 28.98 -14.23
C LEU B 31 20.47 28.49 -14.04
N ASN B 32 19.50 29.30 -14.44
CA ASN B 32 18.08 28.96 -14.37
C ASN B 32 17.68 28.60 -12.93
N ALA B 33 17.91 29.56 -12.03
CA ALA B 33 17.52 29.39 -10.65
C ALA B 33 16.00 29.42 -10.53
N LEU B 34 15.45 28.46 -9.77
CA LEU B 34 14.00 28.32 -9.62
C LEU B 34 13.53 29.16 -8.44
N CYS B 35 13.22 30.42 -8.74
CA CYS B 35 12.67 31.32 -7.74
C CYS B 35 11.14 31.31 -7.81
N ASP B 36 10.52 31.98 -6.83
CA ASP B 36 9.06 32.03 -6.80
C ASP B 36 8.52 32.73 -8.03
N GLY B 37 9.19 33.78 -8.49
CA GLY B 37 8.73 34.46 -9.70
C GLY B 37 8.79 33.57 -10.92
N LEU B 38 9.88 32.82 -11.07
CA LEU B 38 10.01 31.91 -12.19
C LEU B 38 8.97 30.79 -12.11
N ILE B 39 8.81 30.22 -10.91
CA ILE B 39 7.84 29.14 -10.74
C ILE B 39 6.43 29.63 -11.08
N ASP B 40 6.12 30.87 -10.70
CA ASP B 40 4.79 31.42 -11.01
C ASP B 40 4.57 31.47 -12.51
N GLU B 41 5.50 32.08 -13.25
CA GLU B 41 5.37 32.16 -14.70
C GLU B 41 5.29 30.77 -15.31
N LEU B 42 6.08 29.83 -14.80
CA LEU B 42 6.06 28.46 -15.32
C LEU B 42 4.66 27.85 -15.15
N ASN B 43 4.06 28.04 -13.98
CA ASN B 43 2.73 27.49 -13.75
C ASN B 43 1.70 28.15 -14.66
N GLN B 44 1.81 29.47 -14.87
CA GLN B 44 0.88 30.16 -15.75
C GLN B 44 0.98 29.62 -17.17
N ALA B 45 2.20 29.49 -17.69
CA ALA B 45 2.38 28.97 -19.04
C ALA B 45 1.82 27.55 -19.15
N LEU B 46 2.09 26.70 -18.17
CA LEU B 46 1.57 25.34 -18.21
C LEU B 46 0.04 25.34 -18.25
N LYS B 47 -0.59 26.21 -17.44
CA LYS B 47 -2.04 26.28 -17.41
C LYS B 47 -2.58 26.73 -18.76
N THR B 48 -1.95 27.72 -19.37
CA THR B 48 -2.41 28.22 -20.67
C THR B 48 -2.32 27.14 -21.73
N PHE B 49 -1.21 26.40 -21.75
CA PHE B 49 -1.06 25.34 -22.73
C PHE B 49 -1.99 24.17 -22.44
N GLU B 50 -2.23 23.87 -21.16
CA GLU B 50 -3.12 22.79 -20.79
C GLU B 50 -4.59 23.14 -21.05
N GLU B 51 -4.94 24.43 -21.05
CA GLU B 51 -6.29 24.88 -21.32
C GLU B 51 -6.49 25.30 -22.77
N ASP B 52 -5.63 24.85 -23.67
CA ASP B 52 -5.71 25.19 -25.09
C ASP B 52 -6.01 23.92 -25.88
N PRO B 53 -7.04 23.91 -26.73
CA PRO B 53 -7.36 22.67 -27.47
C PRO B 53 -6.33 22.32 -28.53
N ALA B 54 -5.57 23.30 -29.03
CA ALA B 54 -4.59 23.02 -30.07
C ALA B 54 -3.36 22.34 -29.51
N VAL B 55 -2.92 22.74 -28.31
CA VAL B 55 -1.73 22.15 -27.72
C VAL B 55 -2.05 20.73 -27.26
N GLY B 56 -1.21 19.78 -27.65
CA GLY B 56 -1.38 18.39 -27.26
C GLY B 56 -0.27 17.91 -26.34
N ALA B 57 0.88 18.57 -26.38
CA ALA B 57 2.00 18.20 -25.54
C ALA B 57 2.85 19.44 -25.29
N ILE B 58 3.54 19.45 -24.15
CA ILE B 58 4.37 20.56 -23.72
C ILE B 58 5.81 20.07 -23.63
N VAL B 59 6.76 20.93 -24.00
CA VAL B 59 8.18 20.63 -23.95
C VAL B 59 8.84 21.67 -23.05
N LEU B 60 9.26 21.24 -21.86
CA LEU B 60 9.92 22.13 -20.90
C LEU B 60 11.43 22.03 -21.11
N THR B 61 12.04 23.15 -21.50
CA THR B 61 13.47 23.20 -21.76
C THR B 61 14.07 24.41 -21.04
N GLY B 62 15.40 24.43 -21.00
CA GLY B 62 16.13 25.55 -20.42
C GLY B 62 17.13 26.15 -21.39
N GLY B 63 18.39 26.18 -20.99
CA GLY B 63 19.46 26.65 -21.84
C GLY B 63 20.40 25.53 -22.27
N ASP B 64 21.44 25.93 -23.01
CA ASP B 64 22.44 24.99 -23.49
C ASP B 64 23.52 24.70 -22.45
N LYS B 65 23.64 25.54 -21.42
CA LYS B 65 24.65 25.34 -20.38
C LYS B 65 24.07 24.81 -19.08
N ALA B 66 22.78 25.04 -18.81
CA ALA B 66 22.17 24.57 -17.57
C ALA B 66 20.66 24.62 -17.72
N PHE B 67 19.99 23.49 -17.46
CA PHE B 67 18.53 23.44 -17.53
C PHE B 67 17.92 24.18 -16.35
N ALA B 68 18.28 23.77 -15.13
CA ALA B 68 17.77 24.42 -13.93
C ALA B 68 18.67 24.05 -12.77
N ALA B 69 19.25 25.06 -12.11
CA ALA B 69 20.17 24.84 -11.01
C ALA B 69 19.47 24.69 -9.67
N GLY B 70 18.16 24.46 -9.67
CA GLY B 70 17.43 24.27 -8.42
C GLY B 70 16.85 25.55 -7.89
N ALA B 71 16.33 25.45 -6.67
CA ALA B 71 15.71 26.60 -6.01
C ALA B 71 16.74 27.67 -5.73
N ASP B 72 16.27 28.90 -5.53
CA ASP B 72 17.12 30.03 -5.23
C ASP B 72 17.47 30.01 -3.75
N ILE B 73 18.71 29.62 -3.44
CA ILE B 73 19.14 29.55 -2.04
C ILE B 73 19.11 30.92 -1.39
N LYS B 74 19.30 31.98 -2.17
CA LYS B 74 19.30 33.32 -1.61
C LYS B 74 17.94 33.68 -1.02
N GLU B 75 16.87 33.02 -1.47
CA GLU B 75 15.54 33.31 -0.96
C GLU B 75 15.23 32.51 0.29
N MET B 76 15.53 31.21 0.27
CA MET B 76 15.25 30.34 1.40
C MET B 76 16.33 30.35 2.47
N GLN B 77 17.30 31.27 2.37
CA GLN B 77 18.40 31.31 3.33
C GLN B 77 17.90 31.61 4.73
N ASN B 78 17.10 32.67 4.87
CA ASN B 78 16.64 33.13 6.18
C ASN B 78 15.27 32.58 6.57
N LEU B 79 14.76 31.58 5.85
CA LEU B 79 13.45 31.03 6.18
C LEU B 79 13.50 30.28 7.50
N SER B 80 12.44 30.45 8.29
CA SER B 80 12.30 29.77 9.57
C SER B 80 11.51 28.48 9.42
N PHE B 81 11.58 27.63 10.45
CA PHE B 81 10.79 26.40 10.46
C PHE B 81 9.30 26.70 10.45
N GLN B 82 8.87 27.68 11.25
CA GLN B 82 7.47 28.09 11.22
C GLN B 82 7.10 28.65 9.85
N ASP B 83 8.05 29.30 9.19
CA ASP B 83 7.84 29.85 7.86
C ASP B 83 7.77 28.79 6.78
N CYS B 84 7.91 27.51 7.12
CA CYS B 84 7.79 26.45 6.12
C CYS B 84 6.37 25.88 6.09
N TYR B 85 5.65 25.98 7.21
CA TYR B 85 4.32 25.38 7.30
C TYR B 85 3.21 26.38 6.99
N SER B 86 3.33 27.60 7.50
CA SER B 86 2.27 28.60 7.43
C SER B 86 2.72 29.85 6.67
N SER B 87 3.28 29.68 5.48
CA SER B 87 3.82 30.80 4.73
C SER B 87 3.59 30.57 3.23
N LYS B 88 3.89 31.62 2.46
CA LYS B 88 3.86 31.57 1.00
C LYS B 88 5.01 30.78 0.41
N PHE B 89 6.11 30.61 1.13
CA PHE B 89 7.32 30.05 0.54
C PHE B 89 7.14 28.57 0.20
N LEU B 90 7.57 28.22 -1.01
CA LEU B 90 7.78 26.83 -1.41
C LEU B 90 6.51 26.00 -1.35
N LYS B 91 5.42 26.45 -1.97
CA LYS B 91 4.16 25.73 -1.94
C LYS B 91 3.65 25.39 -3.35
N HIS B 92 4.06 26.17 -4.35
CA HIS B 92 3.56 26.02 -5.72
C HIS B 92 4.56 25.28 -6.62
N TRP B 93 5.27 24.28 -6.09
CA TRP B 93 6.27 23.58 -6.89
C TRP B 93 5.71 22.36 -7.60
N ASP B 94 4.66 21.75 -7.08
CA ASP B 94 4.15 20.48 -7.62
C ASP B 94 3.05 20.67 -8.65
N HIS B 95 3.03 21.80 -9.36
CA HIS B 95 1.99 21.99 -10.38
C HIS B 95 2.20 21.06 -11.56
N LEU B 96 3.44 20.67 -11.84
CA LEU B 96 3.71 19.79 -12.98
C LEU B 96 3.02 18.44 -12.83
N THR B 97 2.83 17.99 -11.59
CA THR B 97 2.22 16.69 -11.35
C THR B 97 0.71 16.67 -11.56
N GLN B 98 0.09 17.83 -11.74
CA GLN B 98 -1.35 17.93 -11.91
C GLN B 98 -1.75 18.25 -13.34
N VAL B 99 -0.86 18.07 -14.30
CA VAL B 99 -1.14 18.33 -15.70
C VAL B 99 -1.61 17.06 -16.36
N LYS B 100 -2.64 17.18 -17.20
CA LYS B 100 -3.21 16.03 -17.90
C LYS B 100 -2.52 15.73 -19.21
N LYS B 101 -1.90 16.73 -19.86
CA LYS B 101 -1.25 16.51 -21.13
C LYS B 101 0.20 16.07 -20.94
N PRO B 102 0.74 15.27 -21.85
CA PRO B 102 2.15 14.85 -21.71
C PRO B 102 3.08 16.05 -21.69
N VAL B 103 4.14 15.95 -20.90
CA VAL B 103 5.14 17.00 -20.75
C VAL B 103 6.51 16.36 -20.89
N ILE B 104 7.25 16.78 -21.92
CA ILE B 104 8.59 16.27 -22.17
C ILE B 104 9.60 17.26 -21.59
N ALA B 105 10.68 16.72 -21.03
CA ALA B 105 11.72 17.53 -20.40
C ALA B 105 13.00 17.45 -21.22
N ALA B 106 13.37 18.56 -21.85
CA ALA B 106 14.61 18.67 -22.60
C ALA B 106 15.68 19.24 -21.67
N VAL B 107 16.64 18.41 -21.29
CA VAL B 107 17.66 18.76 -20.30
C VAL B 107 18.99 18.96 -21.01
N ASN B 108 19.55 20.16 -20.86
CA ASN B 108 20.86 20.49 -21.39
C ASN B 108 21.72 21.06 -20.28
N GLY B 109 22.95 20.55 -20.16
CA GLY B 109 23.85 21.05 -19.15
C GLY B 109 23.46 20.58 -17.76
N TYR B 110 23.68 21.46 -16.78
CA TYR B 110 23.41 21.13 -15.39
C TYR B 110 21.92 21.06 -15.11
N ALA B 111 21.48 19.95 -14.54
CA ALA B 111 20.12 19.78 -14.03
C ALA B 111 20.25 19.19 -12.62
N PHE B 112 20.43 20.07 -11.63
CA PHE B 112 20.72 19.68 -10.27
C PHE B 112 19.61 20.15 -9.33
N GLY B 113 19.36 19.37 -8.29
CA GLY B 113 18.38 19.77 -7.30
C GLY B 113 17.01 19.91 -7.92
N GLY B 114 16.42 21.10 -7.74
CA GLY B 114 15.10 21.37 -8.28
C GLY B 114 15.00 21.08 -9.77
N GLY B 115 16.11 21.26 -10.48
CA GLY B 115 16.10 20.95 -11.90
C GLY B 115 15.90 19.48 -12.18
N CYS B 116 16.68 18.62 -11.50
CA CYS B 116 16.46 17.19 -11.62
C CYS B 116 15.06 16.81 -11.14
N GLU B 117 14.58 17.45 -10.09
CA GLU B 117 13.22 17.21 -9.61
C GLU B 117 12.20 17.67 -10.64
N LEU B 118 12.46 18.80 -11.29
CA LEU B 118 11.55 19.28 -12.34
C LEU B 118 11.49 18.29 -13.49
N ALA B 119 12.64 17.76 -13.90
CA ALA B 119 12.66 16.80 -15.01
C ALA B 119 12.00 15.49 -14.63
N MET B 120 12.26 15.01 -13.42
CA MET B 120 11.66 13.75 -12.97
C MET B 120 10.14 13.85 -12.90
N MET B 121 9.61 15.04 -12.60
CA MET B 121 8.17 15.23 -12.56
C MET B 121 7.55 15.19 -13.95
N CYS B 122 8.34 15.24 -15.01
CA CYS B 122 7.85 15.17 -16.37
C CYS B 122 7.83 13.72 -16.85
N ASP B 123 6.95 13.45 -17.82
CA ASP B 123 6.80 12.08 -18.31
C ASP B 123 8.09 11.58 -18.95
N ILE B 124 8.53 12.23 -20.02
CA ILE B 124 9.72 11.83 -20.77
C ILE B 124 10.81 12.87 -20.54
N ILE B 125 12.05 12.41 -20.50
CA ILE B 125 13.22 13.26 -20.28
C ILE B 125 14.23 12.99 -21.39
N TYR B 126 14.48 14.01 -22.20
CA TYR B 126 15.52 13.96 -23.22
C TYR B 126 16.71 14.77 -22.74
N ALA B 127 17.87 14.12 -22.65
CA ALA B 127 19.08 14.72 -22.11
C ALA B 127 20.09 14.94 -23.22
N GLY B 128 20.87 16.02 -23.09
CA GLY B 128 21.92 16.28 -24.05
C GLY B 128 23.16 15.45 -23.77
N GLU B 129 24.06 15.42 -24.75
CA GLU B 129 25.29 14.64 -24.61
C GLU B 129 26.12 15.13 -23.43
N LYS B 130 26.04 16.42 -23.12
CA LYS B 130 26.81 17.01 -22.03
C LYS B 130 25.95 17.30 -20.80
N ALA B 131 24.73 16.77 -20.74
CA ALA B 131 23.87 17.00 -19.60
C ALA B 131 24.38 16.26 -18.36
N GLN B 132 24.04 16.79 -17.19
CA GLN B 132 24.44 16.20 -15.93
C GLN B 132 23.33 16.34 -14.91
N PHE B 133 23.15 15.31 -14.09
CA PHE B 133 22.13 15.29 -13.05
C PHE B 133 22.78 15.04 -11.71
N ALA B 134 22.23 15.66 -10.66
CA ALA B 134 22.78 15.52 -9.32
C ALA B 134 21.76 16.03 -8.31
N GLN B 135 21.98 15.65 -7.04
CA GLN B 135 21.16 16.09 -5.92
C GLN B 135 22.09 16.62 -4.83
N PRO B 136 22.63 17.83 -5.02
CA PRO B 136 23.59 18.38 -4.07
C PRO B 136 22.98 19.01 -2.82
N GLU B 137 21.71 18.74 -2.52
CA GLU B 137 21.09 19.31 -1.33
C GLU B 137 21.91 19.02 -0.07
N ILE B 138 22.52 17.83 -0.02
CA ILE B 138 23.28 17.45 1.19
C ILE B 138 24.46 18.37 1.40
N LEU B 139 24.99 18.97 0.33
CA LEU B 139 26.16 19.82 0.46
C LEU B 139 25.84 21.17 1.07
N ILE B 140 24.57 21.55 1.15
CA ILE B 140 24.15 22.83 1.73
C ILE B 140 23.35 22.63 3.01
N GLY B 141 23.31 21.41 3.55
CA GLY B 141 22.66 21.18 4.81
C GLY B 141 21.17 20.93 4.73
N THR B 142 20.68 20.38 3.62
CA THR B 142 19.27 20.08 3.45
C THR B 142 19.13 18.83 2.58
N ILE B 143 17.89 18.39 2.41
CA ILE B 143 17.59 17.21 1.59
C ILE B 143 16.64 17.63 0.46
N PRO B 144 16.51 16.84 -0.60
CA PRO B 144 15.53 17.17 -1.64
C PRO B 144 14.13 17.26 -1.07
N GLY B 145 13.30 18.10 -1.70
CA GLY B 145 11.97 18.36 -1.18
C GLY B 145 10.87 18.31 -2.21
N ALA B 146 11.17 17.81 -3.42
CA ALA B 146 10.14 17.72 -4.46
C ALA B 146 10.23 16.41 -5.24
N GLY B 147 10.88 15.39 -4.71
CA GLY B 147 10.95 14.10 -5.37
C GLY B 147 12.36 13.60 -5.61
N GLY B 148 13.35 14.35 -5.14
CA GLY B 148 14.74 13.95 -5.32
C GLY B 148 15.10 12.64 -4.66
N THR B 149 14.33 12.20 -3.67
CA THR B 149 14.57 10.93 -2.99
C THR B 149 13.47 9.91 -3.23
N GLN B 150 12.42 10.26 -3.96
CA GLN B 150 11.31 9.35 -4.25
C GLN B 150 11.29 8.95 -5.72
N ARG B 151 11.29 9.90 -6.64
CA ARG B 151 11.28 9.56 -8.05
C ARG B 151 12.64 9.07 -8.52
N LEU B 152 13.71 9.66 -7.98
CA LEU B 152 15.06 9.24 -8.34
C LEU B 152 15.30 7.78 -7.91
N THR B 153 14.95 7.46 -6.66
CA THR B 153 15.17 6.11 -6.16
C THR B 153 14.42 5.09 -7.01
N ARG B 154 13.17 5.39 -7.37
CA ARG B 154 12.38 4.46 -8.17
C ARG B 154 12.95 4.28 -9.56
N ALA B 155 13.70 5.26 -10.06
CA ALA B 155 14.21 5.21 -11.43
C ALA B 155 15.55 4.49 -11.50
N VAL B 156 16.55 4.98 -10.76
CA VAL B 156 17.90 4.43 -10.85
C VAL B 156 18.21 3.41 -9.77
N GLY B 157 17.31 3.20 -8.82
CA GLY B 157 17.52 2.23 -7.76
C GLY B 157 18.05 2.86 -6.48
N LYS B 158 18.22 2.01 -5.47
CA LYS B 158 18.67 2.49 -4.17
C LYS B 158 20.17 2.77 -4.18
N SER B 159 20.95 1.87 -4.78
CA SER B 159 22.40 1.98 -4.72
C SER B 159 22.88 3.33 -5.29
N LEU B 160 22.44 3.67 -6.50
CA LEU B 160 22.88 4.92 -7.10
C LEU B 160 22.18 6.12 -6.48
N ALA B 161 20.91 5.97 -6.11
CA ALA B 161 20.19 7.07 -5.47
C ALA B 161 20.83 7.44 -4.14
N MET B 162 21.16 6.44 -3.33
CA MET B 162 21.81 6.71 -2.05
C MET B 162 23.12 7.46 -2.24
N GLU B 163 23.91 7.06 -3.24
CA GLU B 163 25.18 7.73 -3.50
C GLU B 163 24.95 9.19 -3.88
N MET B 164 24.09 9.43 -4.87
CA MET B 164 23.85 10.80 -5.33
C MET B 164 23.32 11.68 -4.20
N VAL B 165 22.31 11.19 -3.48
CA VAL B 165 21.67 12.01 -2.45
C VAL B 165 22.62 12.24 -1.28
N LEU B 166 23.42 11.24 -0.93
CA LEU B 166 24.30 11.34 0.23
C LEU B 166 25.65 11.97 -0.12
N THR B 167 26.09 11.90 -1.38
CA THR B 167 27.36 12.47 -1.79
C THR B 167 27.20 13.72 -2.66
N GLY B 168 26.06 13.88 -3.32
CA GLY B 168 25.86 15.00 -4.21
C GLY B 168 26.65 14.94 -5.50
N ASP B 169 27.25 13.80 -5.81
CA ASP B 169 28.02 13.66 -7.04
C ASP B 169 27.11 13.68 -8.25
N ARG B 170 27.69 14.03 -9.41
CA ARG B 170 26.94 14.14 -10.63
C ARG B 170 27.02 12.84 -11.44
N ILE B 171 26.01 12.62 -12.28
CA ILE B 171 25.97 11.50 -13.20
C ILE B 171 25.79 12.06 -14.61
N SER B 172 26.49 11.44 -15.57
CA SER B 172 26.41 11.91 -16.95
C SER B 172 25.11 11.44 -17.59
N ALA B 173 24.80 12.03 -18.75
CA ALA B 173 23.60 11.63 -19.48
C ALA B 173 23.64 10.16 -19.85
N GLN B 174 24.83 9.62 -20.11
CA GLN B 174 24.95 8.21 -20.45
C GLN B 174 24.55 7.32 -19.27
N ASP B 175 25.07 7.64 -18.07
CA ASP B 175 24.67 6.88 -16.88
C ASP B 175 23.18 7.02 -16.63
N ALA B 176 22.64 8.22 -16.83
CA ALA B 176 21.21 8.41 -16.65
C ALA B 176 20.42 7.58 -17.65
N LYS B 177 20.89 7.51 -18.90
CA LYS B 177 20.26 6.64 -19.89
C LYS B 177 20.37 5.18 -19.48
N GLN B 178 21.56 4.76 -19.05
CA GLN B 178 21.76 3.37 -18.65
C GLN B 178 20.99 3.04 -17.38
N ALA B 179 20.88 4.00 -16.45
CA ALA B 179 20.18 3.76 -15.20
C ALA B 179 18.66 3.81 -15.36
N GLY B 180 18.16 4.37 -16.46
CA GLY B 180 16.74 4.48 -16.69
C GLY B 180 16.12 5.80 -16.32
N LEU B 181 16.92 6.82 -16.02
CA LEU B 181 16.37 8.13 -15.66
C LEU B 181 15.89 8.87 -16.90
N VAL B 182 16.66 8.80 -17.99
CA VAL B 182 16.30 9.44 -19.25
C VAL B 182 16.10 8.36 -20.30
N SER B 183 15.30 8.68 -21.32
CA SER B 183 14.94 7.71 -22.35
C SER B 183 15.77 7.83 -23.62
N LYS B 184 16.36 8.99 -23.89
CA LYS B 184 17.15 9.18 -25.10
C LYS B 184 18.17 10.28 -24.88
N ILE B 185 19.30 10.14 -25.57
CA ILE B 185 20.37 11.15 -25.56
C ILE B 185 20.49 11.71 -26.97
N CYS B 186 20.46 13.04 -27.08
CA CYS B 186 20.52 13.72 -28.35
C CYS B 186 21.63 14.77 -28.34
N PRO B 187 22.14 15.16 -29.51
CA PRO B 187 23.16 16.21 -29.55
C PRO B 187 22.66 17.50 -28.91
N VAL B 188 23.60 18.28 -28.40
CA VAL B 188 23.23 19.54 -27.74
C VAL B 188 22.60 20.50 -28.73
N GLU B 189 22.96 20.40 -30.02
CA GLU B 189 22.44 21.33 -31.01
C GLU B 189 21.03 20.97 -31.45
N THR B 190 20.67 19.68 -31.40
CA THR B 190 19.37 19.21 -31.85
C THR B 190 18.49 18.64 -30.75
N LEU B 191 18.86 18.83 -29.48
CA LEU B 191 18.06 18.27 -28.40
C LEU B 191 16.64 18.80 -28.42
N VAL B 192 16.50 20.13 -28.47
CA VAL B 192 15.16 20.73 -28.42
C VAL B 192 14.34 20.30 -29.62
N GLU B 193 14.95 20.26 -30.81
CA GLU B 193 14.21 19.86 -32.00
C GLU B 193 13.74 18.42 -31.89
N GLU B 194 14.58 17.54 -31.34
CA GLU B 194 14.18 16.15 -31.17
C GLU B 194 13.01 16.03 -30.19
N ALA B 195 13.05 16.80 -29.10
CA ALA B 195 11.96 16.76 -28.14
C ALA B 195 10.65 17.23 -28.77
N ILE B 196 10.72 18.29 -29.58
CA ILE B 196 9.52 18.79 -30.25
C ILE B 196 8.99 17.74 -31.23
N GLN B 197 9.90 17.09 -31.97
CA GLN B 197 9.48 16.04 -32.89
C GLN B 197 8.79 14.90 -32.16
N CYS B 198 9.28 14.57 -30.96
CA CYS B 198 8.63 13.54 -30.17
C CYS B 198 7.26 14.01 -29.67
N ALA B 199 7.20 15.25 -29.16
CA ALA B 199 5.93 15.80 -28.71
C ALA B 199 4.92 15.85 -29.85
N GLU B 200 5.38 16.14 -31.06
CA GLU B 200 4.48 16.17 -32.21
C GLU B 200 3.82 14.81 -32.43
N LYS B 201 4.61 13.74 -32.37
CA LYS B 201 4.05 12.41 -32.54
C LYS B 201 3.04 12.08 -31.45
N ILE B 202 3.29 12.53 -30.23
CA ILE B 202 2.37 12.27 -29.14
C ILE B 202 1.07 13.04 -29.33
N ALA B 203 1.17 14.28 -29.80
CA ALA B 203 -0.01 15.11 -30.00
C ALA B 203 -0.87 14.66 -31.18
N SER B 204 -0.33 13.82 -32.06
CA SER B 204 -1.07 13.33 -33.22
C SER B 204 -2.08 12.24 -32.86
N ASN B 205 -2.15 11.83 -31.60
CA ASN B 205 -3.06 10.80 -31.15
C ASN B 205 -4.23 11.41 -30.39
N SER B 206 -5.23 10.58 -30.11
CA SER B 206 -6.41 11.03 -29.38
C SER B 206 -6.00 11.56 -28.01
N LYS B 207 -6.29 12.84 -27.75
CA LYS B 207 -5.89 13.44 -26.49
C LYS B 207 -6.55 12.74 -25.30
N ILE B 208 -7.84 12.44 -25.42
CA ILE B 208 -8.55 11.78 -24.32
C ILE B 208 -7.91 10.43 -24.03
N VAL B 209 -7.46 9.72 -25.06
CA VAL B 209 -6.80 8.44 -24.85
C VAL B 209 -5.38 8.64 -24.32
N VAL B 210 -4.70 9.69 -24.80
CA VAL B 210 -3.36 9.98 -24.31
C VAL B 210 -3.40 10.28 -22.82
N ALA B 211 -4.42 11.01 -22.37
CA ALA B 211 -4.55 11.31 -20.94
C ALA B 211 -4.79 10.04 -20.14
N MET B 212 -5.71 9.19 -20.62
CA MET B 212 -5.97 7.94 -19.93
C MET B 212 -4.72 7.08 -19.85
N ALA B 213 -3.92 7.06 -20.91
CA ALA B 213 -2.68 6.30 -20.90
C ALA B 213 -1.72 6.85 -19.84
N LYS B 214 -1.48 8.16 -19.87
CA LYS B 214 -0.61 8.78 -18.88
C LYS B 214 -1.07 8.47 -17.46
N GLU B 215 -2.39 8.53 -17.23
CA GLU B 215 -2.92 8.24 -15.90
C GLU B 215 -2.60 6.82 -15.48
N SER B 216 -2.78 5.86 -16.39
CA SER B 216 -2.52 4.46 -16.06
C SER B 216 -1.05 4.21 -15.81
N VAL B 217 -0.15 4.86 -16.57
CA VAL B 217 1.28 4.69 -16.35
C VAL B 217 1.68 5.28 -15.01
N ASN B 218 1.16 6.46 -14.68
CA ASN B 218 1.49 7.08 -13.41
C ASN B 218 0.94 6.29 -12.23
N ALA B 219 -0.14 5.53 -12.44
CA ALA B 219 -0.73 4.74 -11.37
C ALA B 219 0.14 3.58 -10.94
N ALA B 220 1.24 3.30 -11.64
CA ALA B 220 2.13 2.21 -11.26
C ALA B 220 2.98 2.52 -10.04
N PHE B 221 2.98 3.77 -9.57
CA PHE B 221 3.75 4.17 -8.40
C PHE B 221 2.88 4.50 -7.19
N GLU B 222 1.60 4.28 -7.32
CA GLU B 222 0.65 4.57 -6.29
C GLU B 222 -0.23 3.41 -5.91
N MET B 223 -0.06 2.27 -6.55
CA MET B 223 -0.89 1.11 -6.28
C MET B 223 -0.12 -0.15 -6.28
N THR B 224 -0.78 -1.25 -5.97
CA THR B 224 -0.17 -2.54 -6.02
C THR B 224 -0.45 -3.07 -7.39
N LEU B 225 0.39 -3.90 -7.95
CA LEU B 225 0.29 -4.45 -9.30
C LEU B 225 -1.09 -5.06 -9.53
N THR B 226 -1.61 -5.79 -8.55
CA THR B 226 -2.93 -6.41 -8.71
C THR B 226 -4.01 -5.36 -8.93
N GLU B 227 -3.98 -4.28 -8.15
CA GLU B 227 -4.97 -3.22 -8.31
C GLU B 227 -4.65 -2.32 -9.49
N GLY B 228 -3.37 -2.09 -9.77
CA GLY B 228 -3.00 -1.31 -10.95
C GLY B 228 -3.48 -1.95 -12.24
N SER B 229 -3.43 -3.28 -12.32
CA SER B 229 -3.93 -3.96 -13.50
C SER B 229 -5.43 -3.80 -13.66
N LYS B 230 -6.18 -3.93 -12.56
CA LYS B 230 -7.63 -3.77 -12.62
C LYS B 230 -8.00 -2.35 -13.00
N LEU B 231 -7.28 -1.36 -12.44
CA LEU B 231 -7.54 0.03 -12.81
C LEU B 231 -7.21 0.27 -14.28
N GLU B 232 -6.14 -0.35 -14.78
CA GLU B 232 -5.80 -0.20 -16.19
C GLU B 232 -6.88 -0.80 -17.08
N LYS B 233 -7.39 -1.99 -16.71
CA LYS B 233 -8.43 -2.62 -17.52
C LYS B 233 -9.70 -1.77 -17.53
N LYS B 234 -10.05 -1.15 -16.40
CA LYS B 234 -11.22 -0.29 -16.37
C LYS B 234 -11.04 0.92 -17.28
N LEU B 235 -9.86 1.54 -17.24
CA LEU B 235 -9.58 2.62 -18.18
C LEU B 235 -9.60 2.11 -19.62
N PHE B 236 -9.12 0.89 -19.83
CA PHE B 236 -9.17 0.29 -21.17
C PHE B 236 -10.61 0.11 -21.63
N TYR B 237 -11.46 -0.41 -20.74
CA TYR B 237 -12.89 -0.52 -21.07
C TYR B 237 -13.47 0.85 -21.41
N SER B 238 -13.09 1.88 -20.66
CA SER B 238 -13.65 3.21 -20.87
C SER B 238 -13.29 3.77 -22.24
N THR B 239 -12.15 3.35 -22.80
CA THR B 239 -11.74 3.86 -24.10
C THR B 239 -12.80 3.56 -25.17
N PHE B 240 -13.54 2.46 -25.01
CA PHE B 240 -14.56 2.10 -25.99
C PHE B 240 -15.73 3.07 -26.00
N ALA B 241 -15.87 3.90 -24.97
CA ALA B 241 -16.93 4.91 -24.96
C ALA B 241 -16.59 6.11 -25.83
N THR B 242 -15.34 6.25 -26.23
CA THR B 242 -14.93 7.36 -27.08
C THR B 242 -15.11 7.02 -28.56
N ASP B 243 -15.18 8.06 -29.39
CA ASP B 243 -15.31 7.86 -30.82
C ASP B 243 -13.95 7.58 -31.47
N ASP B 244 -12.88 8.11 -30.88
CA ASP B 244 -11.54 7.86 -31.43
C ASP B 244 -11.20 6.39 -31.41
N ARG B 245 -11.63 5.66 -30.38
CA ARG B 245 -11.37 4.22 -30.33
C ARG B 245 -11.96 3.53 -31.55
N LYS B 246 -13.23 3.83 -31.87
CA LYS B 246 -13.86 3.24 -33.04
C LYS B 246 -13.14 3.69 -34.32
N GLU B 247 -12.74 4.96 -34.38
CA GLU B 247 -12.06 5.47 -35.57
C GLU B 247 -10.68 4.84 -35.72
N GLY B 248 -9.93 4.74 -34.61
CA GLY B 248 -8.59 4.20 -34.69
C GLY B 248 -8.58 2.74 -35.13
N MET B 249 -9.43 1.92 -34.52
CA MET B 249 -9.48 0.51 -34.89
C MET B 249 -10.05 0.32 -36.29
N THR B 250 -11.04 1.13 -36.66
CA THR B 250 -11.61 1.04 -38.00
C THR B 250 -10.57 1.37 -39.07
N ALA B 251 -9.70 2.34 -38.77
CA ALA B 251 -8.66 2.71 -39.72
C ALA B 251 -7.69 1.56 -39.95
N PHE B 252 -7.33 0.83 -38.89
CA PHE B 252 -6.41 -0.28 -39.03
C PHE B 252 -7.00 -1.38 -39.90
N VAL B 253 -8.23 -1.79 -39.60
CA VAL B 253 -8.86 -2.85 -40.38
C VAL B 253 -9.00 -2.45 -41.84
N GLU B 254 -9.25 -1.17 -42.11
CA GLU B 254 -9.37 -0.68 -43.47
C GLU B 254 -8.04 -0.28 -44.08
N LYS B 255 -6.94 -0.39 -43.34
CA LYS B 255 -5.61 -0.05 -43.83
C LYS B 255 -5.57 1.40 -44.34
N ARG B 256 -5.87 2.32 -43.42
CA ARG B 256 -5.86 3.74 -43.71
C ARG B 256 -5.41 4.50 -42.48
N LYS B 257 -5.15 5.80 -42.65
CA LYS B 257 -4.75 6.63 -41.54
C LYS B 257 -5.97 7.08 -40.75
N ALA B 258 -5.84 7.09 -39.42
CA ALA B 258 -6.93 7.46 -38.55
C ALA B 258 -7.01 8.99 -38.41
N ASN B 259 -8.24 9.48 -38.28
CA ASN B 259 -8.50 10.91 -38.09
C ASN B 259 -9.17 11.09 -36.74
N PHE B 260 -8.36 11.23 -35.70
CA PHE B 260 -8.89 11.38 -34.35
C PHE B 260 -9.49 12.77 -34.16
N LYS B 261 -10.59 12.83 -33.41
CA LYS B 261 -11.28 14.08 -33.13
C LYS B 261 -11.22 14.48 -31.67
N ASP B 262 -10.42 13.79 -30.85
CA ASP B 262 -10.28 14.12 -29.44
C ASP B 262 -11.61 13.93 -28.70
N GLN B 263 -12.29 12.83 -28.96
CA GLN B 263 -13.56 12.53 -28.32
C GLN B 263 -13.95 11.07 -28.52
N ALA C 4 -5.04 -33.57 -27.17
CA ALA C 4 -6.15 -32.95 -27.92
C ALA C 4 -5.63 -32.17 -29.13
N ASN C 5 -6.52 -31.89 -30.08
CA ASN C 5 -6.13 -31.17 -31.28
C ASN C 5 -6.09 -29.67 -31.02
N PHE C 6 -5.14 -28.99 -31.65
CA PHE C 6 -5.00 -27.55 -31.54
C PHE C 6 -4.88 -26.94 -32.93
N GLU C 7 -5.56 -25.81 -33.13
CA GLU C 7 -5.57 -25.14 -34.41
C GLU C 7 -4.67 -23.92 -34.47
N TYR C 8 -4.37 -23.30 -33.32
CA TYR C 8 -3.58 -22.07 -33.29
C TYR C 8 -2.26 -22.22 -32.53
N ILE C 9 -2.01 -23.34 -31.86
CA ILE C 9 -0.80 -23.53 -31.07
C ILE C 9 -0.31 -24.96 -31.24
N ILE C 10 0.99 -25.14 -30.96
CA ILE C 10 1.64 -26.44 -30.96
C ILE C 10 2.19 -26.69 -29.57
N ALA C 11 1.66 -27.70 -28.89
CA ALA C 11 2.04 -28.02 -27.52
C ALA C 11 2.76 -29.36 -27.49
N GLU C 12 3.96 -29.37 -26.91
CA GLU C 12 4.73 -30.60 -26.78
C GLU C 12 5.70 -30.45 -25.62
N LYS C 13 6.21 -31.57 -25.15
CA LYS C 13 7.18 -31.61 -24.06
C LYS C 13 8.58 -31.80 -24.64
N ARG C 14 9.52 -30.98 -24.19
CA ARG C 14 10.87 -30.97 -24.72
C ARG C 14 11.88 -31.13 -23.59
N GLY C 15 13.15 -31.23 -23.95
CA GLY C 15 14.22 -31.36 -22.99
C GLY C 15 14.41 -32.79 -22.53
N LYS C 16 15.58 -33.04 -21.94
CA LYS C 16 15.86 -34.37 -21.40
C LYS C 16 14.88 -34.71 -20.30
N ASN C 17 14.40 -35.95 -20.31
CA ASN C 17 13.39 -36.45 -19.39
C ASN C 17 12.03 -35.80 -19.61
N ASN C 18 11.88 -35.00 -20.66
CA ASN C 18 10.60 -34.36 -20.97
C ASN C 18 10.07 -33.55 -19.79
N THR C 19 10.95 -32.76 -19.16
CA THR C 19 10.58 -31.96 -18.01
C THR C 19 10.17 -30.54 -18.38
N VAL C 20 10.28 -30.16 -19.65
CA VAL C 20 9.97 -28.81 -20.11
C VAL C 20 8.80 -28.89 -21.08
N GLY C 21 7.76 -28.10 -20.82
CA GLY C 21 6.62 -28.02 -21.72
C GLY C 21 6.74 -26.81 -22.63
N LEU C 22 6.63 -27.05 -23.93
CA LEU C 22 6.79 -26.02 -24.94
C LEU C 22 5.44 -25.70 -25.56
N ILE C 23 5.07 -24.42 -25.53
CA ILE C 23 3.84 -23.92 -26.14
C ILE C 23 4.24 -22.93 -27.22
N GLN C 24 4.02 -23.29 -28.48
CA GLN C 24 4.40 -22.48 -29.63
C GLN C 24 3.15 -21.95 -30.31
N LEU C 25 3.00 -20.62 -30.33
CA LEU C 25 1.90 -19.99 -31.04
C LEU C 25 2.10 -20.17 -32.54
N ASN C 26 1.14 -20.82 -33.20
CA ASN C 26 1.23 -21.17 -34.61
C ASN C 26 0.13 -20.43 -35.39
N ARG C 27 0.49 -19.27 -35.92
CA ARG C 27 -0.40 -18.48 -36.78
C ARG C 27 0.46 -17.55 -37.62
N PRO C 28 1.21 -18.10 -38.59
CA PRO C 28 2.14 -17.27 -39.38
C PRO C 28 1.45 -16.34 -40.36
N LYS C 29 0.12 -16.38 -40.49
CA LYS C 29 -0.60 -15.51 -41.41
C LYS C 29 -1.12 -14.24 -40.77
N ALA C 30 -1.27 -14.22 -39.44
CA ALA C 30 -1.73 -13.04 -38.72
C ALA C 30 -0.71 -12.53 -37.71
N LEU C 31 0.55 -12.98 -37.81
CA LEU C 31 1.59 -12.56 -36.86
C LEU C 31 1.21 -12.92 -35.43
N ASN C 32 0.64 -14.12 -35.26
CA ASN C 32 0.25 -14.62 -33.94
C ASN C 32 -0.76 -13.68 -33.27
N ALA C 33 -1.86 -13.45 -33.97
CA ALA C 33 -2.93 -12.62 -33.43
C ALA C 33 -3.60 -13.34 -32.25
N LEU C 34 -3.68 -12.65 -31.12
CA LEU C 34 -4.23 -13.25 -29.89
C LEU C 34 -5.76 -13.14 -29.91
N CYS C 35 -6.37 -14.06 -30.65
CA CYS C 35 -7.82 -14.13 -30.73
C CYS C 35 -8.36 -15.02 -29.60
N ASP C 36 -9.69 -15.13 -29.54
CA ASP C 36 -10.31 -15.94 -28.51
C ASP C 36 -9.92 -17.41 -28.65
N GLY C 37 -9.89 -17.91 -29.89
CA GLY C 37 -9.50 -19.30 -30.10
C GLY C 37 -8.08 -19.57 -29.64
N LEU C 38 -7.16 -18.68 -30.00
CA LEU C 38 -5.77 -18.87 -29.59
C LEU C 38 -5.62 -18.81 -28.08
N ILE C 39 -6.30 -17.87 -27.43
CA ILE C 39 -6.21 -17.74 -25.98
C ILE C 39 -6.82 -18.96 -25.30
N ASP C 40 -7.93 -19.47 -25.84
CA ASP C 40 -8.56 -20.65 -25.25
C ASP C 40 -7.64 -21.86 -25.31
N GLU C 41 -7.00 -22.08 -26.45
CA GLU C 41 -6.04 -23.19 -26.56
C GLU C 41 -4.82 -22.94 -25.69
N LEU C 42 -4.36 -21.69 -25.63
CA LEU C 42 -3.20 -21.38 -24.78
C LEU C 42 -3.50 -21.71 -23.32
N ASN C 43 -4.69 -21.36 -22.85
CA ASN C 43 -5.04 -21.67 -21.46
C ASN C 43 -5.12 -23.17 -21.24
N GLN C 44 -5.64 -23.91 -22.22
CA GLN C 44 -5.72 -25.37 -22.09
C GLN C 44 -4.32 -25.97 -22.05
N ALA C 45 -3.42 -25.49 -22.91
CA ALA C 45 -2.05 -25.99 -22.91
C ALA C 45 -1.36 -25.69 -21.58
N LEU C 46 -1.62 -24.49 -21.02
CA LEU C 46 -1.03 -24.14 -19.73
C LEU C 46 -1.60 -25.01 -18.62
N LYS C 47 -2.89 -25.36 -18.72
CA LYS C 47 -3.53 -26.16 -17.67
C LYS C 47 -2.96 -27.58 -17.65
N THR C 48 -2.91 -28.23 -18.81
CA THR C 48 -2.45 -29.62 -18.85
C THR C 48 -1.00 -29.71 -18.38
N PHE C 49 -0.18 -28.73 -18.73
CA PHE C 49 1.21 -28.73 -18.25
C PHE C 49 1.27 -28.43 -16.76
N GLU C 50 0.35 -27.61 -16.24
CA GLU C 50 0.32 -27.33 -14.82
C GLU C 50 -0.03 -28.59 -14.02
N GLU C 51 -1.01 -29.35 -14.49
CA GLU C 51 -1.43 -30.58 -13.83
C GLU C 51 -0.54 -31.77 -14.17
N ASP C 52 0.56 -31.56 -14.89
CA ASP C 52 1.47 -32.63 -15.25
C ASP C 52 2.58 -32.72 -14.23
N PRO C 53 2.74 -33.84 -13.51
CA PRO C 53 3.80 -33.91 -12.49
C PRO C 53 5.20 -34.00 -13.08
N ALA C 54 5.34 -34.31 -14.37
CA ALA C 54 6.66 -34.42 -14.97
C ALA C 54 7.20 -33.07 -15.43
N VAL C 55 6.32 -32.16 -15.87
CA VAL C 55 6.75 -30.85 -16.35
C VAL C 55 7.07 -29.98 -15.14
N GLY C 56 8.26 -29.37 -15.16
CA GLY C 56 8.68 -28.49 -14.09
C GLY C 56 8.64 -27.03 -14.47
N ALA C 57 8.75 -26.76 -15.77
CA ALA C 57 8.73 -25.39 -16.28
C ALA C 57 8.12 -25.40 -17.67
N ILE C 58 7.63 -24.23 -18.08
CA ILE C 58 6.96 -24.06 -19.37
C ILE C 58 7.72 -23.00 -20.16
N VAL C 59 7.76 -23.18 -21.48
CA VAL C 59 8.41 -22.24 -22.39
C VAL C 59 7.38 -21.79 -23.41
N LEU C 60 7.09 -20.48 -23.42
CA LEU C 60 6.12 -19.89 -24.34
C LEU C 60 6.88 -19.19 -25.46
N THR C 61 6.66 -19.65 -26.70
CA THR C 61 7.35 -19.10 -27.86
C THR C 61 6.35 -18.86 -28.97
N GLY C 62 6.79 -18.12 -29.99
CA GLY C 62 5.97 -17.85 -31.16
C GLY C 62 6.65 -18.26 -32.44
N GLY C 63 6.83 -17.31 -33.35
CA GLY C 63 7.50 -17.55 -34.61
C GLY C 63 8.81 -16.78 -34.70
N ASP C 64 9.55 -17.04 -35.78
CA ASP C 64 10.82 -16.38 -36.00
C ASP C 64 10.66 -14.92 -36.39
N LYS C 65 9.50 -14.55 -36.94
CA LYS C 65 9.26 -13.17 -37.37
C LYS C 65 8.34 -12.40 -36.43
N ALA C 66 7.47 -13.08 -35.70
CA ALA C 66 6.54 -12.41 -34.80
C ALA C 66 6.20 -13.33 -33.65
N PHE C 67 6.44 -12.87 -32.43
CA PHE C 67 6.05 -13.65 -31.24
C PHE C 67 4.56 -13.55 -30.99
N ALA C 68 4.03 -12.33 -30.94
CA ALA C 68 2.60 -12.12 -30.73
C ALA C 68 2.28 -10.67 -31.08
N ALA C 69 1.33 -10.47 -32.00
CA ALA C 69 0.97 -9.14 -32.46
C ALA C 69 -0.14 -8.49 -31.63
N GLY C 70 -0.59 -9.16 -30.57
CA GLY C 70 -1.64 -8.62 -29.71
C GLY C 70 -3.01 -9.14 -30.08
N ALA C 71 -4.01 -8.55 -29.42
CA ALA C 71 -5.38 -8.97 -29.64
C ALA C 71 -5.81 -8.70 -31.09
N ASP C 72 -6.74 -9.51 -31.57
CA ASP C 72 -7.27 -9.35 -32.93
C ASP C 72 -8.15 -8.11 -32.97
N ILE C 73 -7.64 -7.05 -33.58
CA ILE C 73 -8.40 -5.80 -33.66
C ILE C 73 -9.69 -6.01 -34.44
N LYS C 74 -9.72 -6.98 -35.36
CA LYS C 74 -10.92 -7.24 -36.14
C LYS C 74 -12.05 -7.81 -35.31
N GLU C 75 -11.76 -8.32 -34.11
CA GLU C 75 -12.79 -8.90 -33.25
C GLU C 75 -13.35 -7.89 -32.27
N MET C 76 -12.53 -6.98 -31.75
CA MET C 76 -12.97 -5.95 -30.82
C MET C 76 -13.37 -4.65 -31.51
N GLN C 77 -13.41 -4.63 -32.84
CA GLN C 77 -13.78 -3.42 -33.56
C GLN C 77 -15.19 -2.96 -33.21
N ASN C 78 -16.16 -3.86 -33.36
CA ASN C 78 -17.56 -3.52 -33.14
C ASN C 78 -17.97 -3.57 -31.67
N LEU C 79 -17.07 -3.95 -30.78
CA LEU C 79 -17.42 -4.03 -29.36
C LEU C 79 -17.76 -2.66 -28.80
N SER C 80 -18.82 -2.60 -28.02
CA SER C 80 -19.23 -1.38 -27.34
C SER C 80 -18.81 -1.43 -25.87
N PHE C 81 -19.05 -0.33 -25.17
CA PHE C 81 -18.68 -0.25 -23.76
C PHE C 81 -19.42 -1.31 -22.93
N GLN C 82 -20.71 -1.48 -23.20
CA GLN C 82 -21.49 -2.44 -22.43
C GLN C 82 -20.96 -3.86 -22.59
N ASP C 83 -20.50 -4.20 -23.79
CA ASP C 83 -19.97 -5.55 -24.02
C ASP C 83 -18.72 -5.80 -23.20
N CYS C 84 -17.79 -4.84 -23.19
CA CYS C 84 -16.51 -5.07 -22.52
C CYS C 84 -16.69 -5.30 -21.03
N TYR C 85 -17.62 -4.56 -20.41
CA TYR C 85 -17.76 -4.62 -18.97
C TYR C 85 -18.50 -5.86 -18.48
N SER C 86 -19.49 -6.35 -19.24
CA SER C 86 -20.26 -7.50 -18.77
C SER C 86 -20.54 -8.53 -19.87
N SER C 87 -19.68 -8.66 -20.87
CA SER C 87 -19.86 -9.67 -21.89
C SER C 87 -18.57 -10.47 -22.01
N LYS C 88 -18.71 -11.70 -22.47
CA LYS C 88 -17.64 -12.69 -22.38
C LYS C 88 -16.66 -12.61 -23.53
N PHE C 89 -16.12 -11.41 -23.83
CA PHE C 89 -15.15 -11.30 -24.90
C PHE C 89 -13.71 -11.23 -24.39
N LEU C 90 -13.39 -10.16 -23.64
CA LEU C 90 -12.04 -9.91 -23.17
C LEU C 90 -11.87 -10.23 -21.69
N LYS C 91 -12.01 -11.50 -21.30
CA LYS C 91 -12.03 -11.82 -19.88
C LYS C 91 -11.10 -12.97 -19.51
N HIS C 92 -10.51 -13.65 -20.50
CA HIS C 92 -9.67 -14.81 -20.26
C HIS C 92 -8.22 -14.59 -20.68
N TRP C 93 -7.67 -13.40 -20.39
CA TRP C 93 -6.30 -13.09 -20.78
C TRP C 93 -5.30 -13.27 -19.64
N ASP C 94 -5.76 -13.29 -18.39
CA ASP C 94 -4.87 -13.31 -17.23
C ASP C 94 -4.67 -14.70 -16.64
N HIS C 95 -4.72 -15.74 -17.46
CA HIS C 95 -4.50 -17.08 -16.93
C HIS C 95 -3.03 -17.33 -16.61
N LEU C 96 -2.11 -16.67 -17.32
CA LEU C 96 -0.69 -16.84 -17.04
C LEU C 96 -0.34 -16.41 -15.63
N THR C 97 -1.01 -15.38 -15.11
CA THR C 97 -0.71 -14.91 -13.76
C THR C 97 -1.04 -15.96 -12.71
N GLN C 98 -1.96 -16.88 -13.01
CA GLN C 98 -2.38 -17.91 -12.07
C GLN C 98 -1.52 -19.17 -12.16
N VAL C 99 -0.70 -19.31 -13.20
CA VAL C 99 0.14 -20.48 -13.32
C VAL C 99 1.20 -20.48 -12.21
N LYS C 100 1.29 -21.59 -11.49
CA LYS C 100 2.24 -21.69 -10.38
C LYS C 100 3.63 -22.09 -10.83
N LYS C 101 3.76 -22.81 -11.93
CA LYS C 101 5.06 -23.24 -12.40
C LYS C 101 5.75 -22.10 -13.17
N PRO C 102 7.09 -22.06 -13.16
CA PRO C 102 7.78 -21.00 -13.90
C PRO C 102 7.48 -21.07 -15.39
N VAL C 103 7.42 -19.90 -16.02
CA VAL C 103 7.16 -19.78 -17.45
C VAL C 103 8.20 -18.84 -18.04
N ILE C 104 8.82 -19.27 -19.14
CA ILE C 104 9.83 -18.50 -19.84
C ILE C 104 9.28 -18.09 -21.19
N ALA C 105 9.46 -16.83 -21.55
CA ALA C 105 8.97 -16.29 -22.81
C ALA C 105 10.11 -16.16 -23.81
N ALA C 106 10.10 -16.99 -24.84
CA ALA C 106 11.08 -16.91 -25.92
C ALA C 106 10.51 -15.99 -26.99
N VAL C 107 10.92 -14.72 -26.95
CA VAL C 107 10.37 -13.69 -27.82
C VAL C 107 11.26 -13.58 -29.05
N ASN C 108 10.73 -13.99 -30.20
CA ASN C 108 11.41 -13.83 -31.48
C ASN C 108 10.56 -12.96 -32.39
N GLY C 109 11.12 -11.82 -32.80
CA GLY C 109 10.40 -10.92 -33.68
C GLY C 109 9.52 -9.94 -32.93
N TYR C 110 8.40 -9.59 -33.57
CA TYR C 110 7.50 -8.60 -33.00
C TYR C 110 6.83 -9.11 -31.73
N ALA C 111 6.94 -8.33 -30.66
CA ALA C 111 6.16 -8.53 -29.44
C ALA C 111 5.46 -7.21 -29.15
N PHE C 112 4.31 -7.01 -29.78
CA PHE C 112 3.61 -5.73 -29.78
C PHE C 112 2.30 -5.86 -29.02
N GLY C 113 1.97 -4.84 -28.25
CA GLY C 113 0.71 -4.80 -27.54
C GLY C 113 0.53 -6.03 -26.66
N GLY C 114 -0.50 -6.82 -26.94
CA GLY C 114 -0.74 -8.01 -26.15
C GLY C 114 0.46 -8.95 -26.09
N GLY C 115 1.29 -8.94 -27.13
CA GLY C 115 2.48 -9.78 -27.10
C GLY C 115 3.46 -9.35 -26.01
N CYS C 116 3.72 -8.05 -25.92
CA CYS C 116 4.58 -7.55 -24.85
C CYS C 116 3.97 -7.85 -23.49
N GLU C 117 2.66 -7.65 -23.36
CA GLU C 117 1.98 -8.00 -22.11
C GLU C 117 2.08 -9.49 -21.83
N LEU C 118 1.83 -10.32 -22.84
CA LEU C 118 1.93 -11.76 -22.68
C LEU C 118 3.32 -12.16 -22.21
N ALA C 119 4.36 -11.55 -22.80
CA ALA C 119 5.73 -11.84 -22.38
C ALA C 119 6.01 -11.25 -21.00
N MET C 120 5.50 -10.06 -20.72
CA MET C 120 5.72 -9.44 -19.41
C MET C 120 5.04 -10.21 -18.29
N MET C 121 3.99 -10.97 -18.59
CA MET C 121 3.33 -11.77 -17.56
C MET C 121 4.15 -12.99 -17.18
N CYS C 122 5.03 -13.45 -18.05
CA CYS C 122 5.89 -14.57 -17.72
C CYS C 122 6.97 -14.15 -16.73
N ASP C 123 7.69 -15.15 -16.20
CA ASP C 123 8.71 -14.87 -15.19
C ASP C 123 10.03 -14.43 -15.82
N ILE C 124 10.42 -15.08 -16.92
CA ILE C 124 11.67 -14.78 -17.60
C ILE C 124 11.38 -14.59 -19.09
N ILE C 125 12.06 -13.63 -19.71
CA ILE C 125 11.87 -13.30 -21.12
C ILE C 125 13.22 -13.41 -21.80
N TYR C 126 13.36 -14.37 -22.71
CA TYR C 126 14.53 -14.49 -23.56
C TYR C 126 14.19 -13.93 -24.94
N ALA C 127 14.92 -12.90 -25.36
CA ALA C 127 14.65 -12.18 -26.59
C ALA C 127 15.69 -12.51 -27.64
N GLY C 128 15.27 -12.46 -28.92
CA GLY C 128 16.19 -12.69 -30.00
C GLY C 128 16.96 -11.44 -30.37
N GLU C 129 17.99 -11.63 -31.20
CA GLU C 129 18.82 -10.51 -31.62
C GLU C 129 18.01 -9.48 -32.40
N LYS C 130 16.97 -9.91 -33.11
CA LYS C 130 16.13 -9.01 -33.91
C LYS C 130 14.74 -8.84 -33.32
N ALA C 131 14.56 -9.10 -32.02
CA ALA C 131 13.27 -8.93 -31.39
C ALA C 131 12.97 -7.45 -31.15
N GLN C 132 11.69 -7.12 -31.15
CA GLN C 132 11.24 -5.76 -30.96
C GLN C 132 10.02 -5.75 -30.05
N PHE C 133 9.98 -4.80 -29.11
CA PHE C 133 8.88 -4.65 -28.18
C PHE C 133 8.26 -3.26 -28.37
N ALA C 134 6.94 -3.17 -28.24
CA ALA C 134 6.24 -1.91 -28.43
C ALA C 134 4.85 -2.02 -27.84
N GLN C 135 4.25 -0.85 -27.61
CA GLN C 135 2.88 -0.73 -27.10
C GLN C 135 2.11 0.22 -28.00
N PRO C 136 1.79 -0.20 -29.22
CA PRO C 136 1.13 0.68 -30.19
C PRO C 136 -0.36 0.88 -29.96
N GLU C 137 -0.89 0.49 -28.79
CA GLU C 137 -2.32 0.66 -28.54
C GLU C 137 -2.77 2.09 -28.78
N ILE C 138 -1.93 3.07 -28.43
CA ILE C 138 -2.32 4.47 -28.58
C ILE C 138 -2.56 4.81 -30.05
N LEU C 139 -1.91 4.09 -30.96
CA LEU C 139 -2.07 4.38 -32.38
C LEU C 139 -3.42 3.96 -32.92
N ILE C 140 -4.13 3.05 -32.24
CA ILE C 140 -5.43 2.59 -32.67
C ILE C 140 -6.55 3.14 -31.79
N GLY C 141 -6.22 4.10 -30.92
CA GLY C 141 -7.24 4.73 -30.10
C GLY C 141 -7.58 3.99 -28.82
N THR C 142 -6.62 3.28 -28.24
CA THR C 142 -6.85 2.55 -27.00
C THR C 142 -5.55 2.50 -26.21
N ILE C 143 -5.63 1.94 -25.01
CA ILE C 143 -4.47 1.81 -24.13
C ILE C 143 -4.25 0.33 -23.82
N PRO C 144 -3.07 -0.07 -23.33
CA PRO C 144 -2.88 -1.47 -22.93
C PRO C 144 -3.90 -1.88 -21.88
N GLY C 145 -4.34 -3.13 -21.96
CA GLY C 145 -5.40 -3.62 -21.11
C GLY C 145 -5.07 -4.87 -20.33
N ALA C 146 -3.81 -5.30 -20.35
CA ALA C 146 -3.36 -6.48 -19.63
C ALA C 146 -2.08 -6.19 -18.86
N GLY C 147 -2.05 -5.05 -18.17
CA GLY C 147 -0.88 -4.67 -17.39
C GLY C 147 0.28 -4.12 -18.19
N GLY C 148 0.06 -3.76 -19.45
CA GLY C 148 1.13 -3.21 -20.27
C GLY C 148 1.68 -1.90 -19.73
N THR C 149 0.88 -1.14 -18.98
CA THR C 149 1.31 0.12 -18.40
C THR C 149 1.74 -0.03 -16.94
N GLN C 150 1.67 -1.24 -16.38
CA GLN C 150 2.04 -1.48 -14.99
C GLN C 150 3.34 -2.27 -14.88
N ARG C 151 3.43 -3.43 -15.55
CA ARG C 151 4.65 -4.22 -15.50
C ARG C 151 5.77 -3.55 -16.28
N LEU C 152 5.44 -2.89 -17.39
CA LEU C 152 6.46 -2.19 -18.17
C LEU C 152 7.05 -1.04 -17.36
N THR C 153 6.21 -0.19 -16.79
CA THR C 153 6.70 0.93 -16.00
C THR C 153 7.59 0.46 -14.86
N ARG C 154 7.22 -0.65 -14.22
CA ARG C 154 8.00 -1.16 -13.10
C ARG C 154 9.33 -1.75 -13.54
N ALA C 155 9.48 -2.09 -14.82
CA ALA C 155 10.70 -2.73 -15.32
C ALA C 155 11.62 -1.74 -16.02
N VAL C 156 11.11 -1.05 -17.04
CA VAL C 156 11.96 -0.16 -17.83
C VAL C 156 11.99 1.27 -17.29
N GLY C 157 11.06 1.63 -16.41
CA GLY C 157 11.02 2.96 -15.85
C GLY C 157 9.93 3.82 -16.48
N LYS C 158 9.61 4.92 -15.79
CA LYS C 158 8.55 5.81 -16.25
C LYS C 158 8.94 6.51 -17.55
N SER C 159 10.19 6.98 -17.63
CA SER C 159 10.61 7.73 -18.80
C SER C 159 10.43 6.92 -20.09
N LEU C 160 10.99 5.71 -20.12
CA LEU C 160 10.90 4.90 -21.33
C LEU C 160 9.50 4.34 -21.50
N ALA C 161 8.87 3.91 -20.41
CA ALA C 161 7.52 3.36 -20.50
C ALA C 161 6.55 4.41 -21.04
N MET C 162 6.63 5.64 -20.52
CA MET C 162 5.75 6.70 -20.98
C MET C 162 5.90 6.92 -22.49
N GLU C 163 7.14 6.98 -22.97
CA GLU C 163 7.38 7.19 -24.38
C GLU C 163 6.74 6.08 -25.21
N MET C 164 7.03 4.82 -24.86
CA MET C 164 6.49 3.70 -25.61
C MET C 164 4.97 3.70 -25.59
N VAL C 165 4.38 3.98 -24.43
CA VAL C 165 2.92 3.92 -24.31
C VAL C 165 2.27 5.11 -25.01
N LEU C 166 2.92 6.27 -25.00
CA LEU C 166 2.36 7.47 -25.63
C LEU C 166 2.80 7.66 -27.06
N THR C 167 3.95 7.13 -27.45
CA THR C 167 4.45 7.25 -28.82
C THR C 167 4.28 5.98 -29.64
N GLY C 168 4.19 4.82 -28.99
CA GLY C 168 4.08 3.56 -29.71
C GLY C 168 5.33 3.13 -30.43
N ASP C 169 6.45 3.82 -30.22
CA ASP C 169 7.69 3.45 -30.89
C ASP C 169 8.23 2.13 -30.34
N ARG C 170 9.05 1.47 -31.15
CA ARG C 170 9.60 0.17 -30.79
C ARG C 170 10.94 0.32 -30.08
N ILE C 171 11.28 -0.69 -29.28
CA ILE C 171 12.59 -0.78 -28.65
C ILE C 171 13.21 -2.12 -29.03
N SER C 172 14.51 -2.09 -29.29
CA SER C 172 15.21 -3.29 -29.71
C SER C 172 15.48 -4.21 -28.52
N ALA C 173 15.88 -5.44 -28.82
CA ALA C 173 16.22 -6.39 -27.76
C ALA C 173 17.33 -5.86 -26.87
N GLN C 174 18.30 -5.15 -27.47
CA GLN C 174 19.38 -4.58 -26.68
C GLN C 174 18.86 -3.51 -25.72
N ASP C 175 17.91 -2.69 -26.17
CA ASP C 175 17.31 -1.70 -25.28
C ASP C 175 16.51 -2.37 -24.17
N ALA C 176 15.84 -3.48 -24.49
CA ALA C 176 15.08 -4.19 -23.46
C ALA C 176 15.99 -4.81 -22.42
N LYS C 177 17.12 -5.35 -22.85
CA LYS C 177 18.05 -5.98 -21.91
C LYS C 177 18.70 -4.94 -21.00
N GLN C 178 19.02 -3.77 -21.55
CA GLN C 178 19.64 -2.72 -20.73
C GLN C 178 18.63 -2.09 -19.78
N ALA C 179 17.36 -2.05 -20.17
CA ALA C 179 16.35 -1.46 -19.30
C ALA C 179 15.96 -2.43 -18.17
N GLY C 180 15.73 -3.69 -18.51
CA GLY C 180 15.34 -4.68 -17.52
C GLY C 180 14.14 -5.50 -17.94
N LEU C 181 13.61 -5.23 -19.14
CA LEU C 181 12.45 -5.97 -19.62
C LEU C 181 12.82 -7.43 -19.89
N VAL C 182 13.97 -7.67 -20.51
CA VAL C 182 14.44 -9.02 -20.80
C VAL C 182 15.77 -9.22 -20.10
N SER C 183 16.10 -10.49 -19.85
CA SER C 183 17.31 -10.84 -19.12
C SER C 183 18.47 -11.21 -20.03
N LYS C 184 18.22 -12.04 -21.05
CA LYS C 184 19.26 -12.53 -21.94
C LYS C 184 18.83 -12.36 -23.38
N ILE C 185 19.81 -12.10 -24.24
CA ILE C 185 19.62 -12.01 -25.68
C ILE C 185 20.31 -13.22 -26.32
N CYS C 186 19.58 -13.93 -27.17
CA CYS C 186 20.10 -15.14 -27.81
C CYS C 186 19.97 -15.05 -29.32
N PRO C 187 20.81 -15.76 -30.07
CA PRO C 187 20.64 -15.80 -31.53
C PRO C 187 19.24 -16.25 -31.92
N VAL C 188 18.80 -15.82 -33.10
CA VAL C 188 17.44 -16.13 -33.55
C VAL C 188 17.27 -17.64 -33.72
N GLU C 189 18.32 -18.33 -34.17
CA GLU C 189 18.21 -19.76 -34.43
C GLU C 189 18.40 -20.61 -33.19
N THR C 190 18.99 -20.06 -32.12
CA THR C 190 19.20 -20.80 -30.89
C THR C 190 18.37 -20.29 -29.72
N LEU C 191 17.46 -19.35 -29.96
CA LEU C 191 16.67 -18.78 -28.86
C LEU C 191 15.86 -19.84 -28.15
N VAL C 192 15.06 -20.60 -28.91
CA VAL C 192 14.15 -21.57 -28.29
C VAL C 192 14.94 -22.63 -27.53
N GLU C 193 16.03 -23.12 -28.11
CA GLU C 193 16.80 -24.17 -27.45
C GLU C 193 17.46 -23.65 -26.16
N GLU C 194 17.96 -22.42 -26.17
CA GLU C 194 18.54 -21.86 -24.96
C GLU C 194 17.48 -21.65 -23.89
N ALA C 195 16.27 -21.26 -24.29
CA ALA C 195 15.19 -21.13 -23.31
C ALA C 195 14.83 -22.46 -22.70
N ILE C 196 14.82 -23.53 -23.51
CA ILE C 196 14.55 -24.86 -22.98
C ILE C 196 15.66 -25.29 -22.03
N GLN C 197 16.91 -24.99 -22.39
CA GLN C 197 18.03 -25.31 -21.50
C GLN C 197 17.90 -24.59 -20.16
N CYS C 198 17.39 -23.35 -20.17
CA CYS C 198 17.15 -22.65 -18.92
C CYS C 198 16.01 -23.29 -18.14
N ALA C 199 14.93 -23.67 -18.83
CA ALA C 199 13.84 -24.35 -18.18
C ALA C 199 14.30 -25.68 -17.57
N GLU C 200 15.23 -26.36 -18.24
CA GLU C 200 15.75 -27.62 -17.71
C GLU C 200 16.42 -27.39 -16.37
N LYS C 201 17.28 -26.36 -16.27
CA LYS C 201 17.93 -26.05 -15.01
C LYS C 201 16.91 -25.76 -13.92
N ILE C 202 15.82 -25.07 -14.27
CA ILE C 202 14.79 -24.75 -13.28
C ILE C 202 14.08 -26.01 -12.83
N ALA C 203 13.71 -26.86 -13.78
CA ALA C 203 13.00 -28.10 -13.46
C ALA C 203 13.85 -29.09 -12.69
N SER C 204 15.16 -28.89 -12.61
CA SER C 204 16.04 -29.79 -11.88
C SER C 204 15.97 -29.61 -10.37
N ASN C 205 15.20 -28.63 -9.89
CA ASN C 205 15.07 -28.35 -8.46
C ASN C 205 13.70 -28.76 -7.97
N SER C 206 13.56 -28.83 -6.65
CA SER C 206 12.30 -29.20 -6.03
C SER C 206 11.21 -28.22 -6.45
N LYS C 207 10.12 -28.76 -6.99
CA LYS C 207 9.04 -27.91 -7.48
C LYS C 207 8.39 -27.12 -6.35
N ILE C 208 8.18 -27.74 -5.20
CA ILE C 208 7.53 -27.06 -4.09
C ILE C 208 8.34 -25.84 -3.67
N VAL C 209 9.67 -25.96 -3.66
CA VAL C 209 10.51 -24.82 -3.32
C VAL C 209 10.58 -23.83 -4.48
N VAL C 210 10.53 -24.33 -5.72
CA VAL C 210 10.51 -23.44 -6.88
C VAL C 210 9.26 -22.59 -6.87
N ALA C 211 8.12 -23.18 -6.48
CA ALA C 211 6.88 -22.41 -6.42
C ALA C 211 6.94 -21.37 -5.31
N MET C 212 7.44 -21.74 -4.14
CA MET C 212 7.55 -20.77 -3.05
C MET C 212 8.46 -19.61 -3.43
N ALA C 213 9.57 -19.89 -4.11
CA ALA C 213 10.46 -18.83 -4.53
C ALA C 213 9.78 -17.93 -5.56
N LYS C 214 9.07 -18.52 -6.52
CA LYS C 214 8.35 -17.71 -7.50
C LYS C 214 7.34 -16.80 -6.84
N GLU C 215 6.60 -17.31 -5.85
CA GLU C 215 5.64 -16.48 -5.14
C GLU C 215 6.34 -15.37 -4.37
N SER C 216 7.52 -15.67 -3.80
CA SER C 216 8.25 -14.65 -3.05
C SER C 216 8.68 -13.49 -3.94
N VAL C 217 9.11 -13.79 -5.16
CA VAL C 217 9.53 -12.72 -6.07
C VAL C 217 8.34 -11.87 -6.49
N ASN C 218 7.19 -12.53 -6.75
CA ASN C 218 6.01 -11.79 -7.15
C ASN C 218 5.52 -10.85 -6.05
N ALA C 219 5.79 -11.19 -4.79
CA ALA C 219 5.37 -10.35 -3.68
C ALA C 219 6.02 -8.98 -3.70
N ALA C 220 7.14 -8.83 -4.41
CA ALA C 220 7.83 -7.54 -4.44
C ALA C 220 6.99 -6.45 -5.10
N PHE C 221 6.03 -6.83 -5.94
CA PHE C 221 5.18 -5.86 -6.64
C PHE C 221 3.79 -5.74 -6.02
N GLU C 222 3.58 -6.29 -4.82
CA GLU C 222 2.28 -6.27 -4.18
C GLU C 222 2.32 -5.84 -2.72
N MET C 223 3.50 -5.73 -2.11
CA MET C 223 3.61 -5.43 -0.69
C MET C 223 4.75 -4.44 -0.47
N THR C 224 4.77 -3.84 0.71
CA THR C 224 5.87 -2.97 1.09
C THR C 224 7.11 -3.81 1.41
N LEU C 225 8.27 -3.15 1.35
CA LEU C 225 9.52 -3.86 1.59
C LEU C 225 9.55 -4.48 2.98
N THR C 226 8.91 -3.85 3.96
CA THR C 226 8.88 -4.41 5.31
C THR C 226 8.03 -5.68 5.35
N GLU C 227 6.81 -5.61 4.84
CA GLU C 227 5.94 -6.79 4.84
C GLU C 227 6.44 -7.84 3.87
N GLY C 228 7.01 -7.41 2.73
CA GLY C 228 7.56 -8.37 1.78
C GLY C 228 8.67 -9.20 2.40
N SER C 229 9.47 -8.60 3.28
CA SER C 229 10.52 -9.36 3.96
C SER C 229 9.93 -10.32 4.98
N LYS C 230 8.88 -9.90 5.69
CA LYS C 230 8.26 -10.77 6.67
C LYS C 230 7.60 -11.96 6.00
N LEU C 231 6.95 -11.73 4.85
CA LEU C 231 6.36 -12.84 4.10
C LEU C 231 7.45 -13.78 3.59
N GLU C 232 8.55 -13.23 3.07
CA GLU C 232 9.67 -14.05 2.63
C GLU C 232 10.22 -14.87 3.79
N LYS C 233 10.24 -14.29 5.00
CA LYS C 233 10.74 -15.01 6.16
C LYS C 233 9.87 -16.22 6.47
N LYS C 234 8.54 -16.04 6.43
CA LYS C 234 7.64 -17.16 6.72
C LYS C 234 7.75 -18.24 5.66
N LEU C 235 7.85 -17.85 4.38
CA LEU C 235 8.05 -18.83 3.32
C LEU C 235 9.38 -19.56 3.50
N PHE C 236 10.41 -18.83 3.94
CA PHE C 236 11.70 -19.47 4.21
C PHE C 236 11.57 -20.51 5.31
N TYR C 237 10.82 -20.18 6.37
CA TYR C 237 10.58 -21.16 7.43
C TYR C 237 9.78 -22.35 6.91
N SER C 238 8.87 -22.09 5.96
CA SER C 238 8.05 -23.18 5.44
C SER C 238 8.87 -24.24 4.73
N THR C 239 10.02 -23.85 4.15
CA THR C 239 10.86 -24.80 3.45
C THR C 239 11.41 -25.88 4.38
N PHE C 240 11.60 -25.56 5.67
CA PHE C 240 12.10 -26.54 6.62
C PHE C 240 11.10 -27.65 6.91
N ALA C 241 9.86 -27.52 6.46
CA ALA C 241 8.85 -28.56 6.64
C ALA C 241 8.81 -29.54 5.49
N THR C 242 9.67 -29.39 4.49
CA THR C 242 9.72 -30.27 3.34
C THR C 242 10.96 -31.14 3.41
N ASP C 243 10.90 -32.28 2.70
CA ASP C 243 12.04 -33.20 2.70
C ASP C 243 13.13 -32.72 1.74
N ASP C 244 12.76 -32.03 0.67
CA ASP C 244 13.75 -31.54 -0.28
C ASP C 244 14.72 -30.57 0.38
N ARG C 245 14.26 -29.80 1.36
CA ARG C 245 15.15 -28.90 2.07
C ARG C 245 16.23 -29.67 2.82
N LYS C 246 15.83 -30.71 3.56
CA LYS C 246 16.80 -31.54 4.26
C LYS C 246 17.72 -32.25 3.28
N GLU C 247 17.18 -32.69 2.14
CA GLU C 247 18.00 -33.37 1.14
C GLU C 247 19.00 -32.41 0.51
N GLY C 248 18.54 -31.22 0.12
CA GLY C 248 19.44 -30.27 -0.52
C GLY C 248 20.57 -29.83 0.39
N MET C 249 20.24 -29.48 1.63
CA MET C 249 21.28 -29.04 2.57
C MET C 249 22.19 -30.20 2.94
N THR C 250 21.62 -31.41 3.10
CA THR C 250 22.44 -32.58 3.36
C THR C 250 23.36 -32.89 2.19
N ALA C 251 22.90 -32.60 0.97
CA ALA C 251 23.72 -32.78 -0.22
C ALA C 251 24.83 -31.75 -0.33
N PHE C 252 24.86 -30.74 0.54
CA PHE C 252 25.94 -29.76 0.56
C PHE C 252 27.02 -30.15 1.55
N VAL C 253 26.64 -30.48 2.79
CA VAL C 253 27.61 -30.99 3.76
C VAL C 253 28.27 -32.24 3.22
N GLU C 254 27.45 -33.19 2.74
CA GLU C 254 27.98 -34.34 2.01
C GLU C 254 28.20 -33.95 0.56
N LYS C 255 29.44 -34.00 0.10
CA LYS C 255 29.81 -33.52 -1.23
C LYS C 255 29.28 -34.50 -2.27
N ARG C 256 28.00 -34.32 -2.60
CA ARG C 256 27.33 -35.17 -3.59
C ARG C 256 26.23 -34.35 -4.25
N LYS C 257 25.52 -34.99 -5.19
CA LYS C 257 24.42 -34.36 -5.90
C LYS C 257 23.11 -34.62 -5.17
N ALA C 258 22.29 -33.57 -5.06
CA ALA C 258 21.01 -33.71 -4.38
C ALA C 258 20.00 -34.41 -5.29
N ASN C 259 19.20 -35.29 -4.70
CA ASN C 259 18.14 -36.01 -5.41
C ASN C 259 16.80 -35.56 -4.82
N PHE C 260 16.27 -34.47 -5.38
CA PHE C 260 15.01 -33.92 -4.88
C PHE C 260 13.85 -34.85 -5.22
N LYS C 261 12.83 -34.85 -4.35
CA LYS C 261 11.66 -35.69 -4.52
C LYS C 261 10.37 -34.89 -4.66
N ASP C 262 10.43 -33.56 -4.72
CA ASP C 262 9.24 -32.72 -4.86
C ASP C 262 8.31 -32.91 -3.66
N GLN C 263 8.88 -32.82 -2.47
CA GLN C 263 8.11 -32.96 -1.24
C GLN C 263 8.92 -32.47 -0.03
N ALA D 4 -19.08 38.81 1.87
CA ALA D 4 -19.25 39.29 0.47
C ALA D 4 -20.66 38.96 -0.03
N ASN D 5 -20.89 39.23 -1.32
CA ASN D 5 -22.20 38.97 -1.94
C ASN D 5 -22.24 37.52 -2.40
N PHE D 6 -22.82 36.65 -1.56
CA PHE D 6 -23.00 35.25 -1.88
C PHE D 6 -24.46 34.97 -2.14
N GLU D 7 -24.74 34.28 -3.25
CA GLU D 7 -26.12 33.99 -3.65
C GLU D 7 -26.63 32.66 -3.11
N TYR D 8 -25.74 31.74 -2.73
CA TYR D 8 -26.14 30.43 -2.27
C TYR D 8 -25.60 30.06 -0.89
N ILE D 9 -24.78 30.91 -0.28
CA ILE D 9 -24.22 30.62 1.05
C ILE D 9 -24.22 31.90 1.88
N ILE D 10 -24.04 31.72 3.18
CA ILE D 10 -23.94 32.81 4.14
C ILE D 10 -22.71 32.53 5.00
N ALA D 11 -21.61 33.23 4.72
CA ALA D 11 -20.36 33.05 5.44
C ALA D 11 -20.20 34.15 6.48
N GLU D 12 -19.90 33.75 7.72
CA GLU D 12 -19.71 34.70 8.80
C GLU D 12 -18.87 34.04 9.88
N LYS D 13 -18.24 34.87 10.70
CA LYS D 13 -17.37 34.42 11.79
C LYS D 13 -18.17 34.48 13.08
N ARG D 14 -18.62 33.32 13.54
CA ARG D 14 -19.42 33.21 14.75
C ARG D 14 -18.54 32.86 15.96
N GLY D 15 -19.16 32.84 17.12
CA GLY D 15 -18.47 32.49 18.35
C GLY D 15 -17.69 33.67 18.92
N LYS D 16 -17.43 33.58 20.22
CA LYS D 16 -16.65 34.62 20.89
C LYS D 16 -15.25 34.70 20.30
N ASN D 17 -14.73 35.92 20.22
CA ASN D 17 -13.42 36.22 19.64
C ASN D 17 -13.37 36.00 18.14
N ASN D 18 -14.49 35.63 17.52
CA ASN D 18 -14.55 35.43 16.07
C ASN D 18 -13.49 34.44 15.59
N THR D 19 -13.23 33.41 16.39
CA THR D 19 -12.24 32.40 16.05
C THR D 19 -12.83 31.24 15.26
N VAL D 20 -14.13 31.24 15.00
CA VAL D 20 -14.80 30.16 14.28
C VAL D 20 -15.51 30.76 13.06
N GLY D 21 -15.25 30.18 11.90
CA GLY D 21 -15.89 30.63 10.67
C GLY D 21 -17.03 29.71 10.28
N LEU D 22 -18.26 30.25 10.24
CA LEU D 22 -19.44 29.46 9.92
C LEU D 22 -19.78 29.64 8.45
N ILE D 23 -19.92 28.53 7.74
CA ILE D 23 -20.32 28.51 6.34
C ILE D 23 -21.67 27.80 6.25
N GLN D 24 -22.70 28.53 5.83
CA GLN D 24 -24.04 28.00 5.72
C GLN D 24 -24.48 27.97 4.26
N LEU D 25 -25.25 26.96 3.89
CA LEU D 25 -25.78 26.80 2.55
C LEU D 25 -27.24 27.25 2.55
N ASN D 26 -27.53 28.37 1.89
CA ASN D 26 -28.86 28.97 1.88
C ASN D 26 -29.51 28.65 0.54
N ARG D 27 -30.22 27.53 0.50
CA ARG D 27 -31.01 27.14 -0.67
C ARG D 27 -32.19 26.27 -0.22
N PRO D 28 -33.12 26.82 0.57
CA PRO D 28 -34.22 26.00 1.09
C PRO D 28 -35.15 25.46 0.02
N LYS D 29 -35.15 26.04 -1.18
CA LYS D 29 -36.04 25.61 -2.24
C LYS D 29 -35.51 24.43 -3.05
N ALA D 30 -34.29 23.98 -2.75
CA ALA D 30 -33.72 22.83 -3.45
C ALA D 30 -33.03 21.86 -2.49
N LEU D 31 -33.32 21.94 -1.20
CA LEU D 31 -32.69 21.06 -0.21
C LEU D 31 -31.16 21.17 -0.28
N ASN D 32 -30.68 22.38 -0.56
CA ASN D 32 -29.23 22.64 -0.63
C ASN D 32 -28.56 21.76 -1.66
N ALA D 33 -29.16 21.68 -2.85
CA ALA D 33 -28.54 20.94 -3.95
C ALA D 33 -27.22 21.60 -4.33
N LEU D 34 -26.18 20.78 -4.44
CA LEU D 34 -24.81 21.28 -4.67
C LEU D 34 -24.62 21.52 -6.16
N CYS D 35 -24.86 22.76 -6.58
CA CYS D 35 -24.59 23.17 -7.95
C CYS D 35 -23.21 23.79 -8.05
N ASP D 36 -22.77 24.03 -9.29
CA ASP D 36 -21.44 24.62 -9.50
C ASP D 36 -21.33 25.98 -8.83
N GLY D 37 -22.36 26.83 -8.98
CA GLY D 37 -22.33 28.12 -8.32
C GLY D 37 -22.20 28.01 -6.81
N LEU D 38 -22.94 27.07 -6.22
CA LEU D 38 -22.85 26.87 -4.77
C LEU D 38 -21.45 26.38 -4.39
N ILE D 39 -20.90 25.45 -5.16
CA ILE D 39 -19.58 24.92 -4.84
C ILE D 39 -18.52 26.00 -4.98
N ASP D 40 -18.61 26.83 -6.03
CA ASP D 40 -17.64 27.90 -6.21
C ASP D 40 -17.66 28.86 -5.03
N GLU D 41 -18.85 29.25 -4.59
CA GLU D 41 -18.95 30.11 -3.41
C GLU D 41 -18.45 29.40 -2.16
N LEU D 42 -18.74 28.11 -2.04
CA LEU D 42 -18.24 27.35 -0.90
C LEU D 42 -16.72 27.32 -0.87
N ASN D 43 -16.09 27.15 -2.04
CA ASN D 43 -14.63 27.15 -2.09
C ASN D 43 -14.07 28.53 -1.77
N GLN D 44 -14.77 29.60 -2.17
CA GLN D 44 -14.31 30.94 -1.85
C GLN D 44 -14.34 31.18 -0.34
N ALA D 45 -15.46 30.82 0.31
CA ALA D 45 -15.56 31.00 1.76
C ALA D 45 -14.49 30.19 2.49
N LEU D 46 -14.22 28.97 2.01
CA LEU D 46 -13.20 28.14 2.64
C LEU D 46 -11.83 28.78 2.53
N LYS D 47 -11.51 29.34 1.36
CA LYS D 47 -10.21 29.98 1.17
C LYS D 47 -10.07 31.22 2.04
N THR D 48 -11.15 32.01 2.13
CA THR D 48 -11.11 33.23 2.93
C THR D 48 -10.87 32.90 4.40
N PHE D 49 -11.59 31.90 4.92
CA PHE D 49 -11.41 31.51 6.31
C PHE D 49 -10.07 30.81 6.52
N GLU D 50 -9.57 30.09 5.50
CA GLU D 50 -8.28 29.43 5.63
C GLU D 50 -7.14 30.44 5.71
N GLU D 51 -7.21 31.49 4.88
CA GLU D 51 -6.19 32.53 4.92
C GLU D 51 -6.35 33.49 6.09
N ASP D 52 -7.54 33.54 6.68
CA ASP D 52 -7.77 34.43 7.83
C ASP D 52 -6.92 33.96 9.00
N PRO D 53 -6.06 34.83 9.57
CA PRO D 53 -5.22 34.37 10.69
C PRO D 53 -5.97 34.18 11.99
N ALA D 54 -7.17 34.77 12.14
CA ALA D 54 -7.93 34.65 13.37
C ALA D 54 -8.78 33.39 13.42
N VAL D 55 -9.29 32.93 12.28
CA VAL D 55 -10.13 31.74 12.27
C VAL D 55 -9.26 30.52 12.49
N GLY D 56 -9.60 29.72 13.51
CA GLY D 56 -8.86 28.52 13.81
C GLY D 56 -9.57 27.26 13.37
N ALA D 57 -10.89 27.34 13.22
CA ALA D 57 -11.68 26.20 12.78
C ALA D 57 -12.88 26.70 12.00
N ILE D 58 -13.40 25.85 11.13
CA ILE D 58 -14.53 26.16 10.27
C ILE D 58 -15.67 25.20 10.60
N VAL D 59 -16.89 25.69 10.51
CA VAL D 59 -18.10 24.90 10.77
C VAL D 59 -18.98 24.98 9.53
N LEU D 60 -19.17 23.85 8.87
CA LEU D 60 -20.01 23.77 7.68
C LEU D 60 -21.40 23.27 8.09
N THR D 61 -22.43 24.01 7.72
CA THR D 61 -23.79 23.65 8.08
C THR D 61 -24.72 24.01 6.93
N GLY D 62 -25.94 23.49 7.00
CA GLY D 62 -26.97 23.80 6.02
C GLY D 62 -28.24 24.28 6.69
N GLY D 63 -29.38 23.68 6.32
CA GLY D 63 -30.65 24.01 6.91
C GLY D 63 -31.09 22.99 7.95
N ASP D 64 -32.21 23.32 8.62
CA ASP D 64 -32.75 22.44 9.64
C ASP D 64 -33.36 21.19 9.03
N LYS D 65 -33.84 21.29 7.78
CA LYS D 65 -34.49 20.16 7.10
C LYS D 65 -33.59 19.46 6.11
N ALA D 66 -32.50 20.09 5.66
CA ALA D 66 -31.60 19.44 4.71
C ALA D 66 -30.22 20.09 4.79
N PHE D 67 -29.21 19.28 5.10
CA PHE D 67 -27.84 19.75 5.02
C PHE D 67 -27.41 19.92 3.57
N ALA D 68 -27.56 18.87 2.77
CA ALA D 68 -27.31 18.94 1.34
C ALA D 68 -27.88 17.70 0.66
N ALA D 69 -28.69 17.89 -0.37
CA ALA D 69 -29.36 16.79 -1.05
C ALA D 69 -28.54 16.23 -2.21
N GLY D 70 -27.27 16.57 -2.30
CA GLY D 70 -26.41 16.08 -3.36
C GLY D 70 -26.27 17.09 -4.48
N ALA D 71 -25.63 16.65 -5.56
CA ALA D 71 -25.41 17.51 -6.71
C ALA D 71 -26.72 17.78 -7.45
N ASP D 72 -26.71 18.82 -8.27
CA ASP D 72 -27.88 19.22 -9.05
C ASP D 72 -28.01 18.27 -10.24
N ILE D 73 -29.01 17.39 -10.18
CA ILE D 73 -29.22 16.44 -11.27
C ILE D 73 -29.61 17.16 -12.56
N LYS D 74 -30.30 18.30 -12.44
CA LYS D 74 -30.72 19.03 -13.63
C LYS D 74 -29.53 19.48 -14.46
N GLU D 75 -28.36 19.66 -13.84
CA GLU D 75 -27.19 20.12 -14.57
C GLU D 75 -26.46 18.95 -15.24
N MET D 76 -26.21 17.87 -14.48
CA MET D 76 -25.49 16.72 -15.00
C MET D 76 -26.38 15.76 -15.78
N GLN D 77 -27.64 16.13 -16.03
CA GLN D 77 -28.55 15.24 -16.75
C GLN D 77 -28.05 14.98 -18.17
N ASN D 78 -27.75 16.04 -18.92
CA ASN D 78 -27.36 15.92 -20.31
C ASN D 78 -25.86 15.75 -20.51
N LEU D 79 -25.09 15.61 -19.43
CA LEU D 79 -23.66 15.43 -19.56
C LEU D 79 -23.34 14.08 -20.19
N SER D 80 -22.44 14.09 -21.17
CA SER D 80 -21.98 12.88 -21.82
C SER D 80 -20.67 12.40 -21.19
N PHE D 81 -20.22 11.21 -21.62
CA PHE D 81 -18.99 10.66 -21.09
C PHE D 81 -17.80 11.57 -21.36
N GLN D 82 -17.72 12.12 -22.57
CA GLN D 82 -16.62 13.02 -22.90
C GLN D 82 -16.69 14.29 -22.07
N ASP D 83 -17.89 14.72 -21.70
CA ASP D 83 -18.05 15.93 -20.91
C ASP D 83 -17.46 15.76 -19.51
N CYS D 84 -17.46 14.54 -18.99
CA CYS D 84 -16.92 14.33 -17.64
C CYS D 84 -15.40 14.45 -17.63
N TYR D 85 -14.73 13.98 -18.69
CA TYR D 85 -13.28 14.06 -18.80
C TYR D 85 -12.80 15.40 -19.32
N SER D 86 -13.64 16.43 -19.31
CA SER D 86 -13.27 17.75 -19.83
C SER D 86 -14.40 18.73 -19.58
N SER D 87 -14.23 19.94 -20.13
CA SER D 87 -15.35 20.87 -20.35
C SER D 87 -15.96 21.37 -19.04
N LYS D 88 -15.13 21.84 -18.11
CA LYS D 88 -15.60 22.59 -16.94
C LYS D 88 -16.35 21.75 -15.92
N PHE D 89 -16.57 20.46 -16.17
CA PHE D 89 -17.55 19.72 -15.40
C PHE D 89 -16.91 18.97 -14.22
N LEU D 90 -17.43 19.25 -13.03
CA LEU D 90 -17.22 18.41 -11.84
C LEU D 90 -15.75 18.23 -11.49
N LYS D 91 -15.03 19.33 -11.26
CA LYS D 91 -13.60 19.22 -10.93
C LYS D 91 -13.30 19.80 -9.54
N HIS D 92 -14.00 20.84 -9.13
CA HIS D 92 -13.69 21.57 -7.92
C HIS D 92 -14.44 21.07 -6.70
N TRP D 93 -14.82 19.79 -6.66
CA TRP D 93 -15.57 19.27 -5.52
C TRP D 93 -14.66 18.93 -4.34
N ASP D 94 -13.43 18.49 -4.61
CA ASP D 94 -12.55 18.01 -3.55
C ASP D 94 -11.73 19.11 -2.89
N HIS D 95 -12.07 20.38 -3.12
CA HIS D 95 -11.30 21.46 -2.50
C HIS D 95 -11.39 21.41 -0.98
N LEU D 96 -12.50 20.92 -0.44
CA LEU D 96 -12.67 20.87 1.01
C LEU D 96 -11.66 19.94 1.68
N THR D 97 -11.13 18.96 0.95
CA THR D 97 -10.15 18.04 1.53
C THR D 97 -8.77 18.66 1.64
N GLN D 98 -8.49 19.74 0.91
CA GLN D 98 -7.20 20.39 0.96
C GLN D 98 -7.11 21.47 2.03
N VAL D 99 -8.21 21.76 2.71
CA VAL D 99 -8.20 22.77 3.78
C VAL D 99 -7.42 22.19 4.96
N LYS D 100 -6.31 22.86 5.32
CA LYS D 100 -5.47 22.38 6.41
C LYS D 100 -6.08 22.62 7.77
N LYS D 101 -7.01 23.57 7.90
CA LYS D 101 -7.64 23.83 9.18
C LYS D 101 -8.76 22.83 9.44
N PRO D 102 -9.04 22.53 10.71
CA PRO D 102 -10.13 21.60 11.00
C PRO D 102 -11.47 22.14 10.54
N VAL D 103 -12.32 21.25 10.06
CA VAL D 103 -13.67 21.59 9.59
C VAL D 103 -14.65 20.65 10.25
N ILE D 104 -15.70 21.20 10.85
CA ILE D 104 -16.73 20.44 11.54
C ILE D 104 -18.00 20.51 10.71
N ALA D 105 -18.66 19.37 10.54
CA ALA D 105 -19.87 19.28 9.73
C ALA D 105 -21.09 19.17 10.64
N ALA D 106 -21.92 20.21 10.65
CA ALA D 106 -23.19 20.22 11.38
C ALA D 106 -24.28 19.79 10.42
N VAL D 107 -24.76 18.55 10.57
CA VAL D 107 -25.71 17.94 9.65
C VAL D 107 -27.08 17.96 10.30
N ASN D 108 -28.05 18.56 9.60
CA ASN D 108 -29.43 18.57 10.02
C ASN D 108 -30.32 18.11 8.87
N GLY D 109 -31.23 17.18 9.15
CA GLY D 109 -32.14 16.71 8.13
C GLY D 109 -31.45 15.83 7.10
N TYR D 110 -31.78 16.06 5.84
CA TYR D 110 -31.28 15.22 4.75
C TYR D 110 -29.80 15.49 4.49
N ALA D 111 -29.00 14.43 4.47
CA ALA D 111 -27.62 14.46 4.00
C ALA D 111 -27.47 13.30 3.01
N PHE D 112 -27.82 13.56 1.76
CA PHE D 112 -27.91 12.53 0.73
C PHE D 112 -26.86 12.76 -0.36
N GLY D 113 -26.25 11.68 -0.82
CA GLY D 113 -25.32 11.78 -1.93
C GLY D 113 -24.20 12.74 -1.64
N GLY D 114 -24.07 13.77 -2.50
CA GLY D 114 -23.02 14.75 -2.32
C GLY D 114 -23.01 15.36 -0.93
N GLY D 115 -24.17 15.45 -0.29
CA GLY D 115 -24.22 15.97 1.07
C GLY D 115 -23.52 15.07 2.06
N CYS D 116 -23.75 13.76 1.95
CA CYS D 116 -23.05 12.82 2.82
C CYS D 116 -21.57 12.80 2.50
N GLU D 117 -21.20 12.92 1.22
CA GLU D 117 -19.80 12.98 0.85
C GLU D 117 -19.12 14.23 1.40
N LEU D 118 -19.79 15.37 1.30
CA LEU D 118 -19.23 16.60 1.87
C LEU D 118 -19.04 16.47 3.37
N ALA D 119 -20.00 15.86 4.07
CA ALA D 119 -19.88 15.66 5.51
C ALA D 119 -18.72 14.73 5.82
N MET D 120 -18.60 13.63 5.09
CA MET D 120 -17.51 12.68 5.33
C MET D 120 -16.15 13.31 5.05
N MET D 121 -16.10 14.30 4.14
CA MET D 121 -14.84 14.96 3.84
C MET D 121 -14.36 15.82 5.00
N CYS D 122 -15.26 16.30 5.84
CA CYS D 122 -14.86 17.08 7.00
C CYS D 122 -14.20 16.19 8.05
N ASP D 123 -13.57 16.83 9.03
CA ASP D 123 -12.87 16.09 10.07
C ASP D 123 -13.84 15.56 11.12
N ILE D 124 -14.74 16.40 11.62
CA ILE D 124 -15.70 16.04 12.64
C ILE D 124 -17.10 16.26 12.08
N ILE D 125 -18.03 15.38 12.45
CA ILE D 125 -19.41 15.43 11.96
C ILE D 125 -20.33 15.38 13.17
N TYR D 126 -21.11 16.45 13.36
CA TYR D 126 -22.15 16.50 14.37
C TYR D 126 -23.50 16.42 13.67
N ALA D 127 -24.31 15.43 14.07
CA ALA D 127 -25.58 15.16 13.42
C ALA D 127 -26.73 15.50 14.36
N GLY D 128 -27.83 15.96 13.78
CA GLY D 128 -29.02 16.25 14.56
C GLY D 128 -29.82 15.00 14.89
N GLU D 129 -30.76 15.15 15.81
CA GLU D 129 -31.58 14.02 16.22
C GLU D 129 -32.38 13.45 15.06
N LYS D 130 -32.71 14.29 14.07
CA LYS D 130 -33.50 13.88 12.91
C LYS D 130 -32.66 13.78 11.64
N ALA D 131 -31.34 13.92 11.75
CA ALA D 131 -30.48 13.84 10.56
C ALA D 131 -30.58 12.45 9.93
N GLN D 132 -30.46 12.41 8.60
CA GLN D 132 -30.52 11.16 7.85
C GLN D 132 -29.41 11.16 6.81
N PHE D 133 -28.66 10.06 6.75
CA PHE D 133 -27.57 9.89 5.80
C PHE D 133 -27.93 8.77 4.83
N ALA D 134 -27.61 8.96 3.55
CA ALA D 134 -27.93 7.97 2.53
C ALA D 134 -27.06 8.22 1.31
N GLN D 135 -26.98 7.20 0.45
CA GLN D 135 -26.25 7.25 -0.81
C GLN D 135 -27.17 6.77 -1.92
N PRO D 136 -28.14 7.59 -2.32
CA PRO D 136 -29.12 7.17 -3.33
C PRO D 136 -28.64 7.20 -4.76
N GLU D 137 -27.32 7.32 -4.99
CA GLU D 137 -26.80 7.36 -6.35
C GLU D 137 -27.33 6.20 -7.19
N ILE D 138 -27.41 5.00 -6.60
CA ILE D 138 -27.80 3.83 -7.36
C ILE D 138 -29.23 3.96 -7.88
N LEU D 139 -30.06 4.72 -7.19
CA LEU D 139 -31.46 4.86 -7.58
C LEU D 139 -31.65 5.70 -8.84
N ILE D 140 -30.62 6.38 -9.31
CA ILE D 140 -30.70 7.21 -10.52
C ILE D 140 -29.72 6.74 -11.59
N GLY D 141 -29.17 5.54 -11.42
CA GLY D 141 -28.29 4.99 -12.45
C GLY D 141 -26.86 5.46 -12.38
N THR D 142 -26.38 5.87 -11.22
CA THR D 142 -25.01 6.34 -11.04
C THR D 142 -24.49 5.85 -9.70
N ILE D 143 -23.23 6.17 -9.42
CA ILE D 143 -22.58 5.79 -8.17
C ILE D 143 -21.92 7.03 -7.59
N PRO D 144 -21.58 7.00 -6.30
CA PRO D 144 -20.87 8.14 -5.71
C PRO D 144 -19.55 8.38 -6.44
N GLY D 145 -19.13 9.65 -6.46
CA GLY D 145 -17.94 10.03 -7.18
C GLY D 145 -17.01 10.97 -6.42
N ALA D 146 -17.31 11.23 -5.16
CA ALA D 146 -16.50 12.11 -4.33
C ALA D 146 -16.15 11.45 -3.00
N GLY D 147 -16.02 10.13 -2.99
CA GLY D 147 -15.65 9.39 -1.80
C GLY D 147 -16.79 8.70 -1.08
N GLY D 148 -17.99 8.67 -1.67
CA GLY D 148 -19.12 8.01 -1.05
C GLY D 148 -18.96 6.52 -0.85
N THR D 149 -18.00 5.90 -1.53
CA THR D 149 -17.77 4.47 -1.45
C THR D 149 -16.45 4.12 -0.74
N GLN D 150 -15.63 5.12 -0.41
CA GLN D 150 -14.35 4.90 0.25
C GLN D 150 -14.36 5.30 1.71
N ARG D 151 -14.79 6.52 2.02
CA ARG D 151 -14.83 6.97 3.40
C ARG D 151 -15.97 6.29 4.15
N LEU D 152 -17.12 6.13 3.52
CA LEU D 152 -18.24 5.45 4.16
C LEU D 152 -17.86 4.02 4.53
N THR D 153 -17.31 3.28 3.58
CA THR D 153 -16.93 1.89 3.84
C THR D 153 -15.92 1.81 4.98
N ARG D 154 -14.96 2.74 5.01
CA ARG D 154 -13.94 2.72 6.07
C ARG D 154 -14.51 3.07 7.44
N ALA D 155 -15.69 3.69 7.49
CA ALA D 155 -16.28 4.12 8.75
C ALA D 155 -17.34 3.14 9.26
N VAL D 156 -18.37 2.87 8.44
CA VAL D 156 -19.48 2.03 8.86
C VAL D 156 -19.27 0.56 8.53
N GLY D 157 -18.18 0.21 7.86
CA GLY D 157 -17.92 -1.17 7.51
C GLY D 157 -18.50 -1.55 6.16
N LYS D 158 -18.06 -2.71 5.66
CA LYS D 158 -18.51 -3.17 4.35
C LYS D 158 -19.97 -3.57 4.38
N SER D 159 -20.41 -4.25 5.45
CA SER D 159 -21.77 -4.74 5.51
C SER D 159 -22.79 -3.62 5.37
N LEU D 160 -22.67 -2.58 6.20
CA LEU D 160 -23.63 -1.49 6.16
C LEU D 160 -23.39 -0.59 4.95
N ALA D 161 -22.13 -0.41 4.55
CA ALA D 161 -21.83 0.42 3.39
C ALA D 161 -22.43 -0.20 2.12
N MET D 162 -22.30 -1.51 1.96
CA MET D 162 -22.87 -2.18 0.80
C MET D 162 -24.39 -1.96 0.73
N GLU D 163 -25.07 -2.12 1.87
CA GLU D 163 -26.51 -1.95 1.89
C GLU D 163 -26.91 -0.53 1.48
N MET D 164 -26.23 0.47 2.04
CA MET D 164 -26.57 1.85 1.74
C MET D 164 -26.28 2.18 0.28
N VAL D 165 -25.13 1.72 -0.23
CA VAL D 165 -24.73 2.08 -1.58
C VAL D 165 -25.52 1.28 -2.62
N LEU D 166 -25.77 0.00 -2.33
CA LEU D 166 -26.48 -0.85 -3.28
C LEU D 166 -27.98 -0.70 -3.20
N THR D 167 -28.53 -0.41 -2.02
CA THR D 167 -29.96 -0.24 -1.84
C THR D 167 -30.41 1.21 -1.80
N GLY D 168 -29.53 2.13 -1.42
CA GLY D 168 -29.89 3.53 -1.33
C GLY D 168 -30.74 3.89 -0.14
N ASP D 169 -30.79 3.02 0.89
CA ASP D 169 -31.62 3.29 2.05
C ASP D 169 -30.93 4.28 2.98
N ARG D 170 -31.73 4.90 3.84
CA ARG D 170 -31.22 5.90 4.76
C ARG D 170 -30.88 5.28 6.11
N ILE D 171 -29.97 5.92 6.84
CA ILE D 171 -29.64 5.55 8.20
C ILE D 171 -29.86 6.76 9.10
N SER D 172 -30.39 6.51 10.29
CA SER D 172 -30.68 7.57 11.22
C SER D 172 -29.41 8.07 11.90
N ALA D 173 -29.51 9.25 12.51
CA ALA D 173 -28.37 9.81 13.23
C ALA D 173 -27.91 8.85 14.33
N GLN D 174 -28.84 8.12 14.93
CA GLN D 174 -28.48 7.12 15.92
C GLN D 174 -27.72 5.96 15.28
N ASP D 175 -28.09 5.60 14.04
CA ASP D 175 -27.39 4.53 13.34
C ASP D 175 -26.00 4.98 12.91
N ALA D 176 -25.88 6.24 12.49
CA ALA D 176 -24.56 6.76 12.10
C ALA D 176 -23.61 6.84 13.29
N LYS D 177 -24.11 7.20 14.47
CA LYS D 177 -23.26 7.32 15.64
C LYS D 177 -22.77 5.94 16.10
N GLN D 178 -23.69 4.97 16.16
CA GLN D 178 -23.29 3.62 16.54
C GLN D 178 -22.35 2.99 15.51
N ALA D 179 -22.52 3.35 14.23
CA ALA D 179 -21.66 2.80 13.19
C ALA D 179 -20.30 3.50 13.14
N GLY D 180 -20.18 4.69 13.71
CA GLY D 180 -18.93 5.42 13.71
C GLY D 180 -18.81 6.51 12.66
N LEU D 181 -19.90 6.83 11.96
CA LEU D 181 -19.84 7.87 10.94
C LEU D 181 -19.86 9.27 11.56
N VAL D 182 -20.65 9.46 12.60
CA VAL D 182 -20.75 10.74 13.31
C VAL D 182 -20.28 10.54 14.74
N SER D 183 -19.74 11.60 15.32
CA SER D 183 -19.16 11.54 16.66
C SER D 183 -20.10 11.98 17.76
N LYS D 184 -21.09 12.83 17.46
CA LYS D 184 -21.97 13.37 18.48
C LYS D 184 -23.34 13.64 17.88
N ILE D 185 -24.38 13.39 18.68
CA ILE D 185 -25.76 13.70 18.33
C ILE D 185 -26.22 14.85 19.21
N CYS D 186 -26.60 15.96 18.59
CA CYS D 186 -27.03 17.16 19.28
C CYS D 186 -28.47 17.49 18.93
N PRO D 187 -29.17 18.24 19.78
CA PRO D 187 -30.55 18.62 19.46
C PRO D 187 -30.62 19.46 18.19
N VAL D 188 -31.77 19.38 17.52
CA VAL D 188 -31.96 20.14 16.29
C VAL D 188 -31.91 21.64 16.57
N GLU D 189 -32.29 22.04 17.78
CA GLU D 189 -32.33 23.46 18.12
C GLU D 189 -30.98 24.00 18.57
N THR D 190 -30.05 23.12 18.97
CA THR D 190 -28.75 23.56 19.47
C THR D 190 -27.60 22.80 18.80
N LEU D 191 -27.82 22.23 17.63
CA LEU D 191 -26.75 21.52 16.93
C LEU D 191 -25.66 22.48 16.49
N VAL D 192 -26.04 23.63 15.92
CA VAL D 192 -25.06 24.58 15.41
C VAL D 192 -24.23 25.14 16.56
N GLU D 193 -24.88 25.54 17.65
CA GLU D 193 -24.16 26.12 18.78
C GLU D 193 -23.12 25.14 19.32
N GLU D 194 -23.53 23.89 19.56
CA GLU D 194 -22.58 22.88 20.05
C GLU D 194 -21.45 22.69 19.06
N ALA D 195 -21.74 22.77 17.76
CA ALA D 195 -20.68 22.66 16.76
C ALA D 195 -19.73 23.85 16.84
N ILE D 196 -20.28 25.05 17.04
CA ILE D 196 -19.43 26.23 17.18
C ILE D 196 -18.59 26.12 18.45
N GLN D 197 -19.20 25.67 19.54
CA GLN D 197 -18.45 25.51 20.79
C GLN D 197 -17.27 24.56 20.59
N CYS D 198 -17.50 23.44 19.90
CA CYS D 198 -16.41 22.52 19.62
C CYS D 198 -15.33 23.19 18.77
N ALA D 199 -15.74 24.00 17.80
CA ALA D 199 -14.76 24.71 16.98
C ALA D 199 -13.94 25.69 17.81
N GLU D 200 -14.59 26.37 18.76
CA GLU D 200 -13.87 27.31 19.61
C GLU D 200 -12.80 26.60 20.42
N LYS D 201 -13.12 25.42 20.96
CA LYS D 201 -12.14 24.66 21.73
C LYS D 201 -10.95 24.28 20.86
N ILE D 202 -11.21 23.91 19.60
CA ILE D 202 -10.12 23.53 18.70
C ILE D 202 -9.28 24.74 18.32
N ALA D 203 -9.92 25.91 18.23
CA ALA D 203 -9.23 27.12 17.82
C ALA D 203 -8.56 27.81 19.00
N SER D 204 -8.46 27.12 20.14
CA SER D 204 -7.84 27.67 21.33
C SER D 204 -6.42 27.16 21.55
N ASN D 205 -5.94 26.24 20.71
CA ASN D 205 -4.60 25.67 20.82
C ASN D 205 -3.74 26.16 19.66
N SER D 206 -2.48 25.70 19.66
CA SER D 206 -1.54 26.09 18.62
C SER D 206 -2.03 25.62 17.26
N LYS D 207 -2.21 26.57 16.34
CA LYS D 207 -2.71 26.23 15.01
C LYS D 207 -1.74 25.31 14.28
N ILE D 208 -0.44 25.53 14.47
CA ILE D 208 0.55 24.69 13.79
C ILE D 208 0.46 23.26 14.29
N VAL D 209 0.33 23.08 15.61
CA VAL D 209 0.20 21.73 16.16
C VAL D 209 -1.13 21.12 15.75
N VAL D 210 -2.18 21.93 15.65
CA VAL D 210 -3.48 21.44 15.21
C VAL D 210 -3.38 20.93 13.77
N ALA D 211 -2.67 21.67 12.91
CA ALA D 211 -2.50 21.24 11.53
C ALA D 211 -1.73 19.93 11.46
N MET D 212 -0.62 19.83 12.20
CA MET D 212 0.15 18.59 12.21
C MET D 212 -0.69 17.43 12.73
N ALA D 213 -1.53 17.69 13.74
CA ALA D 213 -2.38 16.63 14.27
C ALA D 213 -3.37 16.15 13.22
N LYS D 214 -4.06 17.08 12.55
CA LYS D 214 -5.01 16.70 11.52
C LYS D 214 -4.34 15.87 10.43
N GLU D 215 -3.15 16.29 9.99
CA GLU D 215 -2.42 15.54 8.97
C GLU D 215 -2.05 14.15 9.48
N SER D 216 -1.77 14.03 10.77
CA SER D 216 -1.41 12.73 11.32
C SER D 216 -2.60 11.79 11.36
N VAL D 217 -3.81 12.34 11.56
CA VAL D 217 -5.01 11.51 11.58
C VAL D 217 -5.36 11.04 10.18
N ASN D 218 -5.33 11.98 9.21
CA ASN D 218 -5.59 11.60 7.82
C ASN D 218 -4.56 10.60 7.32
N ALA D 219 -3.36 10.60 7.91
CA ALA D 219 -2.32 9.68 7.49
C ALA D 219 -2.74 8.23 7.71
N ALA D 220 -3.68 7.98 8.61
CA ALA D 220 -4.09 6.62 8.91
C ALA D 220 -4.75 5.93 7.73
N PHE D 221 -5.33 6.69 6.80
CA PHE D 221 -6.05 6.13 5.67
C PHE D 221 -5.22 6.13 4.38
N GLU D 222 -3.92 6.39 4.45
CA GLU D 222 -3.10 6.50 3.26
C GLU D 222 -1.84 5.64 3.31
N MET D 223 -1.50 5.09 4.44
CA MET D 223 -0.34 4.24 4.57
C MET D 223 -0.55 3.04 5.44
N THR D 224 0.46 2.21 5.59
CA THR D 224 0.40 1.07 6.49
C THR D 224 0.62 1.54 7.93
N LEU D 225 0.25 0.68 8.87
CA LEU D 225 0.40 1.02 10.29
C LEU D 225 1.86 1.25 10.65
N THR D 226 2.77 0.49 10.04
CA THR D 226 4.19 0.64 10.35
C THR D 226 4.70 2.00 9.90
N GLU D 227 4.42 2.38 8.66
CA GLU D 227 4.90 3.67 8.15
C GLU D 227 4.14 4.84 8.77
N GLY D 228 2.85 4.67 9.02
CA GLY D 228 2.09 5.73 9.66
C GLY D 228 2.62 6.08 11.04
N SER D 229 3.10 5.09 11.78
CA SER D 229 3.66 5.36 13.10
C SER D 229 4.96 6.15 12.99
N LYS D 230 5.79 5.85 11.99
CA LYS D 230 7.04 6.57 11.83
C LYS D 230 6.81 8.02 11.43
N LEU D 231 5.80 8.27 10.59
CA LEU D 231 5.47 9.65 10.25
C LEU D 231 4.94 10.40 11.45
N GLU D 232 4.07 9.76 12.25
CA GLU D 232 3.58 10.39 13.47
C GLU D 232 4.74 10.70 14.41
N LYS D 233 5.73 9.80 14.50
CA LYS D 233 6.88 10.05 15.34
C LYS D 233 7.70 11.22 14.80
N LYS D 234 7.87 11.29 13.47
CA LYS D 234 8.61 12.40 12.88
C LYS D 234 7.88 13.72 13.09
N LEU D 235 6.55 13.72 12.91
CA LEU D 235 5.78 14.92 13.19
C LEU D 235 5.86 15.29 14.67
N PHE D 236 5.97 14.28 15.55
CA PHE D 236 6.14 14.55 16.97
C PHE D 236 7.50 15.20 17.23
N TYR D 237 8.53 14.77 16.51
CA TYR D 237 9.83 15.42 16.63
C TYR D 237 9.79 16.83 16.06
N SER D 238 9.01 17.03 15.00
CA SER D 238 8.99 18.34 14.34
C SER D 238 8.38 19.41 15.22
N THR D 239 7.28 19.09 15.91
CA THR D 239 6.60 20.08 16.73
C THR D 239 7.49 20.63 17.84
N PHE D 240 8.55 19.91 18.22
CA PHE D 240 9.47 20.42 19.23
C PHE D 240 10.21 21.67 18.78
N ALA D 241 10.27 21.95 17.48
CA ALA D 241 10.90 23.16 16.98
C ALA D 241 10.03 24.39 17.15
N THR D 242 8.75 24.22 17.49
CA THR D 242 7.84 25.34 17.68
C THR D 242 7.95 25.89 19.10
N ASP D 243 7.51 27.13 19.28
CA ASP D 243 7.51 27.75 20.60
C ASP D 243 6.30 27.34 21.43
N ASP D 244 5.16 27.06 20.77
CA ASP D 244 3.98 26.63 21.50
C ASP D 244 4.26 25.34 22.28
N ARG D 245 5.06 24.45 21.71
CA ARG D 245 5.42 23.22 22.42
C ARG D 245 6.07 23.52 23.76
N LYS D 246 7.04 24.44 23.77
CA LYS D 246 7.69 24.81 25.02
C LYS D 246 6.72 25.51 25.97
N GLU D 247 5.88 26.39 25.44
CA GLU D 247 4.94 27.12 26.29
C GLU D 247 3.89 26.19 26.87
N GLY D 248 3.34 25.30 26.04
CA GLY D 248 2.29 24.40 26.52
C GLY D 248 2.77 23.50 27.64
N MET D 249 3.94 22.88 27.46
CA MET D 249 4.46 21.98 28.48
C MET D 249 4.89 22.75 29.72
N THR D 250 5.52 23.92 29.54
CA THR D 250 5.95 24.72 30.68
C THR D 250 4.77 25.07 31.57
N ALA D 251 3.64 25.47 30.97
CA ALA D 251 2.46 25.80 31.75
C ALA D 251 1.97 24.59 32.54
N PHE D 252 2.05 23.39 31.94
CA PHE D 252 1.62 22.19 32.63
C PHE D 252 2.49 21.93 33.87
N VAL D 253 3.81 22.07 33.72
CA VAL D 253 4.71 21.83 34.84
C VAL D 253 4.49 22.87 35.93
N GLU D 254 4.07 24.08 35.56
CA GLU D 254 3.85 25.16 36.51
C GLU D 254 2.40 25.29 36.95
N LYS D 255 1.50 24.46 36.42
CA LYS D 255 0.09 24.48 36.80
C LYS D 255 -0.53 25.84 36.49
N ARG D 256 -0.49 26.22 35.21
CA ARG D 256 -1.05 27.47 34.76
C ARG D 256 -1.60 27.30 33.35
N LYS D 257 -2.27 28.34 32.86
CA LYS D 257 -2.83 28.30 31.52
C LYS D 257 -1.76 28.67 30.50
N ALA D 258 -1.67 27.88 29.43
CA ALA D 258 -0.70 28.14 28.37
C ALA D 258 -1.25 29.16 27.39
N ASN D 259 -0.40 30.12 27.00
CA ASN D 259 -0.77 31.17 26.04
C ASN D 259 -0.03 30.88 24.74
N PHE D 260 -0.66 30.08 23.88
CA PHE D 260 -0.04 29.70 22.62
C PHE D 260 0.03 30.90 21.67
N LYS D 261 1.13 30.99 20.93
CA LYS D 261 1.34 32.05 19.97
C LYS D 261 1.21 31.61 18.52
N ASP D 262 0.88 30.34 18.27
CA ASP D 262 0.74 29.81 16.93
C ASP D 262 2.06 29.85 16.17
N GLN D 263 3.15 29.51 16.86
CA GLN D 263 4.47 29.49 16.25
C GLN D 263 5.43 28.63 17.07
N ALA E 4 11.12 -8.87 41.71
CA ALA E 4 12.55 -8.45 41.59
C ALA E 4 12.76 -7.10 42.28
N ASN E 5 13.89 -6.46 41.97
CA ASN E 5 14.23 -5.16 42.55
C ASN E 5 13.61 -3.99 41.78
N PHE E 6 12.56 -4.23 41.02
CA PHE E 6 11.92 -3.15 40.27
C PHE E 6 11.51 -2.02 41.21
N GLU E 7 11.50 -0.80 40.68
CA GLU E 7 11.15 0.39 41.44
C GLU E 7 9.86 1.06 40.98
N TYR E 8 9.37 0.76 39.77
CA TYR E 8 8.17 1.39 39.25
C TYR E 8 7.08 0.40 38.85
N ILE E 9 7.38 -0.90 38.83
CA ILE E 9 6.41 -1.92 38.42
C ILE E 9 6.48 -3.09 39.38
N ILE E 10 5.44 -3.92 39.33
CA ILE E 10 5.34 -5.13 40.13
C ILE E 10 4.99 -6.26 39.17
N ALA E 11 5.99 -7.04 38.78
CA ALA E 11 5.83 -8.14 37.83
C ALA E 11 5.69 -9.45 38.58
N GLU E 12 4.67 -10.23 38.23
CA GLU E 12 4.45 -11.52 38.86
C GLU E 12 3.61 -12.38 37.92
N LYS E 13 3.59 -13.69 38.20
CA LYS E 13 2.85 -14.65 37.40
C LYS E 13 1.60 -15.06 38.18
N ARG E 14 0.44 -14.69 37.66
CA ARG E 14 -0.84 -14.98 38.29
C ARG E 14 -1.57 -16.09 37.54
N GLY E 15 -2.68 -16.54 38.12
CA GLY E 15 -3.50 -17.56 37.51
C GLY E 15 -3.03 -18.96 37.88
N LYS E 16 -3.93 -19.92 37.65
CA LYS E 16 -3.61 -21.31 37.94
C LYS E 16 -2.53 -21.81 36.99
N ASN E 17 -1.64 -22.65 37.51
CA ASN E 17 -0.52 -23.27 36.81
C ASN E 17 0.56 -22.24 36.46
N ASN E 18 0.40 -20.98 36.83
CA ASN E 18 1.39 -19.94 36.54
C ASN E 18 1.66 -19.86 35.03
N THR E 19 0.61 -19.55 34.28
CA THR E 19 0.68 -19.44 32.83
C THR E 19 0.42 -18.02 32.34
N VAL E 20 0.11 -17.08 33.23
CA VAL E 20 -0.18 -15.70 32.87
C VAL E 20 0.75 -14.79 33.67
N GLY E 21 1.43 -13.87 32.97
CA GLY E 21 2.31 -12.92 33.60
C GLY E 21 1.64 -11.57 33.74
N LEU E 22 1.57 -11.08 34.97
CA LEU E 22 0.93 -9.81 35.27
C LEU E 22 2.00 -8.75 35.48
N ILE E 23 1.89 -7.65 34.72
CA ILE E 23 2.79 -6.51 34.84
C ILE E 23 1.97 -5.32 35.32
N GLN E 24 2.23 -4.88 36.55
CA GLN E 24 1.51 -3.78 37.16
C GLN E 24 2.44 -2.58 37.33
N LEU E 25 1.93 -1.40 37.01
CA LEU E 25 2.68 -0.16 37.17
C LEU E 25 2.36 0.45 38.54
N ASN E 26 3.38 0.56 39.39
CA ASN E 26 3.23 1.05 40.75
C ASN E 26 3.80 2.47 40.82
N ARG E 27 2.91 3.45 40.69
CA ARG E 27 3.29 4.86 40.81
C ARG E 27 2.04 5.68 41.14
N PRO E 28 1.44 5.48 42.31
CA PRO E 28 0.18 6.18 42.63
C PRO E 28 0.34 7.67 42.88
N LYS E 29 1.56 8.19 42.94
CA LYS E 29 1.80 9.60 43.19
C LYS E 29 1.94 10.42 41.91
N ALA E 30 1.93 9.77 40.74
CA ALA E 30 2.03 10.47 39.47
C ALA E 30 1.03 9.95 38.44
N LEU E 31 0.01 9.21 38.87
CA LEU E 31 -0.98 8.65 37.95
C LEU E 31 -0.33 7.76 36.91
N ASN E 32 0.68 6.99 37.34
CA ASN E 32 1.39 6.06 36.46
C ASN E 32 2.00 6.80 35.28
N ALA E 33 2.83 7.79 35.58
CA ALA E 33 3.54 8.52 34.53
C ALA E 33 4.58 7.63 33.89
N LEU E 34 4.64 7.62 32.56
CA LEU E 34 5.54 6.74 31.82
C LEU E 34 6.87 7.44 31.63
N CYS E 35 7.72 7.32 32.64
CA CYS E 35 9.09 7.84 32.57
C CYS E 35 10.03 6.78 32.00
N ASP E 36 11.28 7.20 31.74
CA ASP E 36 12.26 6.27 31.19
C ASP E 36 12.50 5.11 32.14
N GLY E 37 12.52 5.36 33.44
CA GLY E 37 12.72 4.29 34.41
C GLY E 37 11.60 3.28 34.36
N LEU E 38 10.36 3.76 34.26
CA LEU E 38 9.22 2.84 34.16
C LEU E 38 9.30 2.05 32.86
N ILE E 39 9.59 2.71 31.75
CA ILE E 39 9.65 2.03 30.47
C ILE E 39 10.78 1.01 30.45
N ASP E 40 11.92 1.35 31.06
CA ASP E 40 13.04 0.42 31.10
C ASP E 40 12.65 -0.86 31.84
N GLU E 41 11.99 -0.72 32.99
CA GLU E 41 11.54 -1.89 33.72
C GLU E 41 10.42 -2.63 32.99
N LEU E 42 9.51 -1.87 32.37
CA LEU E 42 8.43 -2.49 31.60
C LEU E 42 8.99 -3.38 30.50
N ASN E 43 10.02 -2.90 29.80
CA ASN E 43 10.63 -3.71 28.75
C ASN E 43 11.30 -4.95 29.33
N GLN E 44 11.93 -4.81 30.50
CA GLN E 44 12.55 -5.97 31.15
C GLN E 44 11.50 -6.99 31.56
N ALA E 45 10.40 -6.54 32.14
CA ALA E 45 9.33 -7.46 32.54
C ALA E 45 8.74 -8.17 31.32
N LEU E 46 8.60 -7.45 30.21
CA LEU E 46 8.07 -8.07 29.00
C LEU E 46 9.06 -9.08 28.43
N LYS E 47 10.36 -8.80 28.56
CA LYS E 47 11.37 -9.71 28.01
C LYS E 47 11.38 -11.03 28.76
N THR E 48 11.44 -10.98 30.10
CA THR E 48 11.51 -12.21 30.88
C THR E 48 10.26 -13.05 30.67
N PHE E 49 9.09 -12.41 30.61
CA PHE E 49 7.86 -13.16 30.38
C PHE E 49 7.82 -13.73 28.96
N GLU E 50 8.39 -13.02 27.99
CA GLU E 50 8.42 -13.54 26.63
C GLU E 50 9.34 -14.74 26.52
N GLU E 51 10.48 -14.70 27.22
CA GLU E 51 11.42 -15.83 27.19
C GLU E 51 10.98 -16.96 28.11
N ASP E 52 10.10 -16.70 29.06
CA ASP E 52 9.62 -17.75 29.96
C ASP E 52 8.76 -18.73 29.18
N PRO E 53 9.13 -20.01 29.11
CA PRO E 53 8.32 -20.97 28.34
C PRO E 53 6.98 -21.28 28.99
N ALA E 54 6.81 -21.02 30.28
CA ALA E 54 5.56 -21.33 30.96
C ALA E 54 4.50 -20.28 30.71
N VAL E 55 4.89 -19.01 30.61
CA VAL E 55 3.92 -17.94 30.39
C VAL E 55 3.41 -18.00 28.97
N GLY E 56 2.09 -18.00 28.81
CA GLY E 56 1.48 -18.05 27.50
C GLY E 56 0.90 -16.71 27.08
N ALA E 57 0.55 -15.87 28.06
CA ALA E 57 -0.01 -14.56 27.79
C ALA E 57 0.39 -13.61 28.91
N ILE E 58 0.36 -12.32 28.61
CA ILE E 58 0.74 -11.27 29.54
C ILE E 58 -0.45 -10.34 29.74
N VAL E 59 -0.57 -9.80 30.95
CA VAL E 59 -1.63 -8.86 31.30
C VAL E 59 -0.97 -7.60 31.84
N LEU E 60 -1.19 -6.48 31.14
CA LEU E 60 -0.66 -5.19 31.55
C LEU E 60 -1.76 -4.38 32.22
N THR E 61 -1.50 -3.93 33.44
CA THR E 61 -2.51 -3.22 34.23
C THR E 61 -1.83 -2.10 35.00
N GLY E 62 -2.66 -1.21 35.54
CA GLY E 62 -2.17 -0.10 36.35
C GLY E 62 -2.79 -0.08 37.72
N GLY E 63 -3.22 1.10 38.17
CA GLY E 63 -3.88 1.26 39.45
C GLY E 63 -5.39 1.32 39.32
N ASP E 64 -6.04 1.45 40.48
CA ASP E 64 -7.49 1.60 40.49
C ASP E 64 -7.92 3.00 40.06
N LYS E 65 -7.03 3.99 40.18
CA LYS E 65 -7.37 5.36 39.82
C LYS E 65 -6.82 5.77 38.46
N ALA E 66 -5.72 5.17 38.00
CA ALA E 66 -5.13 5.56 36.73
C ALA E 66 -4.32 4.40 36.15
N PHE E 67 -4.52 4.13 34.87
CA PHE E 67 -3.72 3.13 34.17
C PHE E 67 -2.36 3.71 33.78
N ALA E 68 -2.36 4.83 33.06
CA ALA E 68 -1.12 5.52 32.71
C ALA E 68 -1.43 6.93 32.22
N ALA E 69 -0.81 7.93 32.84
CA ALA E 69 -1.07 9.34 32.52
C ALA E 69 -0.09 9.91 31.51
N GLY E 70 0.42 9.08 30.60
CA GLY E 70 1.32 9.55 29.57
C GLY E 70 2.74 9.73 30.06
N ALA E 71 3.61 10.11 29.12
CA ALA E 71 5.02 10.32 29.44
C ALA E 71 5.18 11.45 30.45
N ASP E 72 6.33 11.46 31.12
CA ASP E 72 6.63 12.50 32.11
C ASP E 72 6.93 13.80 31.40
N ILE E 73 6.03 14.79 31.54
CA ILE E 73 6.24 16.08 30.90
C ILE E 73 7.46 16.78 31.49
N LYS E 74 7.73 16.58 32.78
CA LYS E 74 8.85 17.23 33.42
C LYS E 74 10.20 16.77 32.88
N GLU E 75 10.24 15.66 32.13
CA GLU E 75 11.48 15.14 31.59
C GLU E 75 11.73 15.58 30.15
N MET E 76 10.67 15.89 29.40
CA MET E 76 10.81 16.33 28.01
C MET E 76 10.58 17.83 27.85
N GLN E 77 10.47 18.58 28.95
CA GLN E 77 10.21 20.02 28.85
C GLN E 77 11.34 20.74 28.14
N ASN E 78 12.58 20.44 28.54
CA ASN E 78 13.76 21.14 28.01
C ASN E 78 14.41 20.41 26.86
N LEU E 79 13.70 19.49 26.22
CA LEU E 79 14.28 18.76 25.09
C LEU E 79 14.34 19.64 23.85
N SER E 80 15.36 19.41 23.03
CA SER E 80 15.52 20.13 21.78
C SER E 80 15.18 19.23 20.60
N PHE E 81 14.94 19.86 19.45
CA PHE E 81 14.64 19.10 18.24
C PHE E 81 15.76 18.13 17.90
N GLN E 82 17.00 18.52 18.17
CA GLN E 82 18.13 17.64 17.91
C GLN E 82 18.19 16.50 18.90
N ASP E 83 17.75 16.73 20.15
CA ASP E 83 17.79 15.66 21.15
C ASP E 83 16.83 14.53 20.80
N CYS E 84 15.62 14.88 20.37
CA CYS E 84 14.64 13.86 20.03
C CYS E 84 15.10 13.03 18.85
N TYR E 85 15.81 13.64 17.90
CA TYR E 85 16.25 12.96 16.69
C TYR E 85 17.59 12.27 16.85
N SER E 86 18.39 12.64 17.85
CA SER E 86 19.74 12.09 17.97
C SER E 86 20.02 11.51 19.36
N SER E 87 19.49 12.12 20.40
CA SER E 87 19.85 11.74 21.77
C SER E 87 19.05 10.52 22.24
N LYS E 88 19.36 10.07 23.46
CA LYS E 88 18.71 8.91 24.06
C LYS E 88 17.27 9.17 24.45
N PHE E 89 16.88 10.43 24.62
CA PHE E 89 15.58 10.76 25.18
C PHE E 89 14.45 10.27 24.27
N LEU E 90 13.37 9.78 24.90
CA LEU E 90 12.16 9.38 24.19
C LEU E 90 12.45 8.23 23.21
N LYS E 91 12.89 7.09 23.75
CA LYS E 91 13.19 5.92 22.96
C LYS E 91 12.74 4.66 23.71
N HIS E 92 12.72 3.55 22.99
CA HIS E 92 12.36 2.23 23.52
C HIS E 92 10.89 2.14 23.93
N TRP E 93 10.01 2.89 23.26
CA TRP E 93 8.58 2.83 23.59
C TRP E 93 7.84 1.77 22.78
N ASP E 94 8.39 1.35 21.65
CA ASP E 94 7.71 0.41 20.75
C ASP E 94 8.07 -1.05 21.04
N HIS E 95 8.77 -1.32 22.14
CA HIS E 95 9.11 -2.71 22.47
C HIS E 95 7.87 -3.54 22.73
N LEU E 96 6.79 -2.92 23.22
CA LEU E 96 5.56 -3.67 23.49
C LEU E 96 4.99 -4.28 22.21
N THR E 97 5.16 -3.60 21.08
CA THR E 97 4.65 -4.10 19.81
C THR E 97 5.44 -5.27 19.25
N GLN E 98 6.69 -5.46 19.69
CA GLN E 98 7.52 -6.56 19.22
C GLN E 98 7.30 -7.84 20.02
N VAL E 99 6.55 -7.80 21.10
CA VAL E 99 6.29 -9.00 21.89
C VAL E 99 5.42 -9.95 21.07
N LYS E 100 5.92 -11.16 20.82
CA LYS E 100 5.18 -12.12 20.00
C LYS E 100 4.04 -12.76 20.76
N LYS E 101 4.09 -12.80 22.09
CA LYS E 101 3.02 -13.39 22.85
C LYS E 101 1.86 -12.40 23.01
N PRO E 102 0.64 -12.90 23.17
CA PRO E 102 -0.50 -11.98 23.36
C PRO E 102 -0.35 -11.17 24.63
N VAL E 103 -0.87 -9.94 24.60
CA VAL E 103 -0.83 -9.03 25.73
C VAL E 103 -2.21 -8.40 25.88
N ILE E 104 -2.75 -8.43 27.09
CA ILE E 104 -4.06 -7.87 27.39
C ILE E 104 -3.86 -6.64 28.27
N ALA E 105 -4.59 -5.57 27.97
CA ALA E 105 -4.47 -4.31 28.69
C ALA E 105 -5.68 -4.13 29.59
N ALA E 106 -5.48 -4.29 30.90
CA ALA E 106 -6.52 -4.03 31.89
C ALA E 106 -6.45 -2.56 32.28
N VAL E 107 -7.39 -1.77 31.76
CA VAL E 107 -7.38 -0.32 31.91
C VAL E 107 -8.38 0.05 33.00
N ASN E 108 -7.88 0.66 34.07
CA ASN E 108 -8.72 1.18 35.14
C ASN E 108 -8.41 2.66 35.35
N GLY E 109 -9.47 3.48 35.32
CA GLY E 109 -9.30 4.91 35.54
C GLY E 109 -8.74 5.61 34.32
N TYR E 110 -7.84 6.56 34.57
CA TYR E 110 -7.29 7.39 33.51
C TYR E 110 -6.37 6.59 32.62
N ALA E 111 -6.61 6.66 31.31
CA ALA E 111 -5.70 6.17 30.28
C ALA E 111 -5.53 7.29 29.26
N PHE E 112 -4.61 8.21 29.55
CA PHE E 112 -4.46 9.43 28.78
C PHE E 112 -3.10 9.46 28.09
N GLY E 113 -3.07 10.02 26.89
CA GLY E 113 -1.80 10.19 26.18
C GLY E 113 -1.08 8.87 26.00
N GLY E 114 0.16 8.82 26.47
CA GLY E 114 0.97 7.62 26.35
C GLY E 114 0.28 6.39 26.90
N GLY E 115 -0.59 6.58 27.90
CA GLY E 115 -1.34 5.46 28.43
C GLY E 115 -2.35 4.89 27.45
N CYS E 116 -3.02 5.77 26.70
CA CYS E 116 -3.93 5.29 25.66
C CYS E 116 -3.17 4.60 24.54
N GLU E 117 -2.01 5.14 24.18
CA GLU E 117 -1.19 4.51 23.16
C GLU E 117 -0.61 3.19 23.66
N LEU E 118 -0.17 3.15 24.91
CA LEU E 118 0.32 1.89 25.48
C LEU E 118 -0.77 0.83 25.48
N ALA E 119 -2.01 1.21 25.79
CA ALA E 119 -3.11 0.26 25.78
C ALA E 119 -3.43 -0.18 24.35
N MET E 120 -3.41 0.75 23.40
CA MET E 120 -3.69 0.40 22.02
C MET E 120 -2.63 -0.50 21.43
N MET E 121 -1.40 -0.45 21.95
CA MET E 121 -0.34 -1.34 21.46
C MET E 121 -0.60 -2.79 21.82
N CYS E 122 -1.39 -3.06 22.87
CA CYS E 122 -1.71 -4.42 23.24
C CYS E 122 -2.72 -5.02 22.27
N ASP E 123 -2.89 -6.35 22.37
CA ASP E 123 -3.81 -7.04 21.47
C ASP E 123 -5.26 -6.89 21.93
N ILE E 124 -5.52 -7.00 23.23
CA ILE E 124 -6.86 -6.90 23.78
C ILE E 124 -6.84 -5.88 24.91
N ILE E 125 -7.93 -5.13 25.05
CA ILE E 125 -8.05 -4.08 26.06
C ILE E 125 -9.34 -4.32 26.83
N TYR E 126 -9.22 -4.60 28.12
CA TYR E 126 -10.35 -4.69 29.03
C TYR E 126 -10.39 -3.43 29.88
N ALA E 127 -11.51 -2.73 29.84
CA ALA E 127 -11.66 -1.45 30.51
C ALA E 127 -12.64 -1.56 31.68
N GLY E 128 -12.42 -0.74 32.70
CA GLY E 128 -13.33 -0.71 33.83
C GLY E 128 -14.53 0.18 33.57
N GLU E 129 -15.53 0.05 34.44
CA GLU E 129 -16.74 0.85 34.30
C GLU E 129 -16.44 2.33 34.39
N LYS E 130 -15.39 2.72 35.11
CA LYS E 130 -15.02 4.11 35.29
C LYS E 130 -13.78 4.50 34.49
N ALA E 131 -13.34 3.65 33.56
CA ALA E 131 -12.15 3.96 32.77
C ALA E 131 -12.45 5.09 31.79
N GLN E 132 -11.41 5.85 31.46
CA GLN E 132 -11.52 6.97 30.54
C GLN E 132 -10.31 7.01 29.63
N PHE E 133 -10.54 7.30 28.36
CA PHE E 133 -9.48 7.39 27.35
C PHE E 133 -9.49 8.78 26.73
N ALA E 134 -8.30 9.30 26.42
CA ALA E 134 -8.17 10.63 25.85
C ALA E 134 -6.78 10.79 25.26
N GLN E 135 -6.65 11.80 24.39
CA GLN E 135 -5.39 12.17 23.76
C GLN E 135 -5.21 13.68 23.94
N PRO E 136 -4.92 14.14 25.16
CA PRO E 136 -4.81 15.57 25.42
C PRO E 136 -3.51 16.21 24.98
N GLU E 137 -2.70 15.52 24.15
CA GLU E 137 -1.43 16.10 23.70
C GLU E 137 -1.62 17.49 23.11
N ILE E 138 -2.74 17.71 22.41
CA ILE E 138 -2.97 18.99 21.76
C ILE E 138 -3.07 20.13 22.77
N LEU E 139 -3.43 19.82 24.02
CA LEU E 139 -3.57 20.86 25.04
C LEU E 139 -2.24 21.37 25.56
N ILE E 140 -1.13 20.70 25.24
CA ILE E 140 0.18 21.10 25.70
C ILE E 140 1.10 21.47 24.53
N GLY E 141 0.54 21.59 23.33
CA GLY E 141 1.32 21.99 22.17
C GLY E 141 2.11 20.86 21.54
N THR E 142 1.57 19.64 21.54
CA THR E 142 2.22 18.49 20.93
C THR E 142 1.16 17.54 20.41
N ILE E 143 1.61 16.53 19.66
CA ILE E 143 0.73 15.51 19.10
C ILE E 143 1.15 14.14 19.63
N PRO E 144 0.31 13.12 19.49
CA PRO E 144 0.73 11.77 19.90
C PRO E 144 1.98 11.35 19.12
N GLY E 145 2.78 10.49 19.76
CA GLY E 145 4.03 10.07 19.17
C GLY E 145 4.31 8.58 19.29
N ALA E 146 3.30 7.81 19.69
CA ALA E 146 3.42 6.36 19.83
C ALA E 146 2.19 5.67 19.25
N GLY E 147 1.74 6.14 18.08
CA GLY E 147 0.59 5.55 17.43
C GLY E 147 -0.75 6.01 17.95
N GLY E 148 -0.79 7.13 18.68
CA GLY E 148 -2.05 7.62 19.21
C GLY E 148 -3.06 8.01 18.14
N THR E 149 -2.58 8.38 16.95
CA THR E 149 -3.46 8.74 15.85
C THR E 149 -3.68 7.58 14.88
N GLN E 150 -2.65 6.77 14.67
CA GLN E 150 -2.77 5.66 13.72
C GLN E 150 -3.71 4.58 14.25
N ARG E 151 -3.41 4.03 15.43
CA ARG E 151 -4.23 2.96 15.98
C ARG E 151 -5.59 3.44 16.43
N LEU E 152 -5.69 4.68 16.93
CA LEU E 152 -6.98 5.20 17.36
C LEU E 152 -7.91 5.39 16.16
N THR E 153 -7.43 6.05 15.12
CA THR E 153 -8.26 6.29 13.94
C THR E 153 -8.73 4.98 13.33
N ARG E 154 -7.85 3.97 13.27
CA ARG E 154 -8.19 2.69 12.67
C ARG E 154 -9.20 1.90 13.50
N ALA E 155 -9.49 2.32 14.73
CA ALA E 155 -10.40 1.60 15.61
C ALA E 155 -11.70 2.36 15.85
N VAL E 156 -11.61 3.62 16.30
CA VAL E 156 -12.81 4.37 16.64
C VAL E 156 -13.37 5.18 15.47
N GLY E 157 -12.59 5.37 14.41
CA GLY E 157 -13.03 6.13 13.26
C GLY E 157 -12.43 7.53 13.22
N LYS E 158 -12.53 8.14 12.03
CA LYS E 158 -11.95 9.47 11.84
C LYS E 158 -12.73 10.52 12.61
N SER E 159 -14.06 10.45 12.58
CA SER E 159 -14.88 11.46 13.23
C SER E 159 -14.55 11.58 14.72
N LEU E 160 -14.52 10.46 15.43
CA LEU E 160 -14.23 10.49 16.86
C LEU E 160 -12.75 10.69 17.12
N ALA E 161 -11.88 10.09 16.30
CA ALA E 161 -10.45 10.27 16.47
C ALA E 161 -10.05 11.74 16.29
N MET E 162 -10.59 12.39 15.25
CA MET E 162 -10.30 13.80 15.03
C MET E 162 -10.71 14.64 16.24
N GLU E 163 -11.88 14.36 16.80
CA GLU E 163 -12.35 15.11 17.95
C GLU E 163 -11.41 14.95 19.15
N MET E 164 -11.11 13.69 19.50
CA MET E 164 -10.26 13.44 20.66
C MET E 164 -8.89 14.06 20.50
N VAL E 165 -8.33 14.01 19.29
CA VAL E 165 -6.97 14.50 19.09
C VAL E 165 -6.95 16.03 19.05
N LEU E 166 -8.00 16.64 18.52
CA LEU E 166 -8.04 18.09 18.39
C LEU E 166 -8.68 18.80 19.56
N THR E 167 -9.44 18.09 20.40
CA THR E 167 -10.08 18.69 21.56
C THR E 167 -9.58 18.13 22.89
N GLY E 168 -8.91 16.99 22.88
CA GLY E 168 -8.46 16.38 24.12
C GLY E 168 -9.60 15.99 25.03
N ASP E 169 -10.72 15.56 24.46
CA ASP E 169 -11.88 15.20 25.25
C ASP E 169 -11.79 13.73 25.68
N ARG E 170 -12.38 13.44 26.84
CA ARG E 170 -12.35 12.08 27.37
C ARG E 170 -13.59 11.32 26.92
N ILE E 171 -13.41 10.02 26.65
CA ILE E 171 -14.49 9.12 26.27
C ILE E 171 -14.64 8.06 27.35
N SER E 172 -15.88 7.73 27.67
CA SER E 172 -16.14 6.74 28.70
C SER E 172 -15.85 5.33 28.18
N ALA E 173 -15.74 4.39 29.13
CA ALA E 173 -15.51 3.00 28.75
C ALA E 173 -16.61 2.48 27.84
N GLN E 174 -17.84 2.98 28.03
CA GLN E 174 -18.95 2.57 27.17
C GLN E 174 -18.73 3.08 25.75
N ASP E 175 -18.27 4.32 25.60
CA ASP E 175 -17.98 4.85 24.27
C ASP E 175 -16.88 4.04 23.60
N ALA E 176 -15.85 3.68 24.35
CA ALA E 176 -14.77 2.87 23.79
C ALA E 176 -15.27 1.50 23.34
N LYS E 177 -16.23 0.93 24.08
CA LYS E 177 -16.77 -0.38 23.71
C LYS E 177 -17.63 -0.28 22.45
N GLN E 178 -18.44 0.77 22.34
CA GLN E 178 -19.30 0.93 21.18
C GLN E 178 -18.52 1.36 19.95
N ALA E 179 -17.38 2.01 20.14
CA ALA E 179 -16.55 2.47 19.02
C ALA E 179 -15.69 1.34 18.45
N GLY E 180 -15.04 0.58 19.33
CA GLY E 180 -14.19 -0.52 18.91
C GLY E 180 -12.81 -0.47 19.53
N LEU E 181 -12.62 0.42 20.51
CA LEU E 181 -11.32 0.54 21.16
C LEU E 181 -11.10 -0.57 22.18
N VAL E 182 -12.14 -0.91 22.94
CA VAL E 182 -12.08 -1.96 23.95
C VAL E 182 -13.11 -3.03 23.59
N SER E 183 -12.84 -4.26 24.03
CA SER E 183 -13.69 -5.39 23.70
C SER E 183 -14.67 -5.76 24.81
N LYS E 184 -14.33 -5.49 26.07
CA LYS E 184 -15.17 -5.87 27.19
C LYS E 184 -15.05 -4.85 28.31
N ILE E 185 -16.16 -4.63 29.01
CA ILE E 185 -16.21 -3.75 30.18
C ILE E 185 -16.47 -4.61 31.40
N CYS E 186 -15.65 -4.44 32.43
CA CYS E 186 -15.75 -5.24 33.65
C CYS E 186 -15.84 -4.34 34.87
N PRO E 187 -16.41 -4.83 35.97
CA PRO E 187 -16.43 -4.03 37.20
C PRO E 187 -15.02 -3.65 37.64
N VAL E 188 -14.90 -2.51 38.30
CA VAL E 188 -13.59 -2.02 38.72
C VAL E 188 -12.94 -3.00 39.68
N GLU E 189 -13.75 -3.72 40.47
CA GLU E 189 -13.20 -4.63 41.47
C GLU E 189 -12.73 -5.96 40.86
N THR E 190 -13.31 -6.36 39.73
CA THR E 190 -12.97 -7.64 39.11
C THR E 190 -12.35 -7.50 37.73
N LEU E 191 -11.90 -6.31 37.35
CA LEU E 191 -11.33 -6.13 36.02
C LEU E 191 -10.08 -6.99 35.84
N VAL E 192 -9.15 -6.93 36.79
CA VAL E 192 -7.89 -7.65 36.66
C VAL E 192 -8.14 -9.16 36.64
N GLU E 193 -9.07 -9.65 37.45
CA GLU E 193 -9.33 -11.09 37.50
C GLU E 193 -9.86 -11.58 36.15
N GLU E 194 -10.84 -10.87 35.59
CA GLU E 194 -11.38 -11.28 34.30
C GLU E 194 -10.32 -11.20 33.21
N ALA E 195 -9.40 -10.24 33.32
CA ALA E 195 -8.31 -10.15 32.35
C ALA E 195 -7.37 -11.35 32.46
N ILE E 196 -7.07 -11.77 33.69
CA ILE E 196 -6.20 -12.93 33.88
C ILE E 196 -6.89 -14.18 33.36
N GLN E 197 -8.20 -14.31 33.61
CA GLN E 197 -8.95 -15.46 33.12
C GLN E 197 -8.88 -15.53 31.60
N CYS E 198 -9.08 -14.38 30.93
CA CYS E 198 -8.98 -14.36 29.48
C CYS E 198 -7.57 -14.75 29.03
N ALA E 199 -6.55 -14.22 29.70
CA ALA E 199 -5.18 -14.58 29.37
C ALA E 199 -4.93 -16.07 29.57
N GLU E 200 -5.56 -16.67 30.59
CA GLU E 200 -5.40 -18.10 30.81
C GLU E 200 -6.02 -18.91 29.68
N LYS E 201 -7.19 -18.48 29.19
CA LYS E 201 -7.82 -19.17 28.07
C LYS E 201 -6.91 -19.13 26.84
N ILE E 202 -6.27 -17.99 26.59
CA ILE E 202 -5.37 -17.88 25.44
C ILE E 202 -4.13 -18.74 25.66
N ALA E 203 -3.72 -18.93 26.90
CA ALA E 203 -2.53 -19.72 27.20
C ALA E 203 -2.79 -21.22 27.19
N SER E 204 -4.05 -21.64 27.10
CA SER E 204 -4.38 -23.05 27.07
C SER E 204 -4.27 -23.67 25.67
N ASN E 205 -3.99 -22.87 24.66
CA ASN E 205 -3.87 -23.33 23.28
C ASN E 205 -2.41 -23.40 22.88
N SER E 206 -2.17 -23.97 21.70
CA SER E 206 -0.81 -24.10 21.18
C SER E 206 -0.18 -22.73 21.00
N LYS E 207 0.90 -22.49 21.74
CA LYS E 207 1.57 -21.19 21.68
C LYS E 207 2.07 -20.87 20.28
N ILE E 208 2.61 -21.87 19.56
CA ILE E 208 3.10 -21.62 18.22
C ILE E 208 1.96 -21.20 17.30
N VAL E 209 0.78 -21.79 17.48
CA VAL E 209 -0.37 -21.40 16.69
C VAL E 209 -0.91 -20.05 17.15
N VAL E 210 -0.87 -19.80 18.46
CA VAL E 210 -1.30 -18.50 18.97
C VAL E 210 -0.44 -17.38 18.39
N ALA E 211 0.86 -17.63 18.24
CA ALA E 211 1.74 -16.63 17.66
C ALA E 211 1.37 -16.36 16.20
N MET E 212 1.17 -17.44 15.42
CA MET E 212 0.77 -17.28 14.03
C MET E 212 -0.55 -16.52 13.94
N ALA E 213 -1.49 -16.80 14.84
CA ALA E 213 -2.77 -16.10 14.83
C ALA E 213 -2.57 -14.61 15.06
N LYS E 214 -1.83 -14.25 16.11
CA LYS E 214 -1.57 -12.84 16.38
C LYS E 214 -0.89 -12.17 15.19
N GLU E 215 0.05 -12.87 14.56
CA GLU E 215 0.72 -12.32 13.39
C GLU E 215 -0.26 -12.11 12.25
N SER E 216 -1.27 -12.98 12.13
CA SER E 216 -2.24 -12.85 11.06
C SER E 216 -3.19 -11.68 11.30
N VAL E 217 -3.53 -11.42 12.56
CA VAL E 217 -4.43 -10.32 12.87
C VAL E 217 -3.71 -8.98 12.67
N ASN E 218 -2.47 -8.87 13.16
CA ASN E 218 -1.72 -7.65 12.96
C ASN E 218 -1.50 -7.37 11.48
N ALA E 219 -1.49 -8.42 10.66
CA ALA E 219 -1.30 -8.26 9.23
C ALA E 219 -2.41 -7.45 8.58
N ALA E 220 -3.57 -7.32 9.22
CA ALA E 220 -4.68 -6.60 8.64
C ALA E 220 -4.39 -5.11 8.47
N PHE E 221 -3.49 -4.55 9.29
CA PHE E 221 -3.20 -3.13 9.25
C PHE E 221 -1.91 -2.80 8.51
N GLU E 222 -1.36 -3.74 7.73
CA GLU E 222 -0.09 -3.53 7.05
C GLU E 222 -0.12 -3.88 5.58
N MET E 223 -1.19 -4.48 5.07
CA MET E 223 -1.23 -4.92 3.68
C MET E 223 -2.65 -4.76 3.15
N THR E 224 -2.81 -5.01 1.85
CA THR E 224 -4.11 -4.99 1.23
C THR E 224 -4.88 -6.27 1.58
N LEU E 225 -6.20 -6.23 1.36
CA LEU E 225 -7.03 -7.39 1.67
C LEU E 225 -6.65 -8.60 0.83
N THR E 226 -6.24 -8.37 -0.43
CA THR E 226 -5.85 -9.49 -1.29
C THR E 226 -4.59 -10.17 -0.78
N GLU E 227 -3.56 -9.38 -0.48
CA GLU E 227 -2.30 -9.95 0.00
C GLU E 227 -2.46 -10.51 1.42
N GLY E 228 -3.25 -9.84 2.26
CA GLY E 228 -3.48 -10.35 3.60
C GLY E 228 -4.15 -11.71 3.61
N SER E 229 -5.03 -11.97 2.64
CA SER E 229 -5.68 -13.26 2.55
C SER E 229 -4.69 -14.35 2.14
N LYS E 230 -3.75 -14.02 1.25
CA LYS E 230 -2.77 -15.01 0.81
C LYS E 230 -1.81 -15.36 1.93
N LEU E 231 -1.37 -14.36 2.71
CA LEU E 231 -0.50 -14.65 3.85
C LEU E 231 -1.21 -15.52 4.87
N GLU E 232 -2.50 -15.24 5.12
CA GLU E 232 -3.27 -16.06 6.05
C GLU E 232 -3.28 -17.53 5.59
N LYS E 233 -3.38 -17.75 4.28
CA LYS E 233 -3.37 -19.12 3.76
C LYS E 233 -2.01 -19.77 3.99
N LYS E 234 -0.92 -19.05 3.74
CA LYS E 234 0.40 -19.61 3.95
C LYS E 234 0.64 -19.92 5.42
N LEU E 235 0.19 -19.04 6.31
CA LEU E 235 0.27 -19.33 7.74
C LEU E 235 -0.65 -20.48 8.11
N PHE E 236 -1.82 -20.56 7.47
CA PHE E 236 -2.72 -21.69 7.68
C PHE E 236 -2.06 -22.99 7.22
N TYR E 237 -1.41 -22.96 6.06
CA TYR E 237 -0.69 -24.14 5.59
C TYR E 237 0.46 -24.50 6.52
N SER E 238 1.21 -23.49 6.98
CA SER E 238 2.35 -23.75 7.85
C SER E 238 1.91 -24.42 9.15
N THR E 239 0.68 -24.18 9.59
CA THR E 239 0.21 -24.78 10.83
C THR E 239 0.15 -26.31 10.72
N PHE E 240 -0.06 -26.84 9.52
CA PHE E 240 -0.09 -28.28 9.33
C PHE E 240 1.26 -28.93 9.63
N ALA E 241 2.35 -28.18 9.61
CA ALA E 241 3.66 -28.72 9.94
C ALA E 241 3.85 -28.91 11.44
N THR E 242 2.95 -28.38 12.27
CA THR E 242 3.06 -28.51 13.70
C THR E 242 2.35 -29.78 14.17
N ASP E 243 2.74 -30.25 15.36
CA ASP E 243 2.11 -31.43 15.94
C ASP E 243 0.80 -31.08 16.64
N ASP E 244 0.68 -29.85 17.15
CA ASP E 244 -0.55 -29.45 17.81
C ASP E 244 -1.73 -29.47 16.85
N ARG E 245 -1.51 -29.13 15.58
CA ARG E 245 -2.59 -29.19 14.60
C ARG E 245 -3.17 -30.59 14.51
N LYS E 246 -2.32 -31.61 14.40
CA LYS E 246 -2.80 -32.98 14.35
C LYS E 246 -3.49 -33.37 15.65
N GLU E 247 -2.92 -32.96 16.79
CA GLU E 247 -3.51 -33.30 18.08
C GLU E 247 -4.86 -32.62 18.25
N GLY E 248 -4.94 -31.33 17.90
CA GLY E 248 -6.19 -30.61 18.07
C GLY E 248 -7.32 -31.20 17.26
N MET E 249 -7.08 -31.43 15.96
CA MET E 249 -8.12 -31.98 15.09
C MET E 249 -8.43 -33.43 15.46
N THR E 250 -7.41 -34.18 15.86
CA THR E 250 -7.64 -35.57 16.26
C THR E 250 -8.55 -35.64 17.48
N ALA E 251 -8.36 -34.72 18.44
CA ALA E 251 -9.20 -34.71 19.63
C ALA E 251 -10.64 -34.34 19.28
N PHE E 252 -10.82 -33.43 18.32
CA PHE E 252 -12.17 -33.00 17.95
C PHE E 252 -12.96 -34.15 17.34
N VAL E 253 -12.39 -34.83 16.35
CA VAL E 253 -13.10 -35.93 15.70
C VAL E 253 -13.37 -37.06 16.68
N GLU E 254 -12.52 -37.23 17.68
CA GLU E 254 -12.70 -38.25 18.69
C GLU E 254 -13.49 -37.77 19.89
N LYS E 255 -13.90 -36.50 19.92
CA LYS E 255 -14.69 -35.95 21.01
C LYS E 255 -13.95 -36.07 22.34
N ARG E 256 -12.78 -35.46 22.39
CA ARG E 256 -11.97 -35.42 23.60
C ARG E 256 -11.23 -34.08 23.67
N LYS E 257 -10.50 -33.89 24.75
CA LYS E 257 -9.77 -32.65 24.98
C LYS E 257 -8.35 -32.80 24.43
N ALA E 258 -7.92 -31.80 23.65
CA ALA E 258 -6.60 -31.85 23.03
C ALA E 258 -5.53 -31.44 24.04
N ASN E 259 -4.44 -32.21 24.06
CA ASN E 259 -3.28 -31.94 24.92
C ASN E 259 -2.18 -31.38 24.04
N PHE E 260 -2.17 -30.06 23.88
CA PHE E 260 -1.19 -29.42 23.03
C PHE E 260 0.20 -29.50 23.66
N LYS E 261 1.21 -29.61 22.80
CA LYS E 261 2.60 -29.72 23.23
C LYS E 261 3.45 -28.50 22.88
N ASP E 262 2.84 -27.43 22.38
CA ASP E 262 3.57 -26.22 22.00
C ASP E 262 4.57 -26.49 20.88
N GLN E 263 4.16 -27.29 19.91
CA GLN E 263 5.01 -27.62 18.77
C GLN E 263 4.21 -28.25 17.65
N ALA F 4 -31.15 -27.91 -10.10
CA ALA F 4 -30.54 -29.20 -10.53
C ALA F 4 -30.46 -30.17 -9.36
N ASN F 5 -29.92 -31.37 -9.63
CA ASN F 5 -29.80 -32.39 -8.60
C ASN F 5 -28.65 -32.04 -7.67
N PHE F 6 -28.99 -31.62 -6.45
CA PHE F 6 -27.99 -31.25 -5.45
C PHE F 6 -28.25 -32.06 -4.18
N GLU F 7 -27.19 -32.58 -3.59
CA GLU F 7 -27.29 -33.39 -2.38
C GLU F 7 -27.03 -32.61 -1.10
N TYR F 8 -26.28 -31.51 -1.18
CA TYR F 8 -25.91 -30.73 0.00
C TYR F 8 -26.52 -29.34 0.04
N ILE F 9 -27.09 -28.85 -1.06
CA ILE F 9 -27.67 -27.51 -1.11
C ILE F 9 -28.99 -27.56 -1.87
N ILE F 10 -29.76 -26.49 -1.73
CA ILE F 10 -31.03 -26.33 -2.42
C ILE F 10 -30.99 -24.96 -3.11
N ALA F 11 -30.85 -24.97 -4.43
CA ALA F 11 -30.77 -23.76 -5.22
C ALA F 11 -32.11 -23.50 -5.90
N GLU F 12 -32.70 -22.34 -5.65
CA GLU F 12 -33.97 -21.96 -6.23
C GLU F 12 -34.01 -20.46 -6.42
N LYS F 13 -34.90 -20.02 -7.30
CA LYS F 13 -35.08 -18.60 -7.61
C LYS F 13 -36.34 -18.12 -6.90
N ARG F 14 -36.15 -17.39 -5.80
CA ARG F 14 -37.25 -16.90 -4.98
C ARG F 14 -37.53 -15.44 -5.28
N GLY F 15 -38.62 -14.95 -4.72
CA GLY F 15 -39.02 -13.56 -4.87
C GLY F 15 -39.85 -13.34 -6.13
N LYS F 16 -40.73 -12.33 -6.03
CA LYS F 16 -41.57 -11.98 -7.18
C LYS F 16 -40.70 -11.64 -8.38
N ASN F 17 -41.16 -12.04 -9.56
CA ASN F 17 -40.48 -11.89 -10.84
C ASN F 17 -39.24 -12.77 -10.95
N ASN F 18 -38.92 -13.55 -9.93
CA ASN F 18 -37.77 -14.46 -9.97
C ASN F 18 -36.48 -13.70 -10.29
N THR F 19 -36.18 -12.69 -9.48
CA THR F 19 -34.98 -11.88 -9.64
C THR F 19 -33.93 -12.15 -8.59
N VAL F 20 -34.23 -12.95 -7.58
CA VAL F 20 -33.31 -13.26 -6.49
C VAL F 20 -33.10 -14.77 -6.45
N GLY F 21 -31.83 -15.18 -6.39
CA GLY F 21 -31.47 -16.59 -6.29
C GLY F 21 -31.11 -16.95 -4.87
N LEU F 22 -31.75 -18.00 -4.35
CA LEU F 22 -31.55 -18.46 -2.99
C LEU F 22 -30.74 -19.75 -3.00
N ILE F 23 -29.66 -19.78 -2.23
CA ILE F 23 -28.82 -20.96 -2.07
C ILE F 23 -28.88 -21.37 -0.61
N GLN F 24 -29.53 -22.49 -0.33
CA GLN F 24 -29.72 -23.00 1.02
C GLN F 24 -28.88 -24.26 1.21
N LEU F 25 -28.00 -24.23 2.21
CA LEU F 25 -27.17 -25.40 2.52
C LEU F 25 -27.99 -26.42 3.30
N ASN F 26 -28.24 -27.57 2.67
CA ASN F 26 -29.09 -28.61 3.27
C ASN F 26 -28.20 -29.71 3.82
N ARG F 27 -27.82 -29.57 5.08
CA ARG F 27 -27.04 -30.58 5.79
C ARG F 27 -27.27 -30.43 7.29
N PRO F 28 -28.46 -30.83 7.79
CA PRO F 28 -28.75 -30.61 9.21
C PRO F 28 -28.15 -31.67 10.12
N LYS F 29 -27.42 -32.62 9.55
CA LYS F 29 -26.77 -33.67 10.32
C LYS F 29 -25.32 -33.34 10.67
N ALA F 30 -24.75 -32.28 10.07
CA ALA F 30 -23.38 -31.87 10.40
C ALA F 30 -23.29 -30.36 10.61
N LEU F 31 -24.40 -29.69 10.87
CA LEU F 31 -24.42 -28.24 11.07
C LEU F 31 -23.85 -27.52 9.86
N ASN F 32 -24.18 -28.03 8.67
CA ASN F 32 -23.73 -27.43 7.42
C ASN F 32 -22.20 -27.34 7.36
N ALA F 33 -21.54 -28.44 7.70
CA ALA F 33 -20.09 -28.49 7.59
C ALA F 33 -19.68 -28.36 6.14
N LEU F 34 -18.82 -27.38 5.84
CA LEU F 34 -18.42 -27.07 4.47
C LEU F 34 -17.40 -28.11 4.00
N CYS F 35 -17.92 -29.18 3.39
CA CYS F 35 -17.07 -30.20 2.80
C CYS F 35 -16.77 -29.87 1.34
N ASP F 36 -15.97 -30.72 0.71
CA ASP F 36 -15.61 -30.50 -0.69
C ASP F 36 -16.85 -30.54 -1.58
N GLY F 37 -17.65 -31.59 -1.45
CA GLY F 37 -18.84 -31.71 -2.27
C GLY F 37 -19.79 -30.54 -2.08
N LEU F 38 -19.98 -30.09 -0.84
CA LEU F 38 -20.85 -28.95 -0.59
C LEU F 38 -20.31 -27.70 -1.26
N ILE F 39 -19.00 -27.47 -1.14
CA ILE F 39 -18.41 -26.27 -1.73
C ILE F 39 -18.57 -26.29 -3.25
N ASP F 40 -18.33 -27.46 -3.86
CA ASP F 40 -18.48 -27.57 -5.31
C ASP F 40 -19.89 -27.21 -5.74
N GLU F 41 -20.88 -27.82 -5.10
CA GLU F 41 -22.27 -27.49 -5.42
C GLU F 41 -22.56 -26.01 -5.20
N LEU F 42 -22.05 -25.45 -4.10
CA LEU F 42 -22.24 -24.03 -3.82
C LEU F 42 -21.65 -23.19 -4.95
N ASN F 43 -20.44 -23.52 -5.40
CA ASN F 43 -19.82 -22.76 -6.48
C ASN F 43 -20.62 -22.89 -7.76
N GLN F 44 -21.09 -24.11 -8.07
CA GLN F 44 -21.90 -24.31 -9.27
C GLN F 44 -23.16 -23.46 -9.24
N ALA F 45 -23.87 -23.47 -8.11
CA ALA F 45 -25.07 -22.66 -8.00
C ALA F 45 -24.76 -21.17 -8.18
N LEU F 46 -23.65 -20.72 -7.59
CA LEU F 46 -23.25 -19.32 -7.74
C LEU F 46 -22.99 -18.99 -9.21
N LYS F 47 -22.26 -19.85 -9.91
CA LYS F 47 -21.96 -19.61 -11.32
C LYS F 47 -23.23 -19.55 -12.14
N THR F 48 -24.18 -20.45 -11.87
CA THR F 48 -25.42 -20.48 -12.64
C THR F 48 -26.20 -19.18 -12.43
N PHE F 49 -26.30 -18.73 -11.18
CA PHE F 49 -27.02 -17.49 -10.91
C PHE F 49 -26.27 -16.29 -11.47
N GLU F 50 -24.93 -16.33 -11.45
CA GLU F 50 -24.15 -15.22 -11.99
C GLU F 50 -24.27 -15.12 -13.51
N GLU F 51 -24.46 -16.25 -14.19
CA GLU F 51 -24.61 -16.29 -15.64
C GLU F 51 -26.06 -16.27 -16.08
N ASP F 52 -26.96 -15.72 -15.27
CA ASP F 52 -28.38 -15.66 -15.58
C ASP F 52 -28.79 -14.20 -15.74
N PRO F 53 -29.46 -13.83 -16.83
CA PRO F 53 -29.84 -12.42 -17.03
C PRO F 53 -30.98 -11.96 -16.13
N ALA F 54 -31.64 -12.87 -15.41
CA ALA F 54 -32.77 -12.52 -14.56
C ALA F 54 -32.37 -12.29 -13.11
N VAL F 55 -31.44 -13.09 -12.59
CA VAL F 55 -31.01 -12.96 -11.20
C VAL F 55 -30.14 -11.72 -11.06
N GLY F 56 -30.49 -10.86 -10.11
CA GLY F 56 -29.73 -9.64 -9.86
C GLY F 56 -28.96 -9.69 -8.56
N ALA F 57 -29.41 -10.54 -7.63
CA ALA F 57 -28.75 -10.70 -6.34
C ALA F 57 -28.96 -12.11 -5.85
N ILE F 58 -28.02 -12.59 -5.03
CA ILE F 58 -28.04 -13.95 -4.50
C ILE F 58 -28.13 -13.87 -2.98
N VAL F 59 -28.92 -14.75 -2.39
CA VAL F 59 -29.08 -14.85 -0.93
C VAL F 59 -28.54 -16.20 -0.49
N LEU F 60 -27.48 -16.17 0.31
CA LEU F 60 -26.86 -17.37 0.84
C LEU F 60 -27.33 -17.60 2.26
N THR F 61 -27.96 -18.76 2.50
CA THR F 61 -28.51 -19.08 3.81
C THR F 61 -28.27 -20.54 4.11
N GLY F 62 -28.50 -20.91 5.38
CA GLY F 62 -28.39 -22.28 5.81
C GLY F 62 -29.62 -22.73 6.56
N GLY F 63 -29.42 -23.38 7.72
CA GLY F 63 -30.53 -23.79 8.56
C GLY F 63 -30.86 -22.77 9.62
N ASP F 64 -31.96 -23.03 10.33
CA ASP F 64 -32.38 -22.14 11.41
C ASP F 64 -31.48 -22.26 12.63
N LYS F 65 -30.81 -23.40 12.81
CA LYS F 65 -29.95 -23.62 13.97
C LYS F 65 -28.46 -23.47 13.65
N ALA F 66 -28.09 -23.51 12.37
CA ALA F 66 -26.69 -23.41 12.00
C ALA F 66 -26.57 -22.95 10.55
N PHE F 67 -25.88 -21.82 10.35
CA PHE F 67 -25.58 -21.39 8.98
C PHE F 67 -24.48 -22.25 8.38
N ALA F 68 -23.35 -22.35 9.07
CA ALA F 68 -22.26 -23.22 8.66
C ALA F 68 -21.26 -23.38 9.79
N ALA F 69 -20.92 -24.62 10.14
CA ALA F 69 -20.03 -24.90 11.25
C ALA F 69 -18.56 -24.95 10.83
N GLY F 70 -18.24 -24.49 9.63
CA GLY F 70 -16.88 -24.46 9.16
C GLY F 70 -16.53 -25.67 8.30
N ALA F 71 -15.25 -25.74 7.96
CA ALA F 71 -14.76 -26.84 7.12
C ALA F 71 -14.91 -28.16 7.86
N ASP F 72 -14.96 -29.25 7.10
CA ASP F 72 -15.10 -30.59 7.64
C ASP F 72 -13.75 -31.04 8.17
N ILE F 73 -13.61 -31.09 9.50
CA ILE F 73 -12.36 -31.52 10.10
C ILE F 73 -12.08 -32.99 9.79
N LYS F 74 -13.12 -33.77 9.51
CA LYS F 74 -12.94 -35.18 9.21
C LYS F 74 -12.12 -35.38 7.94
N GLU F 75 -12.12 -34.40 7.04
CA GLU F 75 -11.39 -34.54 5.78
C GLU F 75 -9.97 -34.02 5.89
N MET F 76 -9.76 -32.87 6.53
CA MET F 76 -8.44 -32.27 6.65
C MET F 76 -7.66 -32.79 7.85
N GLN F 77 -8.14 -33.84 8.50
CA GLN F 77 -7.43 -34.37 9.68
C GLN F 77 -6.07 -34.94 9.29
N ASN F 78 -6.05 -35.83 8.29
CA ASN F 78 -4.83 -36.52 7.89
C ASN F 78 -4.05 -35.77 6.83
N LEU F 79 -4.43 -34.53 6.51
CA LEU F 79 -3.70 -33.76 5.52
C LEU F 79 -2.30 -33.43 6.01
N SER F 80 -1.42 -33.10 5.07
CA SER F 80 -0.04 -32.78 5.35
C SER F 80 0.33 -31.46 4.69
N PHE F 81 1.47 -30.90 5.11
CA PHE F 81 1.94 -29.65 4.54
C PHE F 81 2.12 -29.77 3.03
N GLN F 82 2.65 -30.89 2.56
CA GLN F 82 2.85 -31.08 1.12
C GLN F 82 1.51 -31.17 0.39
N ASP F 83 0.56 -31.93 0.95
CA ASP F 83 -0.75 -32.07 0.34
C ASP F 83 -1.58 -30.80 0.40
N CYS F 84 -1.12 -29.78 1.13
CA CYS F 84 -1.84 -28.53 1.29
C CYS F 84 -1.31 -27.42 0.38
N TYR F 85 0.01 -27.34 0.21
CA TYR F 85 0.60 -26.25 -0.55
C TYR F 85 0.55 -26.51 -2.05
N SER F 86 0.86 -27.74 -2.48
CA SER F 86 0.91 -28.09 -3.89
C SER F 86 -0.38 -28.74 -4.36
N SER F 87 -0.83 -29.81 -3.69
CA SER F 87 -2.03 -30.53 -4.10
C SER F 87 -3.27 -29.79 -3.63
N LYS F 88 -4.16 -29.46 -4.55
CA LYS F 88 -5.35 -28.68 -4.24
C LYS F 88 -6.35 -29.56 -3.48
N PHE F 89 -6.58 -29.23 -2.21
CA PHE F 89 -7.54 -29.95 -1.39
C PHE F 89 -8.46 -28.99 -0.65
N LEU F 90 -8.02 -27.74 -0.48
CA LEU F 90 -8.75 -26.75 0.30
C LEU F 90 -9.25 -25.58 -0.54
N LYS F 91 -8.84 -25.49 -1.81
CA LYS F 91 -9.22 -24.35 -2.61
C LYS F 91 -10.67 -24.50 -3.07
N HIS F 92 -11.11 -23.58 -3.93
CA HIS F 92 -12.49 -23.46 -4.38
C HIS F 92 -13.38 -22.83 -3.31
N TRP F 93 -12.76 -22.19 -2.31
CA TRP F 93 -13.52 -21.50 -1.27
C TRP F 93 -13.70 -20.02 -1.60
N ASP F 94 -12.73 -19.44 -2.32
CA ASP F 94 -12.75 -18.01 -2.62
C ASP F 94 -13.57 -17.70 -3.85
N HIS F 95 -14.42 -18.64 -4.27
CA HIS F 95 -15.28 -18.40 -5.42
C HIS F 95 -16.31 -17.31 -5.17
N LEU F 96 -16.54 -16.93 -3.92
CA LEU F 96 -17.46 -15.84 -3.62
C LEU F 96 -16.82 -14.48 -3.85
N THR F 97 -15.49 -14.39 -3.77
CA THR F 97 -14.80 -13.12 -3.96
C THR F 97 -14.77 -12.70 -5.42
N GLN F 98 -15.03 -13.62 -6.35
CA GLN F 98 -15.00 -13.32 -7.78
C GLN F 98 -16.38 -13.11 -8.37
N VAL F 99 -17.43 -13.12 -7.55
CA VAL F 99 -18.78 -12.92 -8.05
C VAL F 99 -19.03 -11.43 -8.23
N LYS F 100 -19.57 -11.05 -9.38
CA LYS F 100 -19.85 -9.66 -9.68
C LYS F 100 -21.20 -9.19 -9.14
N LYS F 101 -22.16 -10.11 -8.95
CA LYS F 101 -23.46 -9.70 -8.44
C LYS F 101 -23.45 -9.67 -6.92
N PRO F 102 -24.18 -8.73 -6.29
CA PRO F 102 -24.20 -8.68 -4.83
C PRO F 102 -24.72 -9.99 -4.24
N VAL F 103 -24.17 -10.35 -3.08
CA VAL F 103 -24.56 -11.56 -2.35
C VAL F 103 -24.86 -11.18 -0.92
N ILE F 104 -26.02 -11.63 -0.42
CA ILE F 104 -26.46 -11.34 0.94
C ILE F 104 -26.39 -12.64 1.74
N ALA F 105 -25.83 -12.55 2.94
CA ALA F 105 -25.68 -13.71 3.81
C ALA F 105 -26.73 -13.68 4.91
N ALA F 106 -27.68 -14.61 4.85
CA ALA F 106 -28.70 -14.77 5.88
C ALA F 106 -28.19 -15.80 6.89
N VAL F 107 -27.70 -15.31 8.02
CA VAL F 107 -27.03 -16.14 9.02
C VAL F 107 -28.03 -16.44 10.13
N ASN F 108 -28.36 -17.71 10.29
CA ASN F 108 -29.21 -18.18 11.38
C ASN F 108 -28.45 -19.21 12.21
N GLY F 109 -28.37 -18.95 13.52
CA GLY F 109 -27.71 -19.91 14.40
C GLY F 109 -26.21 -19.80 14.34
N TYR F 110 -25.54 -20.95 14.34
CA TYR F 110 -24.09 -20.99 14.39
C TYR F 110 -23.48 -20.58 13.07
N ALA F 111 -22.54 -19.63 13.12
CA ALA F 111 -21.68 -19.27 11.99
C ALA F 111 -20.25 -19.25 12.52
N PHE F 112 -19.62 -20.42 12.52
CA PHE F 112 -18.31 -20.62 13.14
C PHE F 112 -17.28 -20.98 12.10
N GLY F 113 -16.06 -20.46 12.28
CA GLY F 113 -14.97 -20.82 11.40
C GLY F 113 -15.28 -20.51 9.95
N GLY F 114 -15.25 -21.55 9.11
CA GLY F 114 -15.55 -21.35 7.71
C GLY F 114 -16.90 -20.69 7.47
N GLY F 115 -17.87 -20.94 8.34
CA GLY F 115 -19.16 -20.29 8.20
C GLY F 115 -19.09 -18.79 8.38
N CYS F 116 -18.31 -18.33 9.36
CA CYS F 116 -18.12 -16.89 9.52
C CYS F 116 -17.34 -16.32 8.34
N GLU F 117 -16.33 -17.05 7.87
CA GLU F 117 -15.59 -16.61 6.70
C GLU F 117 -16.48 -16.58 5.46
N LEU F 118 -17.36 -17.57 5.31
CA LEU F 118 -18.29 -17.57 4.19
C LEU F 118 -19.20 -16.36 4.23
N ALA F 119 -19.71 -16.03 5.43
CA ALA F 119 -20.59 -14.86 5.56
C ALA F 119 -19.82 -13.56 5.32
N MET F 120 -18.58 -13.49 5.82
CA MET F 120 -17.79 -12.27 5.64
C MET F 120 -17.44 -12.03 4.18
N MET F 121 -17.32 -13.10 3.39
CA MET F 121 -17.02 -12.95 1.97
C MET F 121 -18.18 -12.33 1.20
N CYS F 122 -19.39 -12.41 1.74
CA CYS F 122 -20.54 -11.79 1.08
C CYS F 122 -20.54 -10.28 1.30
N ASP F 123 -21.36 -9.60 0.50
CA ASP F 123 -21.42 -8.15 0.57
C ASP F 123 -22.22 -7.66 1.78
N ILE F 124 -23.38 -8.26 2.01
CA ILE F 124 -24.27 -7.89 3.11
C ILE F 124 -24.53 -9.12 3.97
N ILE F 125 -24.67 -8.91 5.27
CA ILE F 125 -24.88 -9.99 6.23
C ILE F 125 -26.09 -9.63 7.09
N TYR F 126 -27.13 -10.45 7.00
CA TYR F 126 -28.29 -10.36 7.88
C TYR F 126 -28.26 -11.52 8.85
N ALA F 127 -28.25 -11.21 10.15
CA ALA F 127 -28.09 -12.22 11.19
C ALA F 127 -29.39 -12.35 11.98
N GLY F 128 -29.69 -13.58 12.39
CA GLY F 128 -30.87 -13.82 13.20
C GLY F 128 -30.68 -13.33 14.63
N GLU F 129 -31.80 -13.20 15.34
CA GLU F 129 -31.73 -12.75 16.73
C GLU F 129 -30.91 -13.69 17.59
N LYS F 130 -30.90 -14.98 17.26
CA LYS F 130 -30.17 -15.98 18.02
C LYS F 130 -28.89 -16.44 17.32
N ALA F 131 -28.46 -15.74 16.27
CA ALA F 131 -27.26 -16.13 15.56
C ALA F 131 -26.03 -15.87 16.43
N GLN F 132 -24.96 -16.61 16.14
CA GLN F 132 -23.70 -16.47 16.88
C GLN F 132 -22.54 -16.63 15.92
N PHE F 133 -21.54 -15.77 16.06
CA PHE F 133 -20.34 -15.80 15.25
C PHE F 133 -19.13 -16.08 16.12
N ALA F 134 -18.17 -16.84 15.58
CA ALA F 134 -16.97 -17.18 16.33
C ALA F 134 -15.91 -17.70 15.37
N GLN F 135 -14.67 -17.72 15.86
CA GLN F 135 -13.52 -18.25 15.12
C GLN F 135 -12.79 -19.24 16.01
N PRO F 136 -13.38 -20.42 16.24
CA PRO F 136 -12.78 -21.40 17.15
C PRO F 136 -11.62 -22.20 16.57
N GLU F 137 -11.05 -21.77 15.44
CA GLU F 137 -9.93 -22.51 14.85
C GLU F 137 -8.82 -22.74 15.87
N ILE F 138 -8.57 -21.75 16.73
CA ILE F 138 -7.48 -21.86 17.70
C ILE F 138 -7.68 -23.05 18.64
N LEU F 139 -8.91 -23.50 18.83
CA LEU F 139 -9.18 -24.60 19.75
C LEU F 139 -8.81 -25.96 19.17
N ILE F 140 -8.58 -26.05 17.86
CA ILE F 140 -8.21 -27.30 17.21
C ILE F 140 -6.78 -27.23 16.66
N GLY F 141 -6.01 -26.23 17.06
CA GLY F 141 -4.63 -26.13 16.63
C GLY F 141 -4.45 -25.59 15.24
N THR F 142 -5.30 -24.67 14.80
CA THR F 142 -5.21 -24.07 13.48
C THR F 142 -5.69 -22.63 13.54
N ILE F 143 -5.40 -21.89 12.47
CA ILE F 143 -5.83 -20.49 12.36
C ILE F 143 -6.79 -20.37 11.18
N PRO F 144 -7.55 -19.28 11.07
CA PRO F 144 -8.41 -19.10 9.90
C PRO F 144 -7.59 -19.13 8.62
N GLY F 145 -8.25 -19.57 7.54
CA GLY F 145 -7.57 -19.75 6.27
C GLY F 145 -8.30 -19.15 5.09
N ALA F 146 -9.49 -18.61 5.30
CA ALA F 146 -10.29 -18.00 4.26
C ALA F 146 -10.58 -16.53 4.58
N GLY F 147 -9.57 -15.81 5.05
CA GLY F 147 -9.73 -14.42 5.40
C GLY F 147 -10.47 -14.19 6.69
N GLY F 148 -10.49 -15.16 7.60
CA GLY F 148 -11.17 -14.99 8.86
C GLY F 148 -10.59 -13.87 9.70
N THR F 149 -9.27 -13.68 9.63
CA THR F 149 -8.63 -12.63 10.42
C THR F 149 -8.63 -11.30 9.67
N GLN F 150 -8.52 -11.34 8.34
CA GLN F 150 -8.44 -10.11 7.56
C GLN F 150 -9.78 -9.38 7.54
N ARG F 151 -10.83 -10.03 7.04
CA ARG F 151 -12.12 -9.36 6.93
C ARG F 151 -12.73 -9.08 8.30
N LEU F 152 -12.42 -9.90 9.30
CA LEU F 152 -12.97 -9.67 10.63
C LEU F 152 -12.32 -8.46 11.29
N THR F 153 -10.98 -8.43 11.32
CA THR F 153 -10.28 -7.33 11.97
C THR F 153 -10.67 -5.98 11.35
N ARG F 154 -10.89 -5.96 10.04
CA ARG F 154 -11.25 -4.72 9.34
C ARG F 154 -12.67 -4.26 9.63
N ALA F 155 -13.47 -5.04 10.36
CA ALA F 155 -14.86 -4.69 10.61
C ALA F 155 -15.12 -4.49 12.10
N VAL F 156 -14.68 -5.44 12.92
CA VAL F 156 -14.97 -5.39 14.35
C VAL F 156 -13.89 -4.70 15.17
N GLY F 157 -12.66 -4.63 14.66
CA GLY F 157 -11.56 -4.02 15.38
C GLY F 157 -10.55 -5.04 15.85
N LYS F 158 -9.37 -4.54 16.21
CA LYS F 158 -8.28 -5.42 16.64
C LYS F 158 -8.62 -6.09 17.97
N SER F 159 -9.12 -5.32 18.93
CA SER F 159 -9.37 -5.86 20.27
C SER F 159 -10.32 -7.05 20.21
N LEU F 160 -11.49 -6.87 19.59
CA LEU F 160 -12.47 -7.95 19.52
C LEU F 160 -12.01 -9.05 18.57
N ALA F 161 -11.36 -8.69 17.46
CA ALA F 161 -10.84 -9.70 16.55
C ALA F 161 -9.80 -10.57 17.25
N MET F 162 -8.87 -9.94 17.98
CA MET F 162 -7.86 -10.70 18.70
C MET F 162 -8.51 -11.65 19.71
N GLU F 163 -9.51 -11.16 20.43
CA GLU F 163 -10.18 -11.99 21.44
C GLU F 163 -10.84 -13.21 20.79
N MET F 164 -11.59 -12.99 19.71
CA MET F 164 -12.28 -14.10 19.06
C MET F 164 -11.32 -15.10 18.46
N VAL F 165 -10.20 -14.63 17.91
CA VAL F 165 -9.26 -15.54 17.26
C VAL F 165 -8.39 -16.26 18.29
N LEU F 166 -7.99 -15.57 19.36
CA LEU F 166 -7.13 -16.16 20.37
C LEU F 166 -7.89 -16.89 21.46
N THR F 167 -9.21 -16.69 21.57
CA THR F 167 -10.02 -17.35 22.58
C THR F 167 -11.11 -18.24 22.00
N GLY F 168 -11.60 -17.93 20.80
CA GLY F 168 -12.65 -18.74 20.21
C GLY F 168 -14.02 -18.52 20.82
N ASP F 169 -14.22 -17.42 21.54
CA ASP F 169 -15.50 -17.15 22.16
C ASP F 169 -16.50 -16.66 21.12
N ARG F 170 -17.78 -16.86 21.42
CA ARG F 170 -18.85 -16.46 20.51
C ARG F 170 -19.35 -15.07 20.85
N ILE F 171 -19.76 -14.34 19.83
CA ILE F 171 -20.34 -13.00 19.96
C ILE F 171 -21.80 -13.06 19.53
N SER F 172 -22.64 -12.30 20.22
CA SER F 172 -24.06 -12.29 19.91
C SER F 172 -24.33 -11.46 18.66
N ALA F 173 -25.49 -11.71 18.05
CA ALA F 173 -25.89 -10.94 16.88
C ALA F 173 -25.89 -9.45 17.18
N GLN F 174 -26.31 -9.08 18.39
CA GLN F 174 -26.28 -7.68 18.79
C GLN F 174 -24.85 -7.15 18.79
N ASP F 175 -23.92 -7.90 19.37
CA ASP F 175 -22.52 -7.48 19.38
C ASP F 175 -22.00 -7.32 17.96
N ALA F 176 -22.30 -8.27 17.09
CA ALA F 176 -21.89 -8.16 15.68
C ALA F 176 -22.50 -6.93 15.03
N LYS F 177 -23.72 -6.56 15.44
CA LYS F 177 -24.36 -5.37 14.86
C LYS F 177 -23.67 -4.10 15.32
N GLN F 178 -23.36 -4.00 16.62
CA GLN F 178 -22.72 -2.79 17.13
C GLN F 178 -21.26 -2.71 16.71
N ALA F 179 -20.61 -3.85 16.48
CA ALA F 179 -19.21 -3.84 16.08
C ALA F 179 -19.03 -3.49 14.62
N GLY F 180 -19.96 -3.89 13.77
CA GLY F 180 -19.89 -3.63 12.34
C GLY F 180 -19.86 -4.85 11.46
N LEU F 181 -20.05 -6.04 12.01
CA LEU F 181 -20.04 -7.27 11.23
C LEU F 181 -21.39 -7.58 10.61
N VAL F 182 -22.48 -7.15 11.24
CA VAL F 182 -23.84 -7.36 10.75
C VAL F 182 -24.50 -6.00 10.58
N SER F 183 -25.31 -5.87 9.53
CA SER F 183 -25.97 -4.59 9.24
C SER F 183 -27.39 -4.54 9.78
N LYS F 184 -28.10 -5.66 9.83
CA LYS F 184 -29.47 -5.70 10.28
C LYS F 184 -29.76 -7.03 10.97
N ILE F 185 -30.43 -6.96 12.11
CA ILE F 185 -30.83 -8.14 12.87
C ILE F 185 -32.29 -8.42 12.57
N CYS F 186 -32.58 -9.63 12.09
CA CYS F 186 -33.94 -10.01 11.73
C CYS F 186 -34.41 -11.17 12.60
N PRO F 187 -35.72 -11.29 12.84
CA PRO F 187 -36.21 -12.46 13.58
C PRO F 187 -35.86 -13.75 12.86
N VAL F 188 -35.84 -14.84 13.63
CA VAL F 188 -35.46 -16.13 13.06
C VAL F 188 -36.43 -16.55 11.98
N GLU F 189 -37.73 -16.36 12.22
CA GLU F 189 -38.75 -16.80 11.29
C GLU F 189 -38.90 -15.89 10.08
N THR F 190 -38.29 -14.69 10.10
CA THR F 190 -38.39 -13.76 8.99
C THR F 190 -37.04 -13.33 8.44
N LEU F 191 -35.94 -13.96 8.86
CA LEU F 191 -34.63 -13.57 8.36
C LEU F 191 -34.51 -13.78 6.85
N VAL F 192 -34.91 -14.96 6.38
CA VAL F 192 -34.76 -15.27 4.96
C VAL F 192 -35.64 -14.35 4.11
N GLU F 193 -36.89 -14.13 4.53
CA GLU F 193 -37.79 -13.29 3.77
C GLU F 193 -37.25 -11.86 3.66
N GLU F 194 -36.85 -11.27 4.80
CA GLU F 194 -36.31 -9.93 4.78
C GLU F 194 -35.06 -9.85 3.92
N ALA F 195 -34.20 -10.86 3.99
CA ALA F 195 -33.01 -10.89 3.15
C ALA F 195 -33.38 -10.92 1.67
N ILE F 196 -34.40 -11.70 1.32
CA ILE F 196 -34.85 -11.74 -0.07
C ILE F 196 -35.42 -10.39 -0.48
N GLN F 197 -36.21 -9.77 0.39
CA GLN F 197 -36.75 -8.45 0.10
C GLN F 197 -35.64 -7.45 -0.19
N CYS F 198 -34.59 -7.46 0.62
CA CYS F 198 -33.44 -6.59 0.38
C CYS F 198 -32.80 -6.93 -0.97
N ALA F 199 -32.63 -8.23 -1.26
CA ALA F 199 -32.08 -8.63 -2.55
C ALA F 199 -32.95 -8.14 -3.70
N GLU F 200 -34.28 -8.16 -3.52
CA GLU F 200 -35.16 -7.65 -4.56
C GLU F 200 -34.93 -6.16 -4.79
N LYS F 201 -34.75 -5.40 -3.71
CA LYS F 201 -34.46 -3.98 -3.86
C LYS F 201 -33.14 -3.75 -4.59
N ILE F 202 -32.21 -4.70 -4.47
CA ILE F 202 -30.93 -4.58 -5.19
C ILE F 202 -31.07 -5.08 -6.62
N ALA F 203 -31.94 -6.06 -6.85
CA ALA F 203 -32.14 -6.65 -8.17
C ALA F 203 -33.09 -5.82 -9.04
N SER F 204 -33.40 -4.59 -8.64
CA SER F 204 -34.28 -3.72 -9.41
C SER F 204 -33.54 -2.58 -10.09
N ASN F 205 -32.28 -2.33 -9.75
CA ASN F 205 -31.50 -1.26 -10.36
C ASN F 205 -30.66 -1.80 -11.51
N SER F 206 -29.98 -0.89 -12.19
CA SER F 206 -29.12 -1.28 -13.31
C SER F 206 -28.02 -2.21 -12.84
N LYS F 207 -28.01 -3.43 -13.37
CA LYS F 207 -27.00 -4.41 -12.97
C LYS F 207 -25.60 -3.89 -13.23
N ILE F 208 -25.37 -3.25 -14.38
CA ILE F 208 -24.04 -2.75 -14.71
C ILE F 208 -23.60 -1.71 -13.69
N VAL F 209 -24.54 -0.88 -13.21
CA VAL F 209 -24.20 0.13 -12.22
C VAL F 209 -24.06 -0.52 -10.83
N VAL F 210 -24.89 -1.51 -10.54
CA VAL F 210 -24.78 -2.22 -9.27
C VAL F 210 -23.42 -2.89 -9.16
N ALA F 211 -22.93 -3.45 -10.26
CA ALA F 211 -21.62 -4.09 -10.25
C ALA F 211 -20.51 -3.08 -10.00
N MET F 212 -20.59 -1.93 -10.68
CA MET F 212 -19.59 -0.88 -10.48
C MET F 212 -19.59 -0.40 -9.03
N ALA F 213 -20.77 -0.27 -8.43
CA ALA F 213 -20.85 0.17 -7.04
C ALA F 213 -20.20 -0.84 -6.11
N LYS F 214 -20.51 -2.12 -6.30
CA LYS F 214 -19.89 -3.17 -5.48
C LYS F 214 -18.38 -3.14 -5.62
N GLU F 215 -17.89 -3.05 -6.86
CA GLU F 215 -16.45 -3.03 -7.08
C GLU F 215 -15.80 -1.82 -6.43
N SER F 216 -16.52 -0.69 -6.39
CA SER F 216 -15.99 0.49 -5.73
C SER F 216 -15.86 0.30 -4.23
N VAL F 217 -16.86 -0.33 -3.61
CA VAL F 217 -16.82 -0.56 -2.17
C VAL F 217 -15.73 -1.57 -1.83
N ASN F 218 -15.62 -2.64 -2.61
CA ASN F 218 -14.59 -3.64 -2.36
C ASN F 218 -13.20 -3.05 -2.46
N ALA F 219 -13.02 -2.06 -3.34
CA ALA F 219 -11.72 -1.44 -3.53
C ALA F 219 -11.26 -0.64 -2.31
N ALA F 220 -12.15 -0.36 -1.36
CA ALA F 220 -11.77 0.40 -0.18
C ALA F 220 -10.80 -0.34 0.73
N PHE F 221 -10.62 -1.65 0.53
CA PHE F 221 -9.71 -2.45 1.34
C PHE F 221 -8.47 -2.89 0.59
N GLU F 222 -8.28 -2.44 -0.66
CA GLU F 222 -7.18 -2.90 -1.48
C GLU F 222 -6.19 -1.79 -1.84
N MET F 223 -6.47 -0.54 -1.51
CA MET F 223 -5.56 0.55 -1.85
C MET F 223 -5.78 1.69 -0.87
N THR F 224 -5.05 2.78 -1.08
CA THR F 224 -5.13 3.95 -0.22
C THR F 224 -6.37 4.77 -0.55
N LEU F 225 -6.69 5.70 0.37
CA LEU F 225 -7.87 6.53 0.19
C LEU F 225 -7.74 7.41 -1.05
N THR F 226 -6.58 8.05 -1.23
CA THR F 226 -6.39 8.92 -2.38
C THR F 226 -6.62 8.17 -3.69
N GLU F 227 -6.10 6.94 -3.78
CA GLU F 227 -6.31 6.14 -4.98
C GLU F 227 -7.75 5.63 -5.07
N GLY F 228 -8.33 5.27 -3.92
CA GLY F 228 -9.73 4.86 -3.93
C GLY F 228 -10.64 5.95 -4.45
N SER F 229 -10.36 7.20 -4.08
CA SER F 229 -11.16 8.31 -4.57
C SER F 229 -11.01 8.48 -6.08
N LYS F 230 -9.79 8.31 -6.59
CA LYS F 230 -9.57 8.44 -8.03
C LYS F 230 -10.33 7.37 -8.81
N LEU F 231 -10.17 6.11 -8.41
CA LEU F 231 -10.87 5.03 -9.09
C LEU F 231 -12.38 5.22 -9.03
N GLU F 232 -12.89 5.62 -7.86
CA GLU F 232 -14.32 5.89 -7.74
C GLU F 232 -14.75 6.98 -8.69
N LYS F 233 -13.96 8.05 -8.78
CA LYS F 233 -14.31 9.15 -9.69
C LYS F 233 -14.29 8.70 -11.14
N LYS F 234 -13.34 7.82 -11.50
CA LYS F 234 -13.28 7.32 -12.87
C LYS F 234 -14.45 6.40 -13.16
N LEU F 235 -14.75 5.48 -12.24
CA LEU F 235 -15.94 4.64 -12.41
C LEU F 235 -17.19 5.49 -12.49
N PHE F 236 -17.24 6.59 -11.73
CA PHE F 236 -18.38 7.50 -11.79
C PHE F 236 -18.52 8.11 -13.18
N TYR F 237 -17.39 8.56 -13.75
CA TYR F 237 -17.43 9.07 -15.11
C TYR F 237 -17.90 8.02 -16.10
N SER F 238 -17.49 6.76 -15.89
CA SER F 238 -17.84 5.70 -16.83
C SER F 238 -19.33 5.43 -16.86
N THR F 239 -20.03 5.65 -15.74
CA THR F 239 -21.46 5.40 -15.69
C THR F 239 -22.22 6.24 -16.72
N PHE F 240 -21.67 7.39 -17.12
CA PHE F 240 -22.33 8.22 -18.11
C PHE F 240 -22.34 7.59 -19.50
N ALA F 241 -21.55 6.55 -19.72
CA ALA F 241 -21.55 5.85 -21.00
C ALA F 241 -22.65 4.81 -21.12
N THR F 242 -23.44 4.61 -20.06
CA THR F 242 -24.53 3.64 -20.06
C THR F 242 -25.86 4.34 -20.26
N ASP F 243 -26.83 3.59 -20.80
CA ASP F 243 -28.14 4.16 -21.05
C ASP F 243 -28.93 4.33 -19.75
N ASP F 244 -28.75 3.41 -18.81
CA ASP F 244 -29.49 3.48 -17.55
C ASP F 244 -29.19 4.78 -16.80
N ARG F 245 -27.96 5.29 -16.90
CA ARG F 245 -27.62 6.55 -16.23
C ARG F 245 -28.53 7.68 -16.71
N LYS F 246 -28.69 7.83 -18.02
CA LYS F 246 -29.57 8.87 -18.54
C LYS F 246 -31.02 8.61 -18.15
N GLU F 247 -31.46 7.37 -18.25
CA GLU F 247 -32.84 7.04 -17.91
C GLU F 247 -33.11 7.34 -16.44
N GLY F 248 -32.17 7.00 -15.56
CA GLY F 248 -32.38 7.24 -14.13
C GLY F 248 -32.45 8.72 -13.79
N MET F 249 -31.57 9.53 -14.38
CA MET F 249 -31.57 10.96 -14.08
C MET F 249 -32.74 11.66 -14.75
N THR F 250 -33.08 11.26 -15.97
CA THR F 250 -34.22 11.88 -16.65
C THR F 250 -35.52 11.58 -15.93
N ALA F 251 -35.66 10.36 -15.39
CA ALA F 251 -36.86 10.02 -14.63
C ALA F 251 -36.99 10.91 -13.40
N PHE F 252 -35.88 11.22 -12.74
CA PHE F 252 -35.91 12.09 -11.57
C PHE F 252 -36.34 13.49 -11.95
N VAL F 253 -35.73 14.06 -12.99
CA VAL F 253 -36.10 15.41 -13.42
C VAL F 253 -37.55 15.45 -13.85
N GLU F 254 -38.03 14.38 -14.49
CA GLU F 254 -39.43 14.29 -14.91
C GLU F 254 -40.34 13.81 -13.79
N LYS F 255 -39.80 13.48 -12.62
CA LYS F 255 -40.59 13.04 -11.48
C LYS F 255 -41.43 11.82 -11.84
N ARG F 256 -40.75 10.76 -12.28
CA ARG F 256 -41.40 9.51 -12.64
C ARG F 256 -40.47 8.36 -12.29
N LYS F 257 -41.00 7.14 -12.39
CA LYS F 257 -40.20 5.95 -12.10
C LYS F 257 -39.30 5.62 -13.28
N ALA F 258 -38.08 5.17 -12.96
CA ALA F 258 -37.11 4.83 -13.98
C ALA F 258 -37.25 3.36 -14.39
N ASN F 259 -37.11 3.09 -15.68
CA ASN F 259 -37.19 1.75 -16.23
C ASN F 259 -35.81 1.37 -16.76
N PHE F 260 -34.99 0.81 -15.88
CA PHE F 260 -33.64 0.41 -16.25
C PHE F 260 -33.68 -0.83 -17.13
N LYS F 261 -32.69 -0.94 -18.03
CA LYS F 261 -32.59 -2.06 -18.95
C LYS F 261 -31.22 -2.75 -18.86
N ASP F 262 -30.43 -2.46 -17.83
CA ASP F 262 -29.12 -3.10 -17.65
C ASP F 262 -28.20 -2.82 -18.84
N GLN F 263 -28.10 -1.55 -19.21
CA GLN F 263 -27.22 -1.15 -20.31
C GLN F 263 -26.96 0.36 -20.26
N1A CO8 G . 28.14 -22.60 4.52
C2A CO8 G . 29.09 -23.32 5.05
N3A CO8 G . 30.25 -23.55 4.51
C4A CO8 G . 30.49 -23.01 3.32
C5A CO8 G . 29.53 -22.26 2.71
C6A CO8 G . 28.31 -22.04 3.37
N6A CO8 G . 27.25 -21.24 2.78
N7A CO8 G . 30.05 -21.87 1.56
C8A CO8 G . 31.27 -22.36 1.45
N9A CO8 G . 31.54 -23.04 2.52
C1B CO8 G . 32.76 -23.79 2.79
C2B CO8 G . 32.83 -24.95 2.12
O2B CO8 G . 32.02 -25.95 2.68
C3B CO8 G . 34.30 -25.26 2.18
O3B CO8 G . 34.60 -25.67 3.47
P3B CO8 G . 35.30 -27.12 3.74
O7A CO8 G . 35.83 -27.10 5.14
O8A CO8 G . 34.28 -28.19 3.60
O9A CO8 G . 36.44 -27.38 2.79
C4B CO8 G . 34.94 -23.84 1.98
O4B CO8 G . 33.94 -23.00 2.07
C5B CO8 G . 35.51 -23.72 0.55
O5B CO8 G . 34.35 -23.66 -0.24
P1A CO8 G . 34.22 -24.63 -1.59
O1A CO8 G . 35.00 -25.88 -1.37
O2A CO8 G . 32.81 -25.02 -1.87
O3A CO8 G . 34.91 -23.71 -2.80
P2A CO8 G . 34.26 -23.15 -4.21
O4A CO8 G . 35.14 -22.01 -4.71
O5A CO8 G . 34.26 -24.28 -5.20
O6A CO8 G . 32.68 -22.65 -4.05
CBP CO8 G . 30.84 -21.25 -3.62
CCP CO8 G . 32.37 -21.30 -3.84
CDP CO8 G . 30.22 -21.31 -5.00
CEP CO8 G . 30.50 -19.95 -2.85
CAP CO8 G . 30.37 -22.56 -2.85
OAP CO8 G . 31.22 -22.81 -1.78
C9P CO8 G . 28.96 -22.56 -2.18
O9P CO8 G . 28.83 -22.28 -1.06
N8P CO8 G . 27.68 -22.93 -2.83
C7P CO8 G . 26.71 -22.79 -1.68
C6P CO8 G . 25.27 -22.35 -1.95
C5P CO8 G . 25.18 -21.16 -1.01
O5P CO8 G . 26.12 -20.48 -0.92
N4P CO8 G . 23.95 -20.91 -0.25
C3P CO8 G . 23.91 -19.77 0.65
C2P CO8 G . 23.63 -20.33 2.06
S1P CO8 G . 21.84 -20.36 2.34
C1' CO8 G . 21.31 -18.76 3.00
O1' CO8 G . 22.05 -17.84 2.99
C2' CO8 G . 19.89 -18.65 3.60
C3' CO8 G . 19.11 -17.42 3.08
C4' CO8 G . 18.87 -16.45 4.24
C5' CO8 G . 19.31 -17.10 5.56
C6' CO8 G . 19.16 -16.08 6.71
C7' CO8 G . 17.72 -15.83 7.13
C8' CO8 G . 17.75 -15.23 8.51
MG MG H . 17.20 -0.51 -14.63
N1A CO8 I . 20.41 29.44 -6.11
C2A CO8 I . 20.79 30.67 -6.32
N3A CO8 I . 21.75 30.98 -7.14
C4A CO8 I . 22.40 30.02 -7.78
C5A CO8 I . 22.07 28.72 -7.59
C6A CO8 I . 21.01 28.43 -6.72
N6A CO8 I . 20.59 27.07 -6.47
N7A CO8 I . 22.87 28.00 -8.35
C8A CO8 I . 23.68 28.81 -8.99
N9A CO8 I . 23.40 30.04 -8.66
C1B CO8 I . 24.11 31.25 -9.10
C2B CO8 I . 25.28 31.42 -8.49
O2B CO8 I . 25.17 31.87 -7.17
C3B CO8 I . 25.96 32.41 -9.40
O3B CO8 I . 25.36 33.64 -9.24
P3B CO8 I . 26.19 34.95 -8.69
O7A CO8 I . 25.57 36.16 -9.28
O8A CO8 I . 26.06 35.01 -7.21
O9A CO8 I . 27.65 34.90 -9.09
C4B CO8 I . 25.53 31.90 -10.81
O4B CO8 I . 24.59 31.02 -10.60
C5B CO8 I . 26.72 31.18 -11.48
O5B CO8 I . 26.86 29.99 -10.71
P1A CO8 I . 28.35 29.52 -10.17
O1A CO8 I . 29.21 30.74 -9.96
O2A CO8 I . 28.27 28.79 -8.88
O3A CO8 I . 28.94 28.59 -11.42
P2A CO8 I . 29.44 27.00 -11.40
O4A CO8 I . 29.56 26.54 -12.84
O5A CO8 I . 30.80 26.95 -10.73
O6A CO8 I . 28.42 26.00 -10.56
CBP CO8 I . 26.61 24.66 -10.04
CCP CO8 I . 27.39 25.32 -11.20
CDP CO8 I . 27.39 23.40 -9.72
CEP CO8 I . 25.18 24.32 -10.52
CAP CO8 I . 26.66 25.64 -8.78
OAP CO8 I . 26.24 26.91 -9.09
C9P CO8 I . 25.83 25.16 -7.55
O9P CO8 I . 26.35 24.52 -6.71
N8P CO8 I . 24.39 25.54 -7.43
C7P CO8 I . 23.60 25.08 -6.25
C6P CO8 I . 23.33 23.58 -6.48
C5P CO8 I . 21.92 23.18 -6.07
O5P CO8 I . 21.18 22.70 -6.84
N4P CO8 I . 21.39 23.34 -4.73
C3P CO8 I . 20.01 22.84 -4.72
C2P CO8 I . 19.04 23.95 -4.29
S1P CO8 I . 18.13 23.27 -2.87
C1' CO8 I . 16.56 22.69 -3.58
O1' CO8 I . 16.45 22.59 -4.75
C2' CO8 I . 15.40 22.38 -2.62
C3' CO8 I . 14.37 21.40 -3.24
C4' CO8 I . 13.12 22.14 -3.71
C5' CO8 I . 12.17 22.33 -2.51
C6' CO8 I . 11.27 23.58 -2.64
C7' CO8 I . 9.81 23.15 -2.47
C8' CO8 I . 9.68 22.15 -1.34
N1A CO8 J . -4.99 -7.98 -35.06
C2A CO8 J . -5.41 -8.56 -36.16
N3A CO8 J . -4.63 -8.77 -37.20
C4A CO8 J . -3.37 -8.35 -37.15
C5A CO8 J . -2.89 -7.73 -36.03
C6A CO8 J . -3.75 -7.56 -34.95
N6A CO8 J . -3.32 -6.93 -33.72
N7A CO8 J . -1.62 -7.45 -36.28
C8A CO8 J . -1.33 -7.85 -37.49
N9A CO8 J . -2.37 -8.41 -38.02
C1B CO8 J . -2.48 -8.95 -39.37
C2B CO8 J . -2.57 -8.00 -40.30
O2B CO8 J . -3.83 -7.42 -40.41
C3B CO8 J . -2.13 -8.73 -41.54
O3B CO8 J . -3.17 -9.57 -41.96
P3B CO8 J . -4.00 -9.36 -43.36
O7A CO8 J . -4.87 -10.55 -43.53
O8A CO8 J . -4.83 -8.14 -43.27
O9A CO8 J . -3.10 -9.26 -44.57
C4B CO8 J . -0.96 -9.62 -41.00
O4B CO8 J . -1.04 -9.57 -39.69
C5B CO8 J . 0.40 -8.98 -41.41
O5B CO8 J . -0.02 -7.75 -41.98
P1A CO8 J . 0.79 -6.33 -41.63
O1A CO8 J . 0.75 -5.52 -42.89
O2A CO8 J . 0.03 -5.53 -40.62
O3A CO8 J . 2.34 -6.73 -41.23
P2A CO8 J . 3.61 -5.70 -40.95
O4A CO8 J . 4.91 -6.49 -41.03
O5A CO8 J . 3.62 -4.58 -41.96
O6A CO8 J . 3.48 -5.00 -39.45
CBP CO8 J . 3.02 -4.96 -37.17
CCP CO8 J . 3.65 -5.77 -38.31
CDP CO8 J . 3.85 -3.71 -37.02
CEP CO8 J . 2.98 -5.89 -35.93
CAP CO8 J . 1.58 -4.52 -37.63
OAP CO8 J . 1.00 -5.63 -38.20
C9P CO8 J . 0.54 -4.15 -36.53
O9P CO8 J . -0.26 -4.93 -36.21
N8P CO8 J . 0.39 -2.88 -35.81
C7P CO8 J . -0.81 -3.20 -34.94
C6P CO8 J . -0.98 -2.40 -33.65
C5P CO8 J . -1.08 -3.51 -32.62
O5P CO8 J . -0.45 -4.48 -32.79
N4P CO8 J . -1.95 -3.34 -31.45
C3P CO8 J . -2.06 -4.41 -30.47
C2P CO8 J . -3.54 -4.85 -30.47
S1P CO8 J . -4.43 -3.98 -29.15
C1' CO8 J . -4.26 -4.99 -27.64
O1' CO8 J . -3.45 -5.85 -27.60
C2' CO8 J . -5.21 -4.71 -26.47
C3' CO8 J . -4.64 -5.23 -25.13
C4' CO8 J . -5.19 -6.62 -24.77
C5' CO8 J . -6.42 -6.45 -23.86
C6' CO8 J . -7.54 -7.48 -24.14
C7' CO8 J . -8.10 -7.96 -22.80
C8' CO8 J . -7.01 -7.92 -21.77
N1A CO8 K . -30.67 17.91 -7.54
C2A CO8 K . -31.50 18.83 -7.95
N3A CO8 K . -32.60 19.11 -7.30
C4A CO8 K . -32.90 18.43 -6.19
C5A CO8 K . -32.07 17.45 -5.73
C6A CO8 K . -30.91 17.20 -6.46
N6A CO8 K . -29.98 16.19 -6.00
N7A CO8 K . -32.62 16.96 -4.63
C8A CO8 K . -33.74 17.59 -4.41
N9A CO8 K . -33.93 18.49 -5.34
C1B CO8 K . -35.08 19.37 -5.48
C2B CO8 K . -36.16 18.73 -5.95
O2B CO8 K . -36.10 18.44 -7.32
C3B CO8 K . -37.26 19.70 -5.61
O3B CO8 K . -37.17 20.79 -6.45
P3B CO8 K . -38.37 21.20 -7.49
O7A CO8 K . -38.34 22.67 -7.67
O8A CO8 K . -38.10 20.54 -8.79
O9A CO8 K . -39.73 20.78 -6.98
C4B CO8 K . -36.82 20.19 -4.18
O4B CO8 K . -35.59 19.77 -4.03
C5B CO8 K . -37.72 19.53 -3.11
O5B CO8 K . -37.32 18.17 -3.10
P1A CO8 K . -38.45 16.97 -3.27
O1A CO8 K . -39.60 17.45 -4.09
O2A CO8 K . -37.89 15.76 -3.95
O3A CO8 K . -38.95 16.64 -1.72
P2A CO8 K . -38.52 15.34 -0.78
O4A CO8 K . -38.92 15.60 0.67
O5A CO8 K . -39.22 14.11 -1.29
O6A CO8 K . -36.88 15.12 -0.85
CBP CO8 K . -35.17 13.51 -1.26
CCP CO8 K . -36.46 13.85 -0.50
CDP CO8 K . -35.04 12.03 -0.96
CEP CO8 K . -34.03 14.38 -0.69
CAP CO8 K . -35.26 13.71 -2.84
OAP CO8 K . -35.35 15.06 -3.16
C9P CO8 K . -34.03 13.15 -3.65
O9P CO8 K . -34.03 12.04 -4.01
N8P CO8 K . -32.86 13.99 -3.97
C7P CO8 K . -31.74 13.37 -4.76
C6P CO8 K . -30.63 12.76 -3.88
C5P CO8 K . -29.56 12.20 -4.84
O5P CO8 K . -29.85 11.27 -5.48
N4P CO8 K . -28.20 12.77 -5.00
C3P CO8 K . -27.29 12.11 -5.97
C2P CO8 K . -26.33 13.04 -6.76
S1P CO8 K . -24.68 13.04 -5.97
C1' CO8 K . -23.39 12.59 -7.17
O1' CO8 K . -23.33 11.50 -7.60
C2' CO8 K . -22.36 13.63 -7.61
C3' CO8 K . -21.14 13.62 -6.67
C4' CO8 K . -19.88 13.41 -7.51
C5' CO8 K . -19.01 14.68 -7.50
C6' CO8 K . -18.65 15.10 -8.94
C7' CO8 K . -17.42 14.28 -9.37
C8' CO8 K . -16.18 14.83 -8.69
N1A CO8 L . 3.82 13.72 33.52
C2A CO8 L . 4.29 13.98 34.72
N3A CO8 L . 3.52 14.06 35.77
C4A CO8 L . 2.21 13.88 35.65
C5A CO8 L . 1.68 13.62 34.43
C6A CO8 L . 2.55 13.53 33.33
N6A CO8 L . 2.06 13.23 32.00
N7A CO8 L . 0.37 13.49 34.61
C8A CO8 L . 0.11 13.68 35.88
N9A CO8 L . 1.21 13.90 36.53
C1B CO8 L . 1.37 14.21 37.95
C2B CO8 L . 1.03 15.47 38.22
O2B CO8 L . 1.98 16.42 37.83
C3B CO8 L . 0.83 15.43 39.72
O3B CO8 L . 2.08 15.36 40.33
P3B CO8 L . 2.60 16.53 41.36
O7A CO8 L . 1.58 16.91 42.37
O8A CO8 L . 3.80 16.01 42.07
O9A CO8 L . 2.98 17.76 40.56
C4B CO8 L . 0.13 14.03 39.90
O4B CO8 L . 0.23 13.44 38.74
C5B CO8 L . -1.37 14.27 40.22
O5B CO8 L . -1.96 14.55 38.97
P1A CO8 L . -2.78 15.97 38.69
O1A CO8 L . -2.18 17.07 39.48
O2A CO8 L . -2.72 16.37 37.24
O3A CO8 L . -4.34 15.67 39.21
P2A CO8 L . -5.61 15.07 38.33
O4A CO8 L . -6.27 13.93 39.11
O5A CO8 L . -6.59 16.19 38.14
O6A CO8 L . -5.12 14.47 36.86
CBP CO8 L . -5.46 15.09 34.68
CCP CO8 L . -6.09 14.30 35.86
CDP CO8 L . -5.70 16.58 34.89
CEP CO8 L . -6.13 14.65 33.39
CAP CO8 L . -3.96 14.60 34.66
OAP CO8 L . -4.13 13.24 34.45
C9P CO8 L . -3.07 15.12 33.46
O9P CO8 L . -3.23 16.15 32.94
N8P CO8 L . -2.00 14.26 32.94
C7P CO8 L . -1.19 14.71 31.78
C6P CO8 L . -1.95 14.17 30.55
C5P CO8 L . -1.12 14.29 29.29
O5P CO8 L . -1.04 15.31 28.73
N4P CO8 L . -0.39 13.13 28.77
C3P CO8 L . 0.37 13.35 27.55
C2P CO8 L . 1.89 13.45 27.82
S1P CO8 L . 2.61 13.58 26.17
C1' CO8 L . 2.96 11.90 25.56
O1' CO8 L . 2.46 10.97 26.07
C2' CO8 L . 3.99 11.75 24.42
C3' CO8 L . 3.77 10.49 23.56
C4' CO8 L . 4.85 9.44 23.81
C5' CO8 L . 6.04 9.64 22.83
C6' CO8 L . 7.39 9.15 23.40
C7' CO8 L . 8.23 8.52 22.29
C8' CO8 L . 8.05 9.30 21.00
MG MG M . -17.35 0.45 14.59
N1A CO8 N . -16.44 -30.55 10.77
C2A CO8 N . -16.96 -31.75 10.76
N3A CO8 N . -18.00 -32.08 11.49
C4A CO8 N . -18.55 -31.16 12.28
C5A CO8 N . -18.05 -29.89 12.32
C6A CO8 N . -16.94 -29.61 11.52
N6A CO8 N . -16.34 -28.28 11.50
N7A CO8 N . -18.79 -29.21 13.18
C8A CO8 N . -19.71 -30.01 13.65
N9A CO8 N . -19.59 -31.18 13.11
C1B CO8 N . -20.41 -32.36 13.41
C2B CO8 N . -20.10 -32.91 14.58
O2B CO8 N . -18.92 -33.65 14.56
C3B CO8 N . -21.33 -33.74 14.85
O3B CO8 N . -21.30 -34.85 14.01
P3B CO8 N . -21.36 -36.37 14.61
O7A CO8 N . -21.75 -37.27 13.48
O8A CO8 N . -20.00 -36.74 15.11
O9A CO8 N . -22.36 -36.50 15.72
C4B CO8 N . -22.48 -32.81 14.34
O4B CO8 N . -21.87 -31.83 13.70
C5B CO8 N . -23.21 -32.20 15.56
O5B CO8 N . -22.25 -31.31 16.11
P1A CO8 N . -21.94 -31.33 17.73
O1A CO8 N . -22.16 -32.71 18.27
O2A CO8 N . -20.53 -30.94 18.04
O3A CO8 N . -23.08 -30.28 18.38
P2A CO8 N . -22.84 -28.92 19.30
O4A CO8 N . -24.12 -28.12 19.28
O5A CO8 N . -22.51 -29.35 20.71
O6A CO8 N . -21.56 -28.00 18.77
CBP CO8 N . -20.39 -26.49 17.45
CCP CO8 N . -21.79 -27.03 17.80
CDP CO8 N . -20.03 -25.53 18.56
CEP CO8 N . -20.51 -25.80 16.06
CAP CO8 N . -19.34 -27.69 17.43
OAP CO8 N . -19.81 -28.71 16.62
C9P CO8 N . -17.93 -27.31 16.88
O9P CO8 N . -17.09 -26.90 17.60
N8P CO8 N . -17.66 -27.49 15.44
C7P CO8 N . -16.32 -27.13 14.87
C6P CO8 N . -16.20 -25.60 14.77
C5P CO8 N . -14.82 -25.31 14.18
O5P CO8 N . -13.85 -25.47 14.81
N4P CO8 N . -14.73 -24.84 12.80
C3P CO8 N . -13.39 -24.58 12.30
C2P CO8 N . -13.05 -25.58 11.18
S1P CO8 N . -11.46 -25.05 10.48
C1' CO8 N . -11.86 -23.96 9.07
O1' CO8 N . -12.99 -23.71 8.87
C2' CO8 N . -10.74 -23.42 8.15
C3' CO8 N . -11.25 -23.10 6.71
C4' CO8 N . -10.12 -22.88 5.70
C5' CO8 N . -10.18 -23.86 4.48
C6' CO8 N . -9.58 -23.22 3.21
C7' CO8 N . -8.22 -22.58 3.52
C8' CO8 N . -7.31 -22.46 2.32
#